data_7C3M
#
_entry.id   7C3M
#
_cell.length_a   115.760
_cell.length_b   204.620
_cell.length_c   269.950
_cell.angle_alpha   90.00
_cell.angle_beta   90.00
_cell.angle_gamma   90.00
#
_symmetry.space_group_name_H-M   'C 2 2 21'
#
_entity_poly.entity_id   1
_entity_poly.type   'polypeptide(L)'
_entity_poly.pdbx_seq_one_letter_code
;MAGMKTASGDYIDSSWELRVFVGEEDPEAESVTLRVTGESHIGGVLLKIVEQINRKQDWSDHAIWWEQKRQWLLQTHWTL
DKYGILADARLFFGPQHRPVILRLPNRRALRLRASFSQPLFQAVAAICRLLSIRHPEELSLLRAPEKKEKKKKEKEPEEE
LYDLSKVVLAGGVAPALFRGMPAHFSDSAQTEACYHMLSRPQPPPDPLLLQRLPRPSSLSDKTQLHSRWLDSSRCLMQQG
IKAGDALWLRFKYYSFFDLDPKTDPVRLTQLYEQARWDLLLEEIDCTEEEMMVFAALQYHINKLSQSG(UNK)(UNK)
(UNK)(UNK)(UNK)(UNK)(UNK)(UNK)(UNK)(UNK)(UNK)(UNK)(UNK)(UNK)(UNK)(UNK)(UNK)(UNK)
(UNK)(UNK)(UNK)(UNK)(UNK)(UNK)(UNK)(UNK)(UNK)(UNK)(UNK)(UNK)(UNK)(UNK)(UNK)(UNK)
(UNK)(UNK)(UNK)(UNK)(UNK)(UNK)(UNK)PELKDHLRIFRIPRRPRKLTLKGYRQHWVVFKETTLSYYKSQDEA
PGDPIQQLNLKGCEVVPDVNVSGQKFCIKLLVPSPEGMSEIYLRCQDEQQYARWMAGCRLASKGRTMADSSYTSEVQAIL
AFLSLQRTGSGGPGNHPHGPDASAEGLNPYGLVAPRFQRKFKAKQLTPRILEAHQNVAQLSLAEAQLRFIQAWQSLPDFG
ISYVMVRFKGSRKDEILGIANNRLIRIDLAVGDVVKTWRFSNMRQWNVNWDIRQVAIEFDEHINVAFSCVSASCRIVHEY
IGGYIFLSTRERARGEELDEDLFLQLTGGHEAFLEHHHHHH
;
_entity_poly.pdbx_strand_id   A,B,C
#
# COMPACT_ATOMS: atom_id res chain seq x y z
N SER A 14 13.41 57.52 16.76
CA SER A 14 12.74 56.26 16.47
C SER A 14 13.28 55.61 15.19
N SER A 15 14.60 55.50 15.10
CA SER A 15 15.28 54.82 14.00
C SER A 15 15.78 53.46 14.45
N TRP A 16 15.68 52.45 13.57
CA TRP A 16 16.02 51.09 13.94
C TRP A 16 17.19 50.49 13.17
N GLU A 17 17.07 50.30 11.85
CA GLU A 17 18.08 49.61 11.04
C GLU A 17 18.42 48.22 11.62
N LEU A 18 17.43 47.33 11.53
CA LEU A 18 17.48 45.98 12.08
C LEU A 18 17.84 44.94 11.02
N ARG A 19 18.11 43.72 11.49
CA ARG A 19 18.42 42.58 10.64
C ARG A 19 17.20 41.63 10.57
N VAL A 20 17.33 40.59 9.74
CA VAL A 20 16.25 39.64 9.49
C VAL A 20 16.68 38.26 9.99
N PHE A 21 15.72 37.51 10.53
CA PHE A 21 15.94 36.16 11.01
C PHE A 21 15.05 35.19 10.23
N VAL A 22 15.46 33.92 10.21
CA VAL A 22 14.75 32.88 9.50
C VAL A 22 14.24 31.86 10.51
N GLY A 23 12.91 31.74 10.61
CA GLY A 23 12.30 30.80 11.54
C GLY A 23 11.43 29.76 10.86
N GLU A 24 11.73 28.48 11.09
CA GLU A 24 11.02 27.40 10.44
C GLU A 24 9.72 27.06 11.19
N GLU A 25 8.99 26.08 10.66
CA GLU A 25 7.68 25.67 11.16
C GLU A 25 7.36 24.37 10.43
N ASP A 26 6.06 23.90 10.43
CA ASP A 26 5.70 22.86 9.47
C ASP A 26 6.37 21.52 9.72
N PRO A 27 5.63 20.44 9.95
CA PRO A 27 6.26 19.12 10.14
C PRO A 27 7.61 18.93 9.41
N GLU A 28 7.80 19.57 8.25
CA GLU A 28 9.08 19.62 7.54
C GLU A 28 9.93 20.76 8.11
N ALA A 29 10.97 21.20 7.39
CA ALA A 29 11.82 22.26 7.94
C ALA A 29 12.03 23.39 6.93
N GLU A 30 11.02 24.27 6.81
CA GLU A 30 11.12 25.57 6.15
C GLU A 30 9.87 26.41 6.42
N SER A 31 9.99 27.67 6.88
CA SER A 31 8.77 28.45 6.84
C SER A 31 8.86 29.87 6.27
N VAL A 32 9.45 30.79 7.03
CA VAL A 32 9.19 32.22 6.88
C VAL A 32 10.33 33.01 7.52
N THR A 33 10.42 34.31 7.23
CA THR A 33 11.45 35.16 7.81
C THR A 33 10.83 36.42 8.40
N LEU A 34 11.17 36.72 9.65
CA LEU A 34 10.75 37.91 10.36
C LEU A 34 11.94 38.85 10.56
N ARG A 35 11.65 40.09 10.95
CA ARG A 35 12.69 41.10 11.12
C ARG A 35 12.71 41.58 12.57
N VAL A 36 13.86 41.45 13.23
CA VAL A 36 14.06 41.83 14.62
C VAL A 36 15.41 42.55 14.73
N THR A 37 15.61 43.22 15.86
CA THR A 37 16.89 43.85 16.14
C THR A 37 17.77 42.90 16.95
N GLY A 38 19.02 43.33 17.19
CA GLY A 38 19.81 42.68 18.20
C GLY A 38 19.27 42.84 19.60
N GLU A 39 18.43 43.86 19.82
CA GLU A 39 17.85 44.14 21.13
C GLU A 39 16.56 43.39 21.39
N SER A 40 16.07 42.60 20.43
CA SER A 40 14.75 42.00 20.55
C SER A 40 14.72 40.92 21.61
N HIS A 41 13.57 40.81 22.27
CA HIS A 41 13.37 39.79 23.30
C HIS A 41 12.96 38.48 22.68
N ILE A 42 13.49 37.38 23.21
CA ILE A 42 13.16 36.05 22.73
C ILE A 42 11.64 35.83 22.76
N GLY A 43 10.99 36.23 23.86
CA GLY A 43 9.55 36.13 23.92
C GLY A 43 8.87 37.02 22.89
N GLY A 44 9.44 38.19 22.63
CA GLY A 44 8.91 39.05 21.58
C GLY A 44 9.04 38.43 20.20
N VAL A 45 10.14 37.71 19.96
CA VAL A 45 10.32 37.03 18.68
C VAL A 45 9.29 35.92 18.51
N LEU A 46 8.84 35.31 19.62
CA LEU A 46 7.79 34.30 19.54
C LEU A 46 6.50 34.90 18.99
N LEU A 47 6.08 36.03 19.54
CA LEU A 47 4.85 36.68 19.08
C LEU A 47 4.98 37.13 17.63
N LYS A 48 6.16 37.64 17.25
CA LYS A 48 6.40 38.02 15.87
C LYS A 48 6.41 36.82 14.93
N ILE A 49 6.70 35.62 15.44
CA ILE A 49 6.73 34.44 14.59
C ILE A 49 5.37 33.77 14.51
N VAL A 50 4.50 33.96 15.50
CA VAL A 50 3.15 33.40 15.42
C VAL A 50 2.30 34.23 14.46
N GLU A 51 2.50 35.55 14.45
CA GLU A 51 1.77 36.41 13.53
C GLU A 51 2.25 36.25 12.09
N GLN A 52 3.52 35.93 11.90
CA GLN A 52 4.13 35.86 10.58
C GLN A 52 3.75 34.58 9.82
N ILE A 53 2.89 33.73 10.37
CA ILE A 53 2.37 32.56 9.66
C ILE A 53 0.85 32.60 9.54
N ASN A 54 0.15 33.03 10.60
CA ASN A 54 -1.31 33.18 10.61
C ASN A 54 -2.01 31.82 10.55
N ARG A 55 -1.54 30.90 11.38
CA ARG A 55 -2.11 29.56 11.49
C ARG A 55 -3.05 29.50 12.69
N LYS A 56 -3.85 28.43 12.75
CA LYS A 56 -4.82 28.20 13.81
C LYS A 56 -4.39 26.95 14.57
N GLN A 57 -3.47 27.14 15.51
CA GLN A 57 -2.90 26.03 16.25
C GLN A 57 -2.94 26.27 17.76
N ASP A 58 -2.21 25.44 18.52
CA ASP A 58 -2.04 25.61 19.96
C ASP A 58 -0.53 25.50 20.24
N TRP A 59 0.15 26.63 20.22
CA TRP A 59 1.61 26.67 20.39
C TRP A 59 2.05 26.58 21.84
N SER A 60 1.12 26.34 22.77
CA SER A 60 1.38 26.26 24.20
C SER A 60 2.66 25.51 24.52
N ASP A 61 3.00 24.51 23.71
CA ASP A 61 4.20 23.71 23.91
C ASP A 61 5.35 24.08 22.98
N HIS A 62 5.10 24.89 21.96
CA HIS A 62 6.11 25.16 20.93
C HIS A 62 7.26 26.00 21.47
N ALA A 63 8.41 25.87 20.82
CA ALA A 63 9.61 26.63 21.19
C ALA A 63 10.55 26.66 19.99
N ILE A 64 11.74 27.24 20.19
CA ILE A 64 12.73 27.44 19.13
C ILE A 64 13.95 26.57 19.42
N TRP A 65 14.71 26.24 18.37
CA TRP A 65 15.72 25.19 18.45
C TRP A 65 17.17 25.69 18.33
N TRP A 66 17.50 26.49 17.32
CA TRP A 66 18.81 27.15 17.24
C TRP A 66 19.94 26.12 17.21
N GLU A 67 20.01 25.42 16.07
CA GLU A 67 20.90 24.28 15.91
C GLU A 67 22.37 24.66 16.12
N GLN A 68 22.81 25.79 15.56
CA GLN A 68 24.24 26.03 15.42
C GLN A 68 24.97 26.03 16.75
N LYS A 69 24.34 26.53 17.81
CA LYS A 69 24.95 26.55 19.14
C LYS A 69 24.36 25.49 20.05
N ARG A 70 23.75 24.45 19.46
CA ARG A 70 23.40 23.20 20.13
C ARG A 70 22.35 23.36 21.23
N GLN A 71 21.59 24.45 21.28
CA GLN A 71 20.63 24.58 22.36
C GLN A 71 19.56 25.61 22.00
N TRP A 72 18.48 25.57 22.78
CA TRP A 72 17.28 26.39 22.69
C TRP A 72 17.35 27.60 23.60
N LEU A 73 16.19 28.22 23.83
CA LEU A 73 16.02 29.41 24.64
C LEU A 73 14.78 29.20 25.52
N LEU A 74 14.98 28.55 26.67
CA LEU A 74 13.93 28.53 27.69
C LEU A 74 13.75 29.90 28.32
N GLN A 75 14.80 30.73 28.28
CA GLN A 75 14.76 32.08 28.86
C GLN A 75 14.00 32.98 27.89
N THR A 76 12.68 33.07 28.11
CA THR A 76 11.80 33.79 27.21
C THR A 76 12.10 35.27 27.13
N HIS A 77 12.83 35.82 28.09
CA HIS A 77 12.96 37.26 28.27
C HIS A 77 14.30 37.82 27.78
N TRP A 78 15.30 36.98 27.53
CA TRP A 78 16.62 37.48 27.20
C TRP A 78 16.62 38.23 25.88
N THR A 79 17.55 39.17 25.77
CA THR A 79 17.78 39.89 24.52
C THR A 79 18.32 38.92 23.47
N LEU A 80 17.96 39.17 22.21
CA LEU A 80 18.47 38.33 21.14
C LEU A 80 19.98 38.41 21.02
N ASP A 81 20.56 39.58 21.34
CA ASP A 81 22.01 39.73 21.38
C ASP A 81 22.63 38.98 22.55
N LYS A 82 21.84 38.58 23.55
CA LYS A 82 22.40 37.87 24.70
C LYS A 82 22.78 36.44 24.36
N TYR A 83 21.93 35.74 23.61
CA TYR A 83 22.31 34.43 23.09
C TYR A 83 23.40 34.52 22.02
N GLY A 84 23.67 35.71 21.49
CA GLY A 84 24.62 35.89 20.42
C GLY A 84 24.05 35.65 19.04
N ILE A 85 22.74 35.47 18.92
CA ILE A 85 22.13 35.09 17.65
C ILE A 85 22.17 36.25 16.68
N LEU A 86 22.48 35.95 15.42
CA LEU A 86 22.36 36.92 14.33
C LEU A 86 21.65 36.25 13.16
N ALA A 87 21.60 36.93 12.01
CA ALA A 87 20.98 36.39 10.81
C ALA A 87 21.70 35.18 10.25
N ASP A 88 22.83 34.78 10.82
CA ASP A 88 23.68 33.77 10.21
C ASP A 88 23.13 32.35 10.41
N ALA A 89 22.97 31.93 11.66
CA ALA A 89 22.70 30.54 11.98
C ALA A 89 21.21 30.23 11.96
N ARG A 90 20.89 29.02 11.54
CA ARG A 90 19.52 28.63 11.22
C ARG A 90 18.69 28.43 12.49
N LEU A 91 17.41 28.77 12.39
CA LEU A 91 16.46 28.66 13.49
C LEU A 91 15.34 27.70 13.12
N PHE A 92 14.79 27.07 14.16
CA PHE A 92 13.70 26.09 13.98
C PHE A 92 12.65 26.35 15.05
N PHE A 93 11.42 26.63 14.62
CA PHE A 93 10.29 26.79 15.53
C PHE A 93 9.45 25.52 15.46
N GLY A 94 9.41 24.78 16.56
CA GLY A 94 8.66 23.55 16.63
C GLY A 94 8.20 23.25 18.04
N PRO A 95 7.64 22.06 18.24
CA PRO A 95 7.21 21.65 19.59
C PRO A 95 8.32 21.02 20.40
N GLN A 96 8.21 21.17 21.72
CA GLN A 96 9.15 20.55 22.63
C GLN A 96 8.87 19.07 22.88
N HIS A 97 7.62 18.64 22.69
CA HIS A 97 7.21 17.27 22.93
C HIS A 97 6.99 16.59 21.59
N ARG A 98 7.90 15.68 21.22
CA ARG A 98 7.76 14.91 20.00
C ARG A 98 7.51 13.44 20.31
N PRO A 99 6.62 12.78 19.58
CA PRO A 99 6.33 11.38 19.85
C PRO A 99 7.53 10.48 19.60
N VAL A 100 7.64 9.42 20.40
CA VAL A 100 8.74 8.48 20.35
C VAL A 100 8.18 7.07 20.53
N ILE A 101 8.99 6.06 20.25
CA ILE A 101 8.48 4.69 20.26
C ILE A 101 8.62 4.03 21.63
N LEU A 102 9.67 4.35 22.39
CA LEU A 102 9.83 3.88 23.77
C LEU A 102 9.65 2.37 23.97
N ARG A 103 10.60 1.56 23.51
CA ARG A 103 10.58 0.13 23.77
C ARG A 103 10.68 -0.14 25.26
N LEU A 104 9.74 -0.93 25.79
CA LEU A 104 9.71 -1.30 27.20
C LEU A 104 10.66 -2.47 27.49
N PRO A 105 10.99 -2.70 28.77
CA PRO A 105 11.84 -3.84 29.11
C PRO A 105 11.10 -5.17 29.20
N ASN A 106 9.79 -5.18 28.96
CA ASN A 106 9.05 -6.42 28.79
C ASN A 106 8.89 -6.79 27.32
N ARG A 107 9.73 -6.20 26.46
CA ARG A 107 9.79 -6.51 25.03
C ARG A 107 8.47 -6.22 24.33
N ARG A 108 7.82 -5.15 24.76
CA ARG A 108 6.68 -4.53 24.12
C ARG A 108 7.02 -3.06 23.88
N ALA A 109 6.07 -2.31 23.33
CA ALA A 109 6.32 -0.90 23.06
C ALA A 109 5.00 -0.14 23.05
N LEU A 110 5.10 1.18 23.30
CA LEU A 110 3.95 2.08 23.23
C LEU A 110 4.44 3.46 22.82
N ARG A 111 3.63 4.15 22.03
CA ARG A 111 4.01 5.43 21.45
C ARG A 111 3.68 6.57 22.41
N LEU A 112 4.69 7.32 22.83
CA LEU A 112 4.38 8.47 23.66
C LEU A 112 5.17 9.68 23.19
N ARG A 113 4.73 10.84 23.66
CA ARG A 113 5.48 12.07 23.48
C ARG A 113 6.40 12.25 24.67
N ALA A 114 7.65 12.61 24.39
CA ALA A 114 8.64 12.82 25.44
C ALA A 114 9.26 14.19 25.24
N SER A 115 9.88 14.69 26.31
CA SER A 115 10.46 16.02 26.29
C SER A 115 11.83 15.95 25.63
N PHE A 116 11.94 16.52 24.44
CA PHE A 116 13.26 16.76 23.87
C PHE A 116 13.92 17.98 24.50
N SER A 117 13.13 18.85 25.14
CA SER A 117 13.64 20.09 25.70
C SER A 117 14.20 19.94 27.10
N GLN A 118 13.69 18.98 27.88
CA GLN A 118 14.27 18.77 29.20
C GLN A 118 15.50 17.88 29.10
N PRO A 119 16.47 18.08 29.99
CA PRO A 119 17.60 17.14 30.05
C PRO A 119 17.09 15.75 30.36
N LEU A 120 17.79 14.75 29.81
CA LEU A 120 17.24 13.40 29.75
C LEU A 120 16.75 12.91 31.11
N PHE A 121 17.47 13.22 32.18
CA PHE A 121 17.06 12.73 33.50
C PHE A 121 15.70 13.29 33.88
N GLN A 122 15.37 14.48 33.42
CA GLN A 122 14.01 15.01 33.61
C GLN A 122 13.04 14.40 32.62
N ALA A 123 13.49 14.09 31.40
CA ALA A 123 12.61 13.47 30.42
C ALA A 123 12.19 12.08 30.84
N VAL A 124 13.15 11.26 31.29
CA VAL A 124 12.81 9.91 31.75
C VAL A 124 11.91 9.98 32.98
N ALA A 125 12.16 10.96 33.86
CA ALA A 125 11.31 11.12 35.04
C ALA A 125 9.87 11.41 34.67
N ALA A 126 9.67 12.23 33.62
CA ALA A 126 8.32 12.50 33.15
C ALA A 126 7.71 11.28 32.47
N ILE A 127 8.55 10.45 31.84
CA ILE A 127 8.04 9.24 31.18
C ILE A 127 7.59 8.21 32.20
N CYS A 128 8.47 7.90 33.16
CA CYS A 128 8.07 7.01 34.26
C CYS A 128 6.87 7.57 34.99
N ARG A 129 6.78 8.89 35.10
CA ARG A 129 5.63 9.51 35.75
C ARG A 129 4.34 9.20 35.00
N LEU A 130 4.39 9.16 33.66
CA LEU A 130 3.23 8.77 32.88
C LEU A 130 2.90 7.30 33.08
N LEU A 131 3.92 6.46 33.24
CA LEU A 131 3.78 5.01 33.25
C LEU A 131 3.67 4.44 34.66
N SER A 132 3.34 5.27 35.65
CA SER A 132 3.14 4.82 37.02
C SER A 132 4.38 4.13 37.59
N ILE A 133 5.56 4.53 37.11
CA ILE A 133 6.83 3.96 37.56
C ILE A 133 7.41 4.92 38.58
N ARG A 134 7.32 4.56 39.86
CA ARG A 134 7.86 5.38 40.92
C ARG A 134 9.38 5.29 40.95
N HIS A 135 10.02 6.28 41.59
CA HIS A 135 11.46 6.39 41.65
C HIS A 135 12.08 6.30 40.27
N PRO A 136 11.91 7.33 39.43
CA PRO A 136 12.44 7.27 38.06
C PRO A 136 13.95 7.45 37.96
N GLU A 137 14.64 7.69 39.07
CA GLU A 137 16.10 7.86 39.03
C GLU A 137 16.83 6.58 38.63
N GLU A 138 16.20 5.43 38.83
CA GLU A 138 16.83 4.14 38.54
C GLU A 138 16.72 3.74 37.08
N LEU A 139 15.93 4.44 36.28
CA LEU A 139 15.74 4.13 34.87
C LEU A 139 16.33 5.23 34.00
N SER A 140 16.61 4.87 32.75
CA SER A 140 17.13 5.82 31.78
C SER A 140 16.73 5.36 30.38
N LEU A 141 16.96 6.22 29.41
CA LEU A 141 16.66 5.90 28.02
C LEU A 141 17.89 5.34 27.32
N LEU A 142 17.65 4.48 26.34
CA LEU A 142 18.69 3.72 25.67
C LEU A 142 18.56 3.91 24.17
N ARG A 143 19.71 4.05 23.50
CA ARG A 143 19.76 4.38 22.08
C ARG A 143 19.42 3.16 21.24
N ALA A 144 19.17 3.40 19.95
CA ALA A 144 18.90 2.35 18.98
C ALA A 144 20.18 1.61 18.62
N PRO A 145 20.11 0.29 18.40
CA PRO A 145 21.27 -0.53 18.00
C PRO A 145 21.50 -0.53 16.49
N VAL A 173 0.22 -0.18 22.20
CA VAL A 173 0.55 0.91 21.28
C VAL A 173 -0.56 1.96 21.28
N ALA A 174 -0.39 2.98 22.11
CA ALA A 174 -1.33 4.08 22.25
C ALA A 174 -0.59 5.40 22.11
N PRO A 175 -1.29 6.47 21.69
CA PRO A 175 -0.70 7.82 21.72
C PRO A 175 -0.62 8.43 23.11
N ALA A 176 -0.36 9.73 23.21
CA ALA A 176 -0.19 10.42 24.48
C ALA A 176 -1.26 11.47 24.73
N LEU A 177 -1.19 12.04 25.95
CA LEU A 177 -2.07 13.05 26.53
C LEU A 177 -1.20 14.01 27.32
N PHE A 178 -1.75 14.70 28.32
CA PHE A 178 -0.93 15.49 29.23
C PHE A 178 -1.48 15.40 30.66
N ARG A 179 -0.58 15.24 31.64
CA ARG A 179 -1.00 15.21 33.04
C ARG A 179 -0.43 16.38 33.86
N GLY A 180 0.88 16.44 34.07
CA GLY A 180 1.51 17.54 34.81
C GLY A 180 1.02 17.84 36.22
N MET A 181 1.34 17.00 37.22
CA MET A 181 0.89 17.21 38.61
C MET A 181 1.73 16.34 39.56
N PRO A 182 1.49 16.32 40.89
CA PRO A 182 2.26 15.39 41.74
C PRO A 182 2.10 13.93 41.37
N ALA A 183 0.89 13.39 41.56
CA ALA A 183 0.55 12.02 41.20
C ALA A 183 -0.95 11.78 41.40
N HIS A 184 -1.63 11.23 40.38
CA HIS A 184 -3.07 11.02 40.44
C HIS A 184 -3.37 9.54 40.22
N PHE A 185 -4.49 9.08 40.79
CA PHE A 185 -4.82 7.65 40.66
C PHE A 185 -6.32 7.41 40.69
N SER A 186 -6.77 6.48 39.86
CA SER A 186 -7.99 5.70 40.11
C SER A 186 -7.62 4.24 39.94
N ASP A 187 -6.92 3.93 38.84
CA ASP A 187 -6.06 2.77 38.71
C ASP A 187 -4.70 3.34 38.40
N SER A 188 -4.70 4.21 37.40
CA SER A 188 -3.74 5.24 37.05
C SER A 188 -4.61 6.05 36.10
N ALA A 189 -4.96 7.29 36.46
CA ALA A 189 -6.07 7.88 35.72
C ALA A 189 -5.66 8.00 34.27
N GLN A 190 -6.02 6.96 33.52
CA GLN A 190 -5.73 6.82 32.09
C GLN A 190 -7.03 6.78 31.30
N THR A 191 -8.10 7.33 31.88
CA THR A 191 -9.47 7.12 31.44
C THR A 191 -9.65 7.43 29.97
N GLU A 192 -9.83 6.36 29.19
CA GLU A 192 -10.03 6.39 27.75
C GLU A 192 -10.45 4.99 27.34
N ALA A 193 -10.31 4.65 26.05
CA ALA A 193 -10.54 3.30 25.59
C ALA A 193 -9.27 2.44 25.54
N CYS A 194 -8.08 3.04 25.69
CA CYS A 194 -6.82 2.32 25.57
C CYS A 194 -6.21 2.11 26.95
N TYR A 195 -6.15 0.85 27.39
CA TYR A 195 -5.53 0.44 28.64
C TYR A 195 -4.65 -0.77 28.32
N HIS A 196 -3.42 -0.51 27.90
CA HIS A 196 -2.55 -1.61 27.53
C HIS A 196 -1.95 -2.28 28.77
N MET A 197 -1.50 -3.52 28.58
CA MET A 197 -0.98 -4.32 29.68
C MET A 197 0.53 -4.10 29.78
N LEU A 198 0.92 -3.07 30.52
CA LEU A 198 2.28 -2.88 30.97
C LEU A 198 2.44 -3.18 32.45
N SER A 199 1.33 -3.35 33.18
CA SER A 199 1.35 -3.72 34.58
C SER A 199 1.25 -5.22 34.81
N ARG A 200 0.69 -5.96 33.85
CA ARG A 200 0.58 -7.41 33.97
C ARG A 200 1.66 -8.10 33.15
N PRO A 201 2.22 -9.18 33.66
CA PRO A 201 3.33 -9.84 32.95
C PRO A 201 2.89 -10.46 31.63
N GLN A 202 3.80 -10.41 30.66
CA GLN A 202 3.61 -10.90 29.31
C GLN A 202 3.75 -12.42 29.27
N PRO A 203 2.99 -13.10 28.40
CA PRO A 203 3.04 -14.56 28.36
C PRO A 203 4.44 -15.04 27.99
N PRO A 204 4.82 -16.24 28.41
CA PRO A 204 6.18 -16.71 28.18
C PRO A 204 6.40 -16.98 26.70
N PRO A 205 7.64 -16.90 26.24
CA PRO A 205 7.91 -17.12 24.81
C PRO A 205 7.67 -18.58 24.45
N ASP A 206 7.38 -18.80 23.17
CA ASP A 206 7.42 -20.21 22.83
C ASP A 206 8.88 -20.66 22.72
N PRO A 207 9.19 -21.88 23.16
CA PRO A 207 10.60 -22.31 23.20
C PRO A 207 11.24 -22.39 21.82
N LEU A 208 10.45 -22.14 20.79
CA LEU A 208 10.96 -22.11 19.42
C LEU A 208 11.95 -20.97 19.24
N LEU A 209 11.51 -19.74 19.49
CA LEU A 209 12.33 -18.56 19.26
C LEU A 209 13.19 -18.19 20.47
N LEU A 210 12.92 -18.77 21.64
CA LEU A 210 13.76 -18.51 22.81
C LEU A 210 15.20 -18.94 22.55
N GLN A 211 15.41 -19.90 21.65
CA GLN A 211 16.75 -20.26 21.22
C GLN A 211 17.18 -19.48 19.98
N ARG A 212 16.23 -19.09 19.13
CA ARG A 212 16.56 -18.31 17.94
C ARG A 212 16.96 -16.88 18.27
N LEU A 213 16.54 -16.36 19.43
CA LEU A 213 16.90 -15.01 19.81
C LEU A 213 18.41 -14.91 20.07
N PRO A 214 18.99 -13.73 19.87
CA PRO A 214 20.43 -13.58 20.13
C PRO A 214 20.74 -13.70 21.61
N ARG A 215 21.87 -14.35 21.91
CA ARG A 215 22.29 -14.59 23.28
C ARG A 215 23.63 -13.92 23.57
N PRO A 216 24.08 -13.91 24.83
CA PRO A 216 25.32 -13.20 25.17
C PRO A 216 26.57 -13.86 24.60
N SER A 217 26.75 -15.14 24.93
CA SER A 217 27.75 -16.04 24.39
C SER A 217 29.16 -15.78 24.89
N SER A 218 29.46 -14.57 25.37
CA SER A 218 30.74 -14.23 25.99
C SER A 218 30.79 -12.76 26.39
N LEU A 219 31.77 -12.39 27.21
CA LEU A 219 32.02 -10.97 27.43
C LEU A 219 32.53 -10.33 26.14
N SER A 220 32.41 -9.00 26.08
CA SER A 220 32.69 -8.16 24.92
C SER A 220 31.60 -8.33 23.87
N ASP A 221 30.75 -9.33 24.06
CA ASP A 221 29.42 -9.38 23.47
C ASP A 221 28.35 -8.95 24.47
N LYS A 222 28.70 -8.97 25.76
CA LYS A 222 27.83 -8.47 26.82
C LYS A 222 27.97 -6.97 27.03
N THR A 223 29.09 -6.38 26.65
CA THR A 223 29.35 -4.96 26.85
C THR A 223 28.72 -4.07 25.79
N GLN A 224 28.05 -4.64 24.79
CA GLN A 224 27.48 -3.81 23.72
C GLN A 224 26.26 -3.05 24.20
N LEU A 225 25.44 -3.66 25.06
CA LEU A 225 24.22 -3.01 25.52
C LEU A 225 24.52 -1.71 26.24
N HIS A 226 25.59 -1.69 27.04
CA HIS A 226 25.91 -0.50 27.81
C HIS A 226 26.64 0.55 26.99
N SER A 227 26.91 0.28 25.72
CA SER A 227 27.44 1.30 24.82
C SER A 227 26.33 2.14 24.17
N ARG A 228 25.07 1.87 24.52
CA ARG A 228 23.93 2.54 23.93
C ARG A 228 23.21 3.49 24.88
N TRP A 229 23.76 3.71 26.08
CA TRP A 229 23.11 4.60 27.01
C TRP A 229 23.17 6.04 26.53
N LEU A 230 22.06 6.77 26.66
CA LEU A 230 22.05 8.19 26.42
C LEU A 230 22.54 8.93 27.66
N ASP A 231 23.16 10.09 27.42
CA ASP A 231 23.63 10.92 28.53
C ASP A 231 22.44 11.57 29.21
N SER A 232 22.13 11.15 30.43
CA SER A 232 21.01 11.72 31.16
C SER A 232 21.42 13.03 31.82
N SER A 233 22.12 13.88 31.06
CA SER A 233 22.50 15.21 31.49
C SER A 233 22.25 16.28 30.44
N ARG A 234 22.14 15.93 29.15
CA ARG A 234 21.82 16.84 28.08
C ARG A 234 20.41 16.55 27.56
N CYS A 235 19.86 17.51 26.81
CA CYS A 235 18.53 17.33 26.25
C CYS A 235 18.54 16.22 25.22
N LEU A 236 17.35 15.86 24.73
CA LEU A 236 17.23 14.72 23.83
C LEU A 236 17.72 15.04 22.42
N MET A 237 17.82 16.32 22.04
CA MET A 237 18.30 16.68 20.72
C MET A 237 19.81 16.86 20.66
N GLN A 238 20.46 17.14 21.80
CA GLN A 238 21.92 17.11 21.82
C GLN A 238 22.47 15.71 21.57
N GLN A 239 21.62 14.69 21.62
CA GLN A 239 22.02 13.31 21.40
C GLN A 239 21.70 12.82 19.99
N GLY A 240 21.18 13.69 19.13
CA GLY A 240 20.91 13.31 17.75
C GLY A 240 19.68 12.46 17.54
N ILE A 241 18.70 12.52 18.45
CA ILE A 241 17.46 11.76 18.32
C ILE A 241 16.42 12.61 17.63
N LYS A 242 15.87 12.11 16.53
CA LYS A 242 14.93 12.87 15.73
C LYS A 242 13.49 12.43 15.97
N ALA A 243 12.58 12.90 15.11
CA ALA A 243 11.14 12.90 15.41
C ALA A 243 10.60 11.50 15.70
N GLY A 244 10.81 10.56 14.79
CA GLY A 244 10.17 9.27 14.91
C GLY A 244 10.96 8.18 15.59
N ASP A 245 12.09 8.50 16.22
CA ASP A 245 13.07 7.52 16.63
C ASP A 245 12.52 6.51 17.64
N ALA A 246 13.28 5.45 17.83
CA ALA A 246 13.01 4.41 18.81
C ALA A 246 13.93 4.58 20.00
N LEU A 247 13.41 4.33 21.19
CA LEU A 247 14.18 4.45 22.42
C LEU A 247 13.83 3.29 23.34
N TRP A 248 14.79 2.87 24.14
CA TRP A 248 14.63 1.74 25.05
C TRP A 248 14.65 2.23 26.48
N LEU A 249 13.71 1.74 27.28
CA LEU A 249 13.62 2.07 28.70
C LEU A 249 14.00 0.82 29.49
N ARG A 250 15.27 0.76 29.91
CA ARG A 250 15.76 -0.31 30.76
C ARG A 250 16.11 0.26 32.13
N PHE A 251 16.10 -0.61 33.13
CA PHE A 251 16.63 -0.22 34.43
C PHE A 251 18.14 -0.11 34.32
N LYS A 252 18.69 0.97 34.86
CA LYS A 252 20.09 1.30 34.68
C LYS A 252 20.93 1.02 35.93
N TYR A 253 20.42 1.37 37.09
CA TYR A 253 21.14 1.23 38.34
C TYR A 253 20.53 0.07 39.14
N TYR A 254 21.33 -0.95 39.40
CA TYR A 254 20.86 -2.13 40.10
C TYR A 254 20.85 -1.90 41.61
N SER A 255 20.19 -0.82 42.04
CA SER A 255 20.02 -0.48 43.46
C SER A 255 18.59 0.06 43.59
N PHE A 256 17.65 -0.84 43.91
CA PHE A 256 16.23 -0.53 43.88
C PHE A 256 15.74 -0.13 45.26
N PHE A 257 14.96 0.94 45.30
CA PHE A 257 14.56 1.60 46.54
C PHE A 257 13.09 1.34 46.81
N ASP A 258 12.80 0.76 47.98
CA ASP A 258 11.44 0.53 48.47
C ASP A 258 10.57 -0.15 47.42
N LEU A 259 10.93 -1.40 47.13
CA LEU A 259 10.13 -2.24 46.24
C LEU A 259 8.87 -2.66 46.99
N ASP A 260 7.79 -1.90 46.78
CA ASP A 260 6.54 -2.11 47.50
C ASP A 260 5.58 -2.91 46.62
N PRO A 261 5.15 -4.11 47.04
CA PRO A 261 4.21 -4.88 46.23
C PRO A 261 2.81 -4.28 46.16
N LYS A 262 2.55 -3.18 46.87
CA LYS A 262 1.26 -2.50 46.84
C LYS A 262 1.28 -1.21 46.06
N THR A 263 2.40 -0.49 46.05
CA THR A 263 2.45 0.85 45.50
C THR A 263 2.77 0.87 44.00
N ASP A 264 3.60 -0.04 43.52
CA ASP A 264 4.13 0.02 42.15
C ASP A 264 3.90 -1.30 41.43
N PRO A 265 2.70 -1.53 40.88
CA PRO A 265 2.51 -2.72 40.05
C PRO A 265 3.23 -2.64 38.71
N VAL A 266 3.40 -1.44 38.15
CA VAL A 266 4.07 -1.31 36.86
C VAL A 266 5.58 -1.33 37.03
N ARG A 267 6.09 -0.64 38.05
CA ARG A 267 7.52 -0.67 38.32
C ARG A 267 8.00 -2.07 38.67
N LEU A 268 7.15 -2.86 39.33
CA LEU A 268 7.53 -4.22 39.70
C LEU A 268 7.54 -5.13 38.48
N THR A 269 6.45 -5.12 37.70
CA THR A 269 6.33 -6.00 36.55
C THR A 269 7.47 -5.79 35.56
N GLN A 270 7.76 -4.53 35.23
CA GLN A 270 8.83 -4.24 34.29
C GLN A 270 10.20 -4.66 34.82
N LEU A 271 10.40 -4.57 36.14
CA LEU A 271 11.68 -4.98 36.70
C LEU A 271 11.81 -6.51 36.66
N TYR A 272 10.80 -7.22 37.15
CA TYR A 272 10.79 -8.68 37.04
C TYR A 272 11.01 -9.12 35.60
N GLU A 273 10.32 -8.47 34.66
CA GLU A 273 10.40 -8.90 33.27
C GLU A 273 11.73 -8.55 32.65
N GLN A 274 12.42 -7.50 33.15
CA GLN A 274 13.78 -7.29 32.72
C GLN A 274 14.71 -8.36 33.26
N ALA A 275 14.41 -8.88 34.45
CA ALA A 275 15.26 -9.89 35.07
C ALA A 275 15.14 -11.22 34.36
N ARG A 276 13.90 -11.66 34.11
CA ARG A 276 13.69 -12.94 33.40
C ARG A 276 14.35 -12.90 32.02
N TRP A 277 14.19 -11.81 31.29
CA TRP A 277 14.79 -11.70 29.97
C TRP A 277 16.30 -11.54 30.03
N ASP A 278 16.87 -11.36 31.22
CA ASP A 278 18.30 -11.49 31.42
C ASP A 278 18.69 -12.89 31.86
N LEU A 279 17.72 -13.72 32.26
CA LEU A 279 17.92 -15.12 32.57
C LEU A 279 17.62 -16.02 31.38
N LEU A 280 16.47 -15.80 30.72
CA LEU A 280 16.11 -16.59 29.55
C LEU A 280 17.07 -16.38 28.39
N LEU A 281 17.82 -15.28 28.37
CA LEU A 281 18.79 -15.01 27.31
C LEU A 281 20.22 -15.05 27.82
N GLU A 282 20.44 -15.56 29.03
CA GLU A 282 21.78 -15.81 29.57
C GLU A 282 22.62 -14.53 29.68
N GLU A 283 21.97 -13.39 29.92
CA GLU A 283 22.73 -12.20 30.25
C GLU A 283 23.28 -12.27 31.66
N ILE A 284 22.58 -12.98 32.55
CA ILE A 284 23.07 -13.30 33.88
C ILE A 284 22.73 -14.75 34.15
N ASP A 285 23.75 -15.56 34.44
CA ASP A 285 23.56 -16.99 34.59
C ASP A 285 23.37 -17.37 36.04
N CYS A 286 22.59 -18.43 36.26
CA CYS A 286 22.34 -19.01 37.57
C CYS A 286 22.71 -20.49 37.52
N THR A 287 22.47 -21.18 38.64
CA THR A 287 22.81 -22.58 38.77
C THR A 287 21.61 -23.47 38.45
N GLU A 288 21.89 -24.77 38.30
CA GLU A 288 20.92 -25.70 37.75
C GLU A 288 19.66 -25.77 38.61
N GLU A 289 19.81 -25.70 39.93
CA GLU A 289 18.67 -25.74 40.84
C GLU A 289 18.02 -24.38 41.05
N GLU A 290 18.71 -23.29 40.69
CA GLU A 290 18.10 -21.97 40.76
C GLU A 290 17.22 -21.68 39.55
N MET A 291 17.58 -22.20 38.38
CA MET A 291 16.68 -22.11 37.23
C MET A 291 15.36 -22.80 37.51
N MET A 292 15.37 -23.82 38.37
CA MET A 292 14.14 -24.50 38.75
C MET A 292 13.21 -23.57 39.54
N VAL A 293 13.75 -22.89 40.56
CA VAL A 293 12.91 -21.96 41.32
C VAL A 293 12.57 -20.74 40.47
N PHE A 294 13.46 -20.34 39.54
CA PHE A 294 13.13 -19.29 38.60
C PHE A 294 11.99 -19.72 37.68
N ALA A 295 12.08 -20.93 37.12
CA ALA A 295 11.02 -21.43 36.25
C ALA A 295 9.73 -21.69 37.01
N ALA A 296 9.83 -22.13 38.27
CA ALA A 296 8.62 -22.38 39.05
C ALA A 296 7.87 -21.08 39.34
N LEU A 297 8.58 -19.97 39.49
CA LEU A 297 7.92 -18.70 39.76
C LEU A 297 7.25 -18.15 38.51
N GLN A 298 7.95 -18.19 37.37
CA GLN A 298 7.36 -17.71 36.13
C GLN A 298 6.04 -18.40 35.83
N TYR A 299 5.95 -19.70 36.15
CA TYR A 299 4.70 -20.41 35.97
C TYR A 299 3.63 -19.91 36.95
N HIS A 300 4.00 -19.72 38.21
CA HIS A 300 3.01 -19.35 39.21
C HIS A 300 2.46 -17.95 38.97
N ILE A 301 3.31 -17.01 38.56
CA ILE A 301 2.83 -15.65 38.31
C ILE A 301 2.02 -15.60 37.01
N ASN A 302 2.45 -16.37 36.01
CA ASN A 302 1.70 -16.41 34.75
C ASN A 302 0.37 -17.13 34.92
N LYS A 303 0.31 -18.11 35.83
CA LYS A 303 -0.93 -18.84 36.05
C LYS A 303 -1.98 -17.98 36.73
N LEU A 304 -1.56 -17.00 37.52
CA LEU A 304 -2.50 -16.12 38.21
C LEU A 304 -2.83 -14.86 37.44
N SER A 305 -1.99 -14.46 36.48
CA SER A 305 -2.32 -13.34 35.60
C SER A 305 -3.46 -13.67 34.64
N GLN A 306 -3.81 -14.96 34.50
CA GLN A 306 -4.89 -15.40 33.63
C GLN A 306 -6.25 -15.43 34.32
N SER A 307 -6.38 -14.76 35.47
CA SER A 307 -7.63 -14.75 36.21
C SER A 307 -7.68 -13.57 37.18
N UNK A 320 -15.45 -5.31 44.26
CA UNK A 320 -16.16 -6.51 43.86
C UNK A 320 -16.91 -6.28 42.55
N UNK A 321 -18.00 -7.03 42.35
CA UNK A 321 -18.82 -6.90 41.15
C UNK A 321 -19.86 -5.81 41.37
N UNK A 322 -19.69 -4.68 40.69
CA UNK A 322 -20.57 -3.53 40.82
C UNK A 322 -21.76 -3.61 39.86
N UNK A 323 -22.22 -4.83 39.54
CA UNK A 323 -23.30 -5.02 38.57
C UNK A 323 -24.60 -4.44 39.11
N UNK A 324 -24.88 -3.19 38.74
CA UNK A 324 -26.03 -2.45 39.22
C UNK A 324 -26.66 -1.71 38.05
N UNK A 325 -27.92 -1.36 38.22
CA UNK A 325 -28.70 -0.72 37.16
C UNK A 325 -29.73 0.19 37.82
N UNK A 326 -30.74 0.56 37.05
CA UNK A 326 -31.85 1.36 37.56
C UNK A 326 -33.19 0.69 37.27
N PRO A 350 -34.42 19.97 50.12
CA PRO A 350 -33.66 18.72 49.94
C PRO A 350 -32.21 18.99 49.52
N GLU A 351 -31.37 19.37 50.48
CA GLU A 351 -29.98 19.71 50.22
C GLU A 351 -29.07 18.61 50.74
N LEU A 352 -27.84 18.61 50.21
CA LEU A 352 -26.76 17.76 50.72
C LEU A 352 -25.57 18.63 51.03
N LYS A 353 -25.17 18.68 52.30
CA LYS A 353 -24.04 19.48 52.75
C LYS A 353 -23.11 18.60 53.57
N ASP A 354 -21.88 18.44 53.10
CA ASP A 354 -20.90 17.60 53.77
C ASP A 354 -19.50 18.09 53.48
N HIS A 355 -18.55 17.64 54.30
CA HIS A 355 -17.13 17.84 54.05
C HIS A 355 -16.62 16.67 53.23
N LEU A 356 -16.40 16.89 51.94
CA LEU A 356 -15.85 15.87 51.06
C LEU A 356 -14.43 16.25 50.67
N ARG A 357 -13.71 15.28 50.14
CA ARG A 357 -12.35 15.49 49.65
C ARG A 357 -12.37 15.47 48.13
N ILE A 358 -11.97 16.57 47.52
CA ILE A 358 -12.17 16.81 46.10
C ILE A 358 -10.82 16.73 45.39
N PHE A 359 -10.86 16.25 44.15
CA PHE A 359 -9.69 16.18 43.27
C PHE A 359 -10.11 16.70 41.91
N ARG A 360 -9.61 17.86 41.52
CA ARG A 360 -10.01 18.50 40.29
C ARG A 360 -9.11 18.06 39.14
N ILE A 361 -9.56 18.35 37.92
CA ILE A 361 -8.73 18.12 36.75
C ILE A 361 -9.04 19.22 35.73
N PRO A 362 -8.06 20.07 35.40
CA PRO A 362 -8.30 21.10 34.39
C PRO A 362 -8.42 20.48 33.00
N ARG A 363 -9.45 20.89 32.26
CA ARG A 363 -9.61 20.42 30.90
C ARG A 363 -8.43 20.84 30.03
N ARG A 364 -7.92 22.06 30.24
CA ARG A 364 -6.70 22.56 29.61
C ARG A 364 -5.59 22.61 30.66
N PRO A 365 -4.87 21.52 30.89
CA PRO A 365 -3.84 21.47 31.94
C PRO A 365 -2.43 21.81 31.48
N ARG A 366 -2.24 22.34 30.27
CA ARG A 366 -0.89 22.55 29.76
C ARG A 366 -0.12 23.57 30.61
N LYS A 367 -0.81 24.54 31.19
CA LYS A 367 -0.17 25.55 32.03
C LYS A 367 -0.66 25.49 33.47
N LEU A 368 -1.30 24.41 33.88
CA LEU A 368 -1.91 24.31 35.20
C LEU A 368 -1.57 22.98 35.83
N THR A 369 -0.96 23.04 37.02
CA THR A 369 -0.80 21.89 37.89
C THR A 369 -2.01 21.79 38.80
N LEU A 370 -2.20 20.63 39.42
CA LEU A 370 -3.22 20.48 40.44
C LEU A 370 -2.61 20.06 41.77
N LYS A 371 -3.23 20.50 42.85
CA LYS A 371 -2.85 20.07 44.18
C LYS A 371 -3.36 18.67 44.45
N GLY A 372 -2.94 18.09 45.57
CA GLY A 372 -3.42 16.77 45.96
C GLY A 372 -4.89 16.73 46.29
N TYR A 373 -5.37 15.61 46.84
CA TYR A 373 -6.76 15.53 47.27
C TYR A 373 -7.06 16.63 48.28
N ARG A 374 -7.88 17.60 47.91
CA ARG A 374 -8.19 18.74 48.75
C ARG A 374 -9.51 18.52 49.48
N GLN A 375 -9.51 18.77 50.77
CA GLN A 375 -10.72 18.65 51.58
C GLN A 375 -11.53 19.93 51.47
N HIS A 376 -12.71 19.84 50.88
CA HIS A 376 -13.52 21.01 50.55
C HIS A 376 -14.96 20.82 51.01
N TRP A 377 -15.60 21.93 51.35
CA TRP A 377 -16.98 21.94 51.81
C TRP A 377 -17.91 21.94 50.60
N VAL A 378 -18.56 20.81 50.34
CA VAL A 378 -19.42 20.63 49.18
C VAL A 378 -20.87 20.82 49.58
N VAL A 379 -21.66 21.42 48.68
CA VAL A 379 -23.09 21.61 48.87
C VAL A 379 -23.80 21.21 47.58
N PHE A 380 -24.80 20.34 47.71
CA PHE A 380 -25.52 19.75 46.58
C PHE A 380 -26.99 20.16 46.71
N LYS A 381 -27.45 21.08 45.87
CA LYS A 381 -28.77 21.68 46.03
C LYS A 381 -29.61 21.52 44.77
N GLU A 382 -30.75 20.83 44.94
CA GLU A 382 -31.84 20.57 44.00
C GLU A 382 -31.38 19.75 42.80
N THR A 383 -30.25 20.13 42.23
CA THR A 383 -29.54 19.28 41.29
C THR A 383 -28.07 19.62 41.41
N THR A 384 -27.80 20.90 41.67
CA THR A 384 -26.53 21.52 41.35
C THR A 384 -25.55 21.43 42.51
N LEU A 385 -24.27 21.34 42.17
CA LEU A 385 -23.20 21.09 43.12
C LEU A 385 -22.18 22.21 43.07
N SER A 386 -21.93 22.81 44.23
CA SER A 386 -20.85 23.76 44.42
C SER A 386 -20.01 23.28 45.60
N TYR A 387 -18.77 23.73 45.67
CA TYR A 387 -17.93 23.39 46.82
C TYR A 387 -17.06 24.57 47.21
N TYR A 388 -16.75 24.61 48.51
CA TYR A 388 -16.07 25.72 49.15
C TYR A 388 -15.01 25.14 50.07
N LYS A 389 -14.33 26.00 50.83
CA LYS A 389 -13.42 25.51 51.87
C LYS A 389 -13.91 25.79 53.29
N SER A 390 -15.02 26.52 53.46
CA SER A 390 -15.61 26.72 54.78
C SER A 390 -17.04 27.16 54.63
N GLN A 391 -17.84 26.92 55.68
CA GLN A 391 -19.26 27.24 55.64
C GLN A 391 -19.52 28.74 55.62
N ASP A 392 -18.69 29.52 56.33
CA ASP A 392 -18.83 30.98 56.31
C ASP A 392 -18.42 31.57 54.97
N GLU A 393 -17.74 30.79 54.12
CA GLU A 393 -17.37 31.21 52.78
C GLU A 393 -18.36 30.72 51.73
N ALA A 394 -19.56 30.40 52.16
CA ALA A 394 -20.67 29.94 51.33
C ALA A 394 -21.88 30.83 51.56
N PRO A 395 -22.86 30.84 50.64
CA PRO A 395 -22.97 30.13 49.37
C PRO A 395 -22.58 30.94 48.14
N GLY A 396 -22.34 32.24 48.33
CA GLY A 396 -22.10 33.14 47.22
C GLY A 396 -20.71 33.12 46.64
N ASP A 397 -19.78 32.36 47.20
CA ASP A 397 -18.38 32.33 46.75
C ASP A 397 -17.93 30.89 46.58
N PRO A 398 -18.40 30.22 45.53
CA PRO A 398 -18.00 28.84 45.28
C PRO A 398 -16.66 28.77 44.56
N ILE A 399 -16.15 27.54 44.45
CA ILE A 399 -14.93 27.28 43.69
C ILE A 399 -15.32 26.78 42.31
N GLN A 400 -16.42 26.02 42.23
CA GLN A 400 -16.96 25.59 40.96
C GLN A 400 -18.48 25.55 41.04
N GLN A 401 -19.11 25.49 39.87
CA GLN A 401 -20.56 25.37 39.73
C GLN A 401 -20.81 24.58 38.47
N LEU A 402 -21.43 23.40 38.61
CA LEU A 402 -21.47 22.41 37.55
C LEU A 402 -22.90 22.11 37.11
N ASN A 403 -23.06 21.90 35.80
CA ASN A 403 -24.34 21.51 35.21
C ASN A 403 -24.42 19.99 35.10
N LEU A 404 -24.55 19.36 36.26
CA LEU A 404 -24.74 17.92 36.39
C LEU A 404 -25.94 17.41 35.61
N LYS A 405 -26.81 18.30 35.11
CA LYS A 405 -27.87 17.93 34.19
C LYS A 405 -27.29 17.19 32.99
N GLY A 406 -25.96 17.18 32.89
CA GLY A 406 -25.23 16.34 31.96
C GLY A 406 -25.18 14.92 32.49
N CYS A 407 -24.00 14.30 32.55
CA CYS A 407 -24.02 12.87 32.77
C CYS A 407 -22.67 12.39 33.32
N GLU A 408 -22.45 11.06 33.23
CA GLU A 408 -21.21 10.35 33.52
C GLU A 408 -20.73 10.31 34.98
N VAL A 409 -21.42 9.56 35.83
CA VAL A 409 -20.95 9.22 37.16
C VAL A 409 -20.58 7.74 37.21
N VAL A 410 -19.31 7.45 37.49
CA VAL A 410 -18.80 6.08 37.61
C VAL A 410 -18.17 5.93 38.99
N PRO A 411 -18.44 4.84 39.70
CA PRO A 411 -17.95 4.69 41.07
C PRO A 411 -16.64 3.92 41.18
N ASP A 412 -16.10 3.91 42.40
CA ASP A 412 -14.96 3.09 42.77
C ASP A 412 -15.08 2.82 44.26
N VAL A 413 -15.48 1.60 44.62
CA VAL A 413 -15.77 1.24 46.00
C VAL A 413 -14.91 0.03 46.38
N ASN A 414 -14.18 0.17 47.50
CA ASN A 414 -13.41 -0.92 48.09
C ASN A 414 -13.71 -0.89 49.59
N VAL A 415 -14.73 -1.64 50.01
CA VAL A 415 -15.21 -1.55 51.39
C VAL A 415 -14.11 -1.98 52.37
N SER A 416 -13.28 -2.94 51.98
CA SER A 416 -12.16 -3.36 52.81
C SER A 416 -10.97 -2.41 52.71
N GLY A 417 -11.03 -1.41 51.83
CA GLY A 417 -9.95 -0.45 51.70
C GLY A 417 -10.40 0.97 51.96
N GLN A 418 -11.71 1.14 52.23
CA GLN A 418 -12.31 2.42 52.56
C GLN A 418 -12.18 3.44 51.42
N LYS A 419 -12.12 2.97 50.18
CA LYS A 419 -12.10 3.85 49.02
C LYS A 419 -13.54 4.04 48.53
N PHE A 420 -14.07 5.23 48.72
CA PHE A 420 -15.41 5.59 48.25
C PHE A 420 -15.28 6.81 47.35
N CYS A 421 -14.96 6.56 46.08
CA CYS A 421 -14.66 7.61 45.12
C CYS A 421 -15.67 7.57 43.98
N ILE A 422 -16.15 8.74 43.58
CA ILE A 422 -17.05 8.88 42.44
C ILE A 422 -16.41 9.83 41.43
N LYS A 423 -16.41 9.42 40.17
CA LYS A 423 -15.93 10.27 39.08
C LYS A 423 -17.12 10.83 38.32
N LEU A 424 -17.15 12.14 38.14
CA LEU A 424 -18.20 12.79 37.36
C LEU A 424 -17.55 13.59 36.23
N LEU A 425 -17.96 13.29 35.00
CA LEU A 425 -17.49 13.98 33.80
C LEU A 425 -18.58 14.97 33.40
N VAL A 426 -18.33 16.25 33.66
CA VAL A 426 -19.33 17.30 33.48
C VAL A 426 -19.10 17.96 32.12
N PRO A 427 -19.98 17.75 31.15
CA PRO A 427 -19.79 18.37 29.82
C PRO A 427 -19.96 19.88 29.88
N SER A 428 -18.93 20.59 29.47
CA SER A 428 -18.90 22.05 29.43
C SER A 428 -18.57 22.51 28.01
N PRO A 429 -18.93 23.75 27.67
CA PRO A 429 -18.48 24.29 26.37
C PRO A 429 -16.97 24.37 26.24
N GLU A 430 -16.25 24.61 27.33
CA GLU A 430 -14.80 24.71 27.27
C GLU A 430 -14.14 23.33 27.27
N GLY A 431 -14.74 22.36 27.94
CA GLY A 431 -14.17 21.04 28.10
C GLY A 431 -14.70 20.38 29.36
N MET A 432 -14.84 19.06 29.34
CA MET A 432 -15.37 18.36 30.51
C MET A 432 -14.51 18.64 31.74
N SER A 433 -15.15 19.09 32.80
CA SER A 433 -14.47 19.31 34.07
C SER A 433 -14.48 18.00 34.84
N GLU A 434 -13.31 17.41 35.02
CA GLU A 434 -13.17 16.12 35.68
C GLU A 434 -12.92 16.37 37.17
N ILE A 435 -13.78 15.82 38.02
CA ILE A 435 -13.67 15.96 39.46
C ILE A 435 -13.88 14.59 40.09
N TYR A 436 -12.98 14.22 41.01
CA TYR A 436 -13.05 12.94 41.71
C TYR A 436 -13.42 13.23 43.17
N LEU A 437 -14.68 12.96 43.53
CA LEU A 437 -15.13 13.08 44.91
C LEU A 437 -14.83 11.79 45.67
N ARG A 438 -14.48 11.94 46.95
CA ARG A 438 -14.17 10.80 47.79
C ARG A 438 -14.74 11.05 49.18
N CYS A 439 -15.60 10.13 49.64
CA CYS A 439 -16.31 10.24 50.90
C CYS A 439 -15.64 9.39 51.98
N GLN A 440 -16.22 9.40 53.18
CA GLN A 440 -15.67 8.66 54.31
C GLN A 440 -16.38 7.33 54.55
N ASP A 441 -17.66 7.40 54.92
CA ASP A 441 -18.42 6.20 55.28
C ASP A 441 -19.28 5.74 54.12
N GLU A 442 -19.74 4.49 54.22
CA GLU A 442 -20.67 3.97 53.23
C GLU A 442 -21.97 4.75 53.22
N GLN A 443 -22.36 5.33 54.36
CA GLN A 443 -23.61 6.06 54.45
C GLN A 443 -23.49 7.44 53.82
N GLN A 444 -22.37 8.14 54.05
CA GLN A 444 -22.14 9.40 53.35
C GLN A 444 -22.01 9.18 51.86
N TYR A 445 -21.37 8.07 51.46
CA TYR A 445 -21.21 7.76 50.05
C TYR A 445 -22.55 7.44 49.39
N ALA A 446 -23.40 6.68 50.09
CA ALA A 446 -24.66 6.26 49.49
C ALA A 446 -25.59 7.44 49.21
N ARG A 447 -25.51 8.49 50.03
CA ARG A 447 -26.33 9.67 49.79
C ARG A 447 -25.87 10.44 48.57
N TRP A 448 -24.56 10.61 48.42
CA TRP A 448 -24.04 11.47 47.36
C TRP A 448 -24.12 10.81 45.99
N MET A 449 -23.73 9.54 45.88
CA MET A 449 -23.79 8.88 44.58
C MET A 449 -25.23 8.73 44.09
N ALA A 450 -26.17 8.53 45.01
CA ALA A 450 -27.57 8.47 44.61
C ALA A 450 -28.06 9.83 44.11
N GLY A 451 -27.58 10.91 44.72
CA GLY A 451 -27.94 12.23 44.26
C GLY A 451 -27.30 12.58 42.93
N CYS A 452 -26.06 12.15 42.72
CA CYS A 452 -25.37 12.46 41.48
C CYS A 452 -25.81 11.56 40.33
N ARG A 453 -26.25 10.34 40.61
CA ARG A 453 -26.74 9.45 39.56
C ARG A 453 -28.14 9.83 39.09
N LEU A 454 -28.93 10.48 39.95
CA LEU A 454 -30.23 10.96 39.51
C LEU A 454 -30.15 12.37 38.93
N ALA A 455 -29.29 13.21 39.47
CA ALA A 455 -29.03 14.51 38.86
C ALA A 455 -28.51 14.35 37.44
N SER A 456 -27.72 13.30 37.20
CA SER A 456 -27.27 12.98 35.86
C SER A 456 -28.41 12.48 34.98
N LYS A 457 -29.52 12.03 35.58
CA LYS A 457 -30.71 11.62 34.84
C LYS A 457 -31.77 12.71 34.83
N GLY A 458 -31.44 13.91 35.31
CA GLY A 458 -32.36 15.03 35.32
C GLY A 458 -33.07 15.22 36.64
N ARG A 459 -33.49 14.12 37.26
CA ARG A 459 -34.28 14.20 38.48
C ARG A 459 -33.42 14.57 39.68
N THR A 460 -34.09 15.02 40.73
CA THR A 460 -33.46 15.56 41.92
C THR A 460 -33.38 14.50 43.01
N MET A 461 -32.97 14.91 44.21
CA MET A 461 -33.07 14.07 45.38
C MET A 461 -34.48 14.05 45.96
N ALA A 462 -35.44 14.74 45.32
CA ALA A 462 -36.81 14.79 45.79
C ALA A 462 -37.69 13.72 45.17
N ASP A 463 -37.10 12.75 44.48
CA ASP A 463 -37.86 11.65 43.91
C ASP A 463 -37.97 10.50 44.91
N SER A 464 -39.04 9.73 44.79
CA SER A 464 -39.18 8.53 45.60
C SER A 464 -38.11 7.50 45.26
N SER A 465 -37.55 7.58 44.04
CA SER A 465 -36.50 6.64 43.67
C SER A 465 -35.16 7.00 44.29
N TYR A 466 -34.96 8.25 44.73
CA TYR A 466 -33.72 8.59 45.41
C TYR A 466 -33.58 7.83 46.72
N THR A 467 -34.64 7.85 47.55
CA THR A 467 -34.61 6.98 48.73
C THR A 467 -34.65 5.52 48.33
N SER A 468 -35.26 5.20 47.19
CA SER A 468 -35.26 3.84 46.67
C SER A 468 -33.95 3.48 45.96
N GLU A 469 -33.04 4.43 45.80
CA GLU A 469 -31.69 4.14 45.32
C GLU A 469 -30.67 4.12 46.45
N VAL A 470 -30.88 4.93 47.49
CA VAL A 470 -30.02 4.85 48.67
C VAL A 470 -30.18 3.48 49.34
N GLN A 471 -31.40 2.96 49.37
CA GLN A 471 -31.64 1.62 49.90
C GLN A 471 -30.77 0.59 49.18
N ALA A 472 -30.72 0.66 47.85
CA ALA A 472 -29.97 -0.33 47.08
C ALA A 472 -28.48 -0.27 47.38
N ILE A 473 -27.95 0.92 47.67
CA ILE A 473 -26.52 1.06 47.91
C ILE A 473 -26.13 0.40 49.22
N LEU A 474 -26.74 0.83 50.33
CA LEU A 474 -26.37 0.29 51.63
C LEU A 474 -26.63 -1.20 51.74
N ALA A 475 -27.70 -1.70 51.10
CA ALA A 475 -27.96 -3.12 51.11
C ALA A 475 -26.82 -3.89 50.44
N PHE A 476 -26.26 -3.35 49.36
CA PHE A 476 -25.11 -3.97 48.72
C PHE A 476 -23.84 -3.79 49.53
N LEU A 477 -23.75 -2.71 50.31
CA LEU A 477 -22.55 -2.38 51.06
C LEU A 477 -22.55 -3.00 52.46
N SER A 478 -23.15 -4.18 52.61
CA SER A 478 -23.28 -4.88 53.88
C SER A 478 -22.18 -5.90 54.11
N LEU A 479 -21.74 -6.60 53.06
CA LEU A 479 -20.64 -7.55 53.18
C LEU A 479 -19.35 -6.79 53.52
N GLN A 480 -18.74 -7.12 54.67
CA GLN A 480 -17.66 -6.32 55.23
C GLN A 480 -16.51 -7.17 55.77
N ARG A 481 -15.91 -7.99 54.90
CA ARG A 481 -14.61 -8.58 55.19
C ARG A 481 -14.58 -9.56 56.37
N THR A 482 -15.17 -10.74 56.19
CA THR A 482 -14.78 -11.90 57.00
C THR A 482 -14.61 -13.20 56.21
N GLY A 483 -15.26 -13.36 55.05
CA GLY A 483 -15.11 -14.56 54.25
C GLY A 483 -15.06 -14.30 52.76
N SER A 484 -15.04 -13.03 52.37
CA SER A 484 -15.05 -12.60 50.97
C SER A 484 -16.29 -13.12 50.24
N GLU A 499 -3.42 -26.18 36.33
CA GLU A 499 -2.05 -26.49 36.01
C GLU A 499 -1.83 -26.42 34.50
N GLY A 500 -2.31 -27.43 33.77
CA GLY A 500 -2.16 -27.45 32.34
C GLY A 500 -0.81 -27.94 31.83
N LEU A 501 0.13 -28.27 32.73
CA LEU A 501 1.36 -29.00 32.49
C LEU A 501 2.47 -28.21 31.81
N ASN A 502 2.46 -26.89 31.90
CA ASN A 502 3.01 -25.78 31.12
C ASN A 502 4.26 -26.14 30.29
N PRO A 503 4.92 -25.21 29.59
CA PRO A 503 6.12 -25.65 28.88
C PRO A 503 7.34 -25.78 29.79
N TYR A 504 8.46 -25.99 29.12
CA TYR A 504 9.80 -25.86 29.66
C TYR A 504 10.48 -24.59 29.16
N GLY A 505 9.71 -23.71 28.53
CA GLY A 505 10.23 -22.45 28.02
C GLY A 505 10.57 -21.43 29.08
N LEU A 506 10.34 -21.74 30.35
CA LEU A 506 10.70 -20.89 31.47
C LEU A 506 12.18 -20.97 31.82
N VAL A 507 12.94 -21.81 31.13
CA VAL A 507 14.36 -22.01 31.42
C VAL A 507 15.19 -21.51 30.24
N ALA A 508 16.44 -21.18 30.55
CA ALA A 508 17.37 -20.66 29.56
C ALA A 508 17.66 -21.72 28.48
N PRO A 509 18.17 -21.30 27.31
CA PRO A 509 18.35 -22.26 26.21
C PRO A 509 19.33 -23.39 26.52
N ARG A 510 20.37 -23.13 27.34
CA ARG A 510 21.31 -24.20 27.65
C ARG A 510 20.72 -25.23 28.61
N PHE A 511 19.59 -24.93 29.25
CA PHE A 511 18.91 -25.93 30.07
C PHE A 511 17.87 -26.71 29.30
N GLN A 512 17.44 -26.23 28.13
CA GLN A 512 16.53 -27.03 27.32
C GLN A 512 17.25 -27.85 26.27
N ARG A 513 18.47 -27.49 25.88
CA ARG A 513 19.24 -28.41 25.06
C ARG A 513 19.92 -29.50 25.88
N LYS A 514 20.14 -29.25 27.18
CA LYS A 514 20.75 -30.26 28.04
C LYS A 514 19.73 -31.10 28.80
N PHE A 515 18.50 -30.63 28.95
CA PHE A 515 17.44 -31.37 29.63
C PHE A 515 16.32 -31.66 28.64
N LYS A 516 15.88 -32.91 28.61
CA LYS A 516 14.65 -33.23 27.91
C LYS A 516 13.49 -32.52 28.60
N ALA A 517 12.46 -32.20 27.82
CA ALA A 517 11.38 -31.39 28.36
C ALA A 517 10.49 -32.14 29.35
N LYS A 518 10.86 -33.34 29.77
CA LYS A 518 10.01 -34.17 30.63
C LYS A 518 10.45 -34.22 32.09
N GLN A 519 11.75 -34.30 32.38
CA GLN A 519 12.19 -34.47 33.76
C GLN A 519 12.42 -33.16 34.50
N LEU A 520 12.36 -32.02 33.83
CA LEU A 520 12.36 -30.74 34.54
C LEU A 520 10.95 -30.27 34.86
N THR A 521 9.95 -30.78 34.16
CA THR A 521 8.56 -30.43 34.47
C THR A 521 8.16 -30.81 35.88
N PRO A 522 8.46 -32.03 36.39
CA PRO A 522 8.20 -32.27 37.81
C PRO A 522 9.07 -31.43 38.72
N ARG A 523 10.33 -31.19 38.35
CA ARG A 523 11.21 -30.39 39.19
C ARG A 523 10.74 -28.94 39.27
N ILE A 524 10.11 -28.43 38.21
CA ILE A 524 9.47 -27.13 38.29
C ILE A 524 8.28 -27.18 39.23
N LEU A 525 7.38 -28.15 39.02
CA LEU A 525 6.20 -28.29 39.86
C LEU A 525 6.58 -28.65 41.30
N GLU A 526 7.67 -29.38 41.49
CA GLU A 526 8.12 -29.70 42.84
C GLU A 526 8.55 -28.45 43.59
N ALA A 527 9.42 -27.65 42.96
CA ALA A 527 9.82 -26.38 43.55
C ALA A 527 8.75 -25.31 43.45
N HIS A 528 7.65 -25.59 42.75
CA HIS A 528 6.54 -24.66 42.67
C HIS A 528 5.68 -24.66 43.93
N GLN A 529 5.64 -25.77 44.67
CA GLN A 529 4.79 -25.85 45.85
C GLN A 529 5.21 -24.86 46.94
N ASN A 530 6.46 -24.42 46.94
CA ASN A 530 6.90 -23.45 47.94
C ASN A 530 6.34 -22.06 47.65
N VAL A 531 6.13 -21.72 46.37
CA VAL A 531 5.67 -20.39 45.99
C VAL A 531 4.19 -20.37 45.62
N ALA A 532 3.50 -21.50 45.70
CA ALA A 532 2.09 -21.53 45.32
C ALA A 532 1.24 -20.67 46.25
N GLN A 533 1.70 -20.46 47.49
CA GLN A 533 0.98 -19.64 48.46
C GLN A 533 1.33 -18.16 48.34
N LEU A 534 1.89 -17.73 47.21
CA LEU A 534 2.31 -16.35 47.03
C LEU A 534 1.34 -15.58 46.15
N SER A 535 1.18 -14.30 46.45
CA SER A 535 0.42 -13.41 45.59
C SER A 535 1.25 -13.04 44.35
N LEU A 536 0.58 -12.43 43.37
CA LEU A 536 1.25 -12.13 42.11
C LEU A 536 2.41 -11.16 42.30
N ALA A 537 2.27 -10.17 43.19
CA ALA A 537 3.34 -9.20 43.41
C ALA A 537 4.41 -9.72 44.36
N GLU A 538 4.04 -10.55 45.34
CA GLU A 538 5.04 -11.11 46.23
C GLU A 538 5.85 -12.21 45.54
N ALA A 539 5.21 -12.96 44.64
CA ALA A 539 5.96 -13.94 43.86
C ALA A 539 6.85 -13.26 42.84
N GLN A 540 6.36 -12.18 42.21
CA GLN A 540 7.24 -11.35 41.39
C GLN A 540 8.39 -10.78 42.22
N LEU A 541 8.09 -10.34 43.45
CA LEU A 541 9.12 -9.77 44.30
C LEU A 541 10.22 -10.79 44.61
N ARG A 542 9.82 -12.03 44.91
CA ARG A 542 10.82 -13.05 45.24
C ARG A 542 11.63 -13.46 44.01
N PHE A 543 11.04 -13.36 42.81
CA PHE A 543 11.83 -13.57 41.61
C PHE A 543 12.95 -12.54 41.52
N ILE A 544 12.66 -11.29 41.87
CA ILE A 544 13.70 -10.27 41.89
C ILE A 544 14.58 -10.41 43.12
N GLN A 545 14.03 -10.90 44.23
CA GLN A 545 14.86 -11.18 45.40
C GLN A 545 15.85 -12.30 45.14
N ALA A 546 15.41 -13.35 44.44
CA ALA A 546 16.33 -14.43 44.09
C ALA A 546 17.27 -14.00 42.96
N TRP A 547 16.81 -13.11 42.08
CA TRP A 547 17.69 -12.56 41.06
C TRP A 547 18.75 -11.66 41.66
N GLN A 548 18.46 -11.05 42.81
CA GLN A 548 19.44 -10.22 43.50
C GLN A 548 20.51 -11.06 44.19
N SER A 549 20.22 -12.32 44.50
CA SER A 549 21.18 -13.19 45.18
C SER A 549 22.22 -13.78 44.23
N LEU A 550 22.01 -13.69 42.92
CA LEU A 550 22.95 -14.29 41.98
C LEU A 550 24.33 -13.67 42.15
N PRO A 551 25.41 -14.44 41.97
CA PRO A 551 26.74 -13.91 42.29
C PRO A 551 27.21 -12.80 41.37
N ASP A 552 26.58 -12.63 40.20
CA ASP A 552 26.97 -11.60 39.24
C ASP A 552 25.85 -10.59 39.03
N PHE A 553 25.07 -10.30 40.06
CA PHE A 553 23.96 -9.34 39.96
C PHE A 553 24.47 -7.94 40.26
N GLY A 554 24.43 -7.07 39.25
CA GLY A 554 24.83 -5.70 39.43
C GLY A 554 25.85 -5.20 38.43
N ILE A 555 26.57 -6.12 37.80
CA ILE A 555 27.72 -5.78 36.98
C ILE A 555 27.24 -5.27 35.62
N SER A 556 27.94 -4.28 35.05
CA SER A 556 27.52 -3.63 33.82
C SER A 556 28.52 -3.71 32.67
N TYR A 557 29.77 -4.09 32.95
CA TYR A 557 30.70 -4.52 31.90
C TYR A 557 31.03 -3.47 30.84
N VAL A 558 31.84 -2.48 31.18
CA VAL A 558 32.42 -1.56 30.19
C VAL A 558 33.83 -2.03 29.89
N MET A 559 34.04 -2.68 28.74
CA MET A 559 35.35 -3.15 28.32
C MET A 559 36.18 -1.98 27.81
N VAL A 560 37.08 -1.48 28.66
CA VAL A 560 37.88 -0.30 28.34
C VAL A 560 39.31 -0.56 28.76
N ARG A 561 40.26 0.05 28.05
CA ARG A 561 41.66 -0.15 28.41
C ARG A 561 41.94 0.45 29.78
N PHE A 562 43.07 0.06 30.37
CA PHE A 562 43.40 0.48 31.72
C PHE A 562 44.77 1.15 31.81
N LYS A 563 45.31 1.28 33.03
CA LYS A 563 46.37 2.24 33.34
C LYS A 563 47.74 1.90 32.75
N GLY A 564 48.39 0.86 33.27
CA GLY A 564 49.70 0.46 32.83
C GLY A 564 49.70 -0.78 31.98
N SER A 565 48.53 -1.24 31.55
CA SER A 565 48.35 -2.54 30.95
C SER A 565 48.02 -2.43 29.49
N ARG A 566 48.63 -3.30 28.69
CA ARG A 566 48.05 -3.62 27.39
C ARG A 566 46.89 -4.59 27.64
N LYS A 567 46.39 -5.23 26.59
CA LYS A 567 45.36 -6.26 26.59
C LYS A 567 43.95 -5.66 26.87
N ASP A 568 43.84 -4.39 27.24
CA ASP A 568 42.58 -3.67 27.42
C ASP A 568 41.47 -4.54 28.02
N GLU A 569 41.70 -4.92 29.28
CA GLU A 569 40.76 -5.77 30.02
C GLU A 569 39.44 -5.03 30.27
N ILE A 570 38.48 -5.70 30.92
CA ILE A 570 37.15 -5.16 31.13
C ILE A 570 37.05 -4.55 32.52
N LEU A 571 36.01 -3.73 32.74
CA LEU A 571 35.79 -3.07 34.02
C LEU A 571 34.55 -3.56 34.76
N GLY A 572 33.36 -3.33 34.22
CA GLY A 572 32.15 -3.69 34.97
C GLY A 572 31.83 -2.69 36.08
N ILE A 573 30.56 -2.38 36.34
CA ILE A 573 30.31 -1.29 37.28
C ILE A 573 29.83 -1.74 38.65
N ALA A 574 28.59 -2.27 38.79
CA ALA A 574 28.15 -2.82 40.07
C ALA A 574 28.08 -1.80 41.22
N ASN A 575 26.89 -1.28 41.54
CA ASN A 575 26.72 -0.14 42.46
C ASN A 575 27.74 0.09 43.56
N ASN A 576 28.08 -0.93 44.37
CA ASN A 576 28.96 -0.69 45.51
C ASN A 576 30.42 -1.00 45.24
N ARG A 577 30.77 -1.44 44.03
CA ARG A 577 32.15 -1.78 43.70
C ARG A 577 32.45 -1.32 42.28
N LEU A 578 33.67 -1.54 41.84
CA LEU A 578 33.98 -1.53 40.41
C LEU A 578 35.25 -2.34 40.21
N ILE A 579 35.15 -3.38 39.39
CA ILE A 579 36.14 -4.44 39.35
C ILE A 579 36.90 -4.43 38.03
N ARG A 580 37.79 -5.40 37.85
CA ARG A 580 38.56 -5.56 36.63
C ARG A 580 38.70 -7.04 36.35
N ILE A 581 38.55 -7.43 35.08
CA ILE A 581 38.50 -8.83 34.69
C ILE A 581 39.38 -9.02 33.46
N ASP A 582 40.12 -10.14 33.43
CA ASP A 582 41.12 -10.37 32.39
C ASP A 582 40.50 -10.90 31.09
N LEU A 583 39.31 -10.41 30.73
CA LEU A 583 38.68 -10.37 29.40
C LEU A 583 38.49 -11.73 28.74
N ALA A 584 39.40 -12.66 29.02
CA ALA A 584 39.46 -13.99 28.43
C ALA A 584 39.67 -15.07 29.47
N VAL A 585 40.54 -14.80 30.44
CA VAL A 585 40.66 -15.62 31.63
C VAL A 585 39.38 -15.56 32.44
N GLY A 586 38.79 -14.36 32.57
CA GLY A 586 37.57 -14.19 33.31
C GLY A 586 37.71 -13.99 34.81
N ASP A 587 38.94 -13.98 35.32
CA ASP A 587 39.16 -13.78 36.74
C ASP A 587 39.11 -12.30 37.10
N VAL A 588 38.97 -12.02 38.39
CA VAL A 588 38.76 -10.67 38.91
C VAL A 588 40.08 -10.19 39.50
N VAL A 589 40.83 -9.43 38.71
CA VAL A 589 42.18 -9.00 39.12
C VAL A 589 42.10 -7.99 40.25
N LYS A 590 41.41 -6.87 40.00
CA LYS A 590 41.39 -5.74 40.93
C LYS A 590 39.95 -5.43 41.31
N THR A 591 39.67 -5.42 42.62
CA THR A 591 38.34 -5.17 43.16
C THR A 591 38.39 -3.90 43.98
N TRP A 592 38.14 -2.76 43.34
CA TRP A 592 38.10 -1.48 44.04
C TRP A 592 36.71 -1.25 44.63
N ARG A 593 36.68 -0.80 45.89
CA ARG A 593 35.44 -0.56 46.60
C ARG A 593 35.01 0.89 46.42
N PHE A 594 33.69 1.11 46.41
CA PHE A 594 33.15 2.45 46.24
C PHE A 594 33.27 3.29 47.50
N SER A 595 33.24 2.68 48.69
CA SER A 595 33.31 3.45 49.92
C SER A 595 34.70 4.03 50.16
N ASN A 596 35.74 3.37 49.65
CA ASN A 596 37.10 3.87 49.74
C ASN A 596 37.44 4.84 48.63
N MET A 597 36.49 5.11 47.74
CA MET A 597 36.71 6.00 46.61
C MET A 597 36.69 7.46 47.06
N ARG A 598 37.81 8.15 46.87
CA ARG A 598 37.82 9.59 47.07
C ARG A 598 37.28 10.29 45.83
N GLN A 599 37.14 11.61 45.93
CA GLN A 599 36.46 12.39 44.89
C GLN A 599 37.38 12.56 43.69
N TRP A 600 37.18 11.75 42.66
CA TRP A 600 37.81 11.99 41.38
C TRP A 600 36.82 11.68 40.27
N ASN A 601 37.00 12.34 39.13
CA ASN A 601 36.02 12.33 38.06
C ASN A 601 36.73 12.18 36.72
N VAL A 602 36.00 11.65 35.74
CA VAL A 602 36.50 11.62 34.37
C VAL A 602 36.59 13.03 33.83
N ASN A 603 37.69 13.31 33.13
CA ASN A 603 37.99 14.55 32.44
C ASN A 603 39.28 14.31 31.70
N TRP A 604 39.41 14.84 30.46
CA TRP A 604 40.67 15.30 29.88
C TRP A 604 40.49 15.45 28.38
N ASP A 605 41.55 15.82 27.69
CA ASP A 605 41.59 15.60 26.26
C ASP A 605 41.96 14.16 25.91
N ILE A 606 42.56 13.43 26.86
CA ILE A 606 43.09 12.09 26.63
C ILE A 606 41.94 11.10 26.65
N ARG A 607 40.75 11.58 27.01
CA ARG A 607 39.54 10.77 27.08
C ARG A 607 39.73 9.59 28.03
N GLN A 608 40.19 9.87 29.25
CA GLN A 608 40.43 8.81 30.22
C GLN A 608 39.88 9.19 31.58
N VAL A 609 39.29 8.21 32.25
CA VAL A 609 38.72 8.39 33.58
C VAL A 609 39.80 8.23 34.63
N ALA A 610 39.68 8.98 35.74
CA ALA A 610 40.62 8.91 36.85
C ALA A 610 39.85 8.92 38.16
N ILE A 611 40.08 7.91 39.00
CA ILE A 611 39.46 7.80 40.32
C ILE A 611 40.57 7.73 41.37
N GLU A 612 40.33 8.34 42.54
CA GLU A 612 41.42 8.60 43.49
C GLU A 612 41.62 7.51 44.54
N PHE A 613 40.55 7.06 45.22
CA PHE A 613 40.66 5.90 46.09
C PHE A 613 41.60 6.04 47.30
N ASP A 614 41.05 6.40 48.46
CA ASP A 614 41.77 6.59 49.73
C ASP A 614 42.98 5.70 49.92
N GLU A 615 44.03 6.28 50.54
CA GLU A 615 45.38 5.75 50.66
C GLU A 615 46.18 6.03 49.38
N HIS A 616 45.73 7.01 48.60
CA HIS A 616 46.46 7.53 47.45
C HIS A 616 46.71 6.46 46.38
N ILE A 617 45.85 5.43 46.33
CA ILE A 617 45.94 4.39 45.31
C ILE A 617 44.96 4.77 44.22
N ASN A 618 45.43 5.52 43.22
CA ASN A 618 44.56 6.15 42.23
C ASN A 618 44.66 5.39 40.92
N VAL A 619 43.52 4.92 40.41
CA VAL A 619 43.44 4.12 39.20
C VAL A 619 42.91 4.97 38.06
N ALA A 620 43.41 4.71 36.86
CA ALA A 620 43.00 5.43 35.66
C ALA A 620 42.77 4.44 34.54
N PHE A 621 41.78 4.73 33.70
CA PHE A 621 41.50 3.88 32.55
C PHE A 621 40.96 4.75 31.42
N SER A 622 41.02 4.21 30.21
CA SER A 622 40.60 4.92 29.01
C SER A 622 39.54 4.12 28.28
N CYS A 623 38.65 4.82 27.59
CA CYS A 623 37.50 4.20 26.94
C CYS A 623 37.94 3.40 25.72
N VAL A 624 37.66 2.10 25.74
CA VAL A 624 37.89 1.23 24.58
C VAL A 624 36.53 0.88 24.01
N SER A 625 36.13 1.59 22.95
CA SER A 625 35.05 1.18 22.06
C SER A 625 33.64 1.26 22.66
N ALA A 626 33.52 1.47 23.97
CA ALA A 626 32.19 1.57 24.57
C ALA A 626 31.77 3.04 24.71
N SER A 627 32.36 3.75 25.66
CA SER A 627 32.20 5.19 25.82
C SER A 627 32.99 5.67 27.02
N CYS A 628 32.95 6.98 27.32
CA CYS A 628 33.66 7.53 28.47
C CYS A 628 32.80 8.37 29.41
N ARG A 629 31.62 8.81 28.99
CA ARG A 629 30.75 9.63 29.85
C ARG A 629 29.70 8.80 30.57
N ILE A 630 29.22 7.69 29.97
CA ILE A 630 28.30 6.83 30.69
C ILE A 630 29.01 6.06 31.80
N VAL A 631 30.33 5.87 31.68
CA VAL A 631 31.09 5.30 32.79
C VAL A 631 31.12 6.26 33.96
N HIS A 632 31.38 7.55 33.69
CA HIS A 632 31.32 8.57 34.72
C HIS A 632 29.89 8.81 35.20
N GLU A 633 28.90 8.43 34.41
CA GLU A 633 27.51 8.57 34.80
C GLU A 633 27.08 7.43 35.72
N TYR A 634 27.57 6.21 35.45
CA TYR A 634 27.30 5.08 36.33
C TYR A 634 27.94 5.28 37.70
N ILE A 635 29.17 5.80 37.72
CA ILE A 635 29.90 5.95 38.98
C ILE A 635 29.22 7.01 39.86
N GLY A 636 29.05 8.22 39.33
CA GLY A 636 28.34 9.25 40.07
C GLY A 636 26.89 8.87 40.32
N GLY A 637 26.27 8.19 39.37
CA GLY A 637 24.89 7.76 39.49
C GLY A 637 24.68 6.83 40.67
N TYR A 638 25.44 5.74 40.72
CA TYR A 638 25.37 4.82 41.85
C TYR A 638 25.73 5.52 43.15
N ILE A 639 26.63 6.50 43.10
CA ILE A 639 26.93 7.28 44.30
C ILE A 639 25.75 8.17 44.68
N PHE A 640 25.00 8.67 43.70
CA PHE A 640 23.75 9.37 44.02
C PHE A 640 22.78 8.41 44.70
N LEU A 641 22.62 7.22 44.14
CA LEU A 641 21.82 6.21 44.79
C LEU A 641 22.52 5.72 46.05
N SER A 642 21.79 4.98 46.88
CA SER A 642 22.29 4.37 48.11
C SER A 642 22.54 5.41 49.20
N THR A 643 22.42 6.70 48.87
CA THR A 643 22.57 7.78 49.83
C THR A 643 21.39 8.74 49.75
N ARG A 644 20.19 8.17 49.66
CA ARG A 644 18.97 8.95 49.47
C ARG A 644 18.25 9.12 50.80
N GLU A 645 17.07 9.72 50.75
CA GLU A 645 16.29 9.99 51.95
C GLU A 645 15.97 8.69 52.67
N ARG A 646 15.67 8.81 53.96
CA ARG A 646 15.70 7.67 54.86
C ARG A 646 14.65 6.62 54.47
N ALA A 647 13.38 6.99 54.50
CA ALA A 647 12.29 6.08 54.16
C ALA A 647 11.51 6.53 52.93
N ARG A 648 11.16 7.81 52.86
CA ARG A 648 10.45 8.39 51.73
C ARG A 648 11.49 9.12 50.88
N GLY A 649 12.09 8.40 49.94
CA GLY A 649 13.23 8.91 49.21
C GLY A 649 12.92 9.60 47.88
N GLU A 650 12.16 10.68 47.93
CA GLU A 650 11.86 11.48 46.75
C GLU A 650 12.40 12.89 46.95
N GLU A 651 12.02 13.79 46.03
CA GLU A 651 12.45 15.19 46.07
C GLU A 651 13.97 15.30 46.05
N LEU A 652 14.61 14.52 45.19
CA LEU A 652 16.07 14.51 45.11
C LEU A 652 16.58 15.80 44.47
N ASP A 653 17.78 16.20 44.88
CA ASP A 653 18.37 17.45 44.44
C ASP A 653 18.88 17.29 43.01
N GLU A 654 18.23 17.97 42.07
CA GLU A 654 18.63 17.84 40.67
C GLU A 654 19.95 18.53 40.39
N ASP A 655 20.23 19.64 41.07
CA ASP A 655 21.53 20.29 40.92
C ASP A 655 22.65 19.45 41.55
N LEU A 656 22.32 18.37 42.24
CA LEU A 656 23.29 17.40 42.71
C LEU A 656 23.48 16.24 41.76
N PHE A 657 22.43 15.81 41.06
CA PHE A 657 22.59 14.75 40.07
C PHE A 657 23.42 15.22 38.88
N LEU A 658 23.14 16.44 38.40
CA LEU A 658 24.00 17.02 37.38
C LEU A 658 25.42 17.23 37.90
N GLN A 659 25.55 17.46 39.22
CA GLN A 659 26.86 17.66 39.82
C GLN A 659 27.67 16.37 39.82
N LEU A 660 27.01 15.23 39.96
CA LEU A 660 27.67 13.93 39.92
C LEU A 660 27.87 13.42 38.49
N THR A 661 27.61 14.26 37.49
CA THR A 661 28.01 14.01 36.11
C THR A 661 28.74 15.22 35.52
N GLY A 662 29.04 16.22 36.34
CA GLY A 662 29.96 17.28 35.96
C GLY A 662 29.34 18.47 35.24
N GLY A 663 29.74 19.67 35.68
CA GLY A 663 29.34 20.89 35.02
C GLY A 663 27.96 21.39 35.41
N HIS A 664 27.85 22.67 35.74
CA HIS A 664 26.59 23.29 36.15
C HIS A 664 26.05 24.19 35.06
N GLU A 665 24.72 24.41 35.10
CA GLU A 665 24.04 25.19 34.08
C GLU A 665 22.90 25.96 34.71
N ALA A 666 22.40 26.94 33.96
CA ALA A 666 21.30 27.77 34.42
C ALA A 666 19.98 27.34 33.77
N SER B 14 -44.38 47.26 -0.35
CA SER B 14 -43.14 46.65 -0.79
C SER B 14 -42.10 46.63 0.35
N SER B 15 -42.52 46.15 1.52
CA SER B 15 -41.67 46.04 2.69
C SER B 15 -41.26 44.57 2.81
N TRP B 16 -40.12 44.23 2.21
CA TRP B 16 -39.67 42.85 2.00
C TRP B 16 -39.55 42.05 3.30
N GLU B 17 -38.56 42.39 4.12
CA GLU B 17 -38.35 41.86 5.46
C GLU B 17 -38.39 40.33 5.50
N LEU B 18 -37.36 39.73 4.89
CA LEU B 18 -37.16 38.29 4.96
C LEU B 18 -35.98 37.95 5.86
N ARG B 19 -35.90 36.68 6.25
CA ARG B 19 -34.85 36.15 7.10
C ARG B 19 -33.97 35.19 6.28
N VAL B 20 -32.95 34.62 6.92
CA VAL B 20 -31.93 33.83 6.25
C VAL B 20 -32.07 32.36 6.64
N PHE B 21 -31.96 31.48 5.63
CA PHE B 21 -32.03 30.04 5.80
C PHE B 21 -30.78 29.39 5.20
N VAL B 22 -30.61 28.08 5.48
CA VAL B 22 -29.36 27.39 5.18
C VAL B 22 -29.58 26.27 4.17
N GLY B 23 -28.49 25.88 3.50
CA GLY B 23 -28.45 24.77 2.57
C GLY B 23 -27.02 24.28 2.36
N GLU B 24 -26.82 22.95 2.35
CA GLU B 24 -25.48 22.38 2.40
C GLU B 24 -24.90 22.15 1.00
N GLU B 25 -23.63 21.74 0.98
CA GLU B 25 -22.87 21.54 -0.26
C GLU B 25 -22.94 20.08 -0.70
N ASP B 26 -22.11 19.72 -1.67
CA ASP B 26 -22.25 18.45 -2.36
C ASP B 26 -21.70 17.24 -1.61
N PRO B 27 -20.37 17.15 -1.30
CA PRO B 27 -19.87 15.92 -0.67
C PRO B 27 -20.17 15.83 0.82
N GLU B 28 -20.01 16.95 1.52
CA GLU B 28 -20.21 17.05 2.96
C GLU B 28 -21.27 18.10 3.25
N ALA B 29 -21.38 18.53 4.50
CA ALA B 29 -22.36 19.55 4.88
C ALA B 29 -21.67 20.85 5.29
N GLU B 30 -21.38 21.71 4.31
CA GLU B 30 -20.88 23.05 4.60
C GLU B 30 -21.07 23.92 3.35
N SER B 31 -22.01 24.87 3.39
CA SER B 31 -22.24 25.65 2.17
C SER B 31 -23.08 26.89 2.47
N VAL B 32 -23.73 27.39 1.42
CA VAL B 32 -24.48 28.65 1.42
C VAL B 32 -25.55 28.76 2.51
N THR B 33 -25.81 30.01 2.93
CA THR B 33 -27.02 30.38 3.66
C THR B 33 -27.68 31.53 2.91
N LEU B 34 -28.91 31.30 2.44
CA LEU B 34 -29.59 32.24 1.54
C LEU B 34 -30.78 32.90 2.25
N ARG B 35 -31.36 33.88 1.58
CA ARG B 35 -32.33 34.80 2.17
C ARG B 35 -33.65 34.70 1.45
N VAL B 36 -34.64 34.07 2.09
CA VAL B 36 -35.98 33.91 1.56
C VAL B 36 -36.98 34.33 2.64
N THR B 37 -38.21 34.58 2.21
CA THR B 37 -39.30 34.91 3.11
C THR B 37 -40.13 33.67 3.43
N GLY B 38 -41.08 33.83 4.34
CA GLY B 38 -42.01 32.75 4.65
C GLY B 38 -43.02 32.47 3.56
N GLU B 39 -43.14 33.38 2.58
CA GLU B 39 -44.12 33.25 1.50
C GLU B 39 -43.48 32.86 0.17
N SER B 40 -42.33 32.20 0.21
CA SER B 40 -41.66 31.80 -1.02
C SER B 40 -42.03 30.38 -1.38
N HIS B 41 -41.91 30.07 -2.67
CA HIS B 41 -42.19 28.73 -3.15
C HIS B 41 -41.11 27.77 -2.68
N ILE B 42 -41.52 26.57 -2.26
CA ILE B 42 -40.55 25.51 -1.98
C ILE B 42 -39.62 25.34 -3.19
N GLY B 43 -40.22 25.21 -4.37
CA GLY B 43 -39.43 25.14 -5.58
C GLY B 43 -38.64 26.41 -5.86
N GLY B 44 -39.17 27.57 -5.45
CA GLY B 44 -38.44 28.81 -5.63
C GLY B 44 -37.13 28.85 -4.86
N VAL B 45 -37.10 28.22 -3.68
CA VAL B 45 -35.88 28.19 -2.89
C VAL B 45 -34.80 27.38 -3.62
N LEU B 46 -35.20 26.36 -4.38
CA LEU B 46 -34.23 25.60 -5.17
C LEU B 46 -33.54 26.50 -6.18
N LEU B 47 -34.31 27.30 -6.92
CA LEU B 47 -33.75 28.14 -7.97
C LEU B 47 -32.78 29.17 -7.42
N LYS B 48 -33.01 29.63 -6.18
CA LYS B 48 -32.04 30.53 -5.55
C LYS B 48 -30.71 29.83 -5.30
N ILE B 49 -30.72 28.51 -5.18
CA ILE B 49 -29.48 27.75 -5.01
C ILE B 49 -28.82 27.46 -6.35
N VAL B 50 -29.59 27.45 -7.44
CA VAL B 50 -29.01 27.22 -8.76
C VAL B 50 -28.21 28.43 -9.20
N GLU B 51 -28.70 29.64 -8.90
CA GLU B 51 -27.93 30.85 -9.19
C GLU B 51 -26.71 30.95 -8.30
N GLN B 52 -26.84 30.53 -7.04
CA GLN B 52 -25.75 30.52 -6.08
C GLN B 52 -24.81 29.33 -6.25
N ILE B 53 -24.95 28.58 -7.33
CA ILE B 53 -24.12 27.39 -7.53
C ILE B 53 -22.84 27.78 -8.26
N ASN B 54 -21.79 27.00 -8.03
CA ASN B 54 -20.51 27.21 -8.70
C ASN B 54 -20.00 25.95 -9.37
N ARG B 55 -20.82 24.93 -9.42
CA ARG B 55 -20.46 23.63 -9.97
C ARG B 55 -20.89 23.54 -11.44
N LYS B 56 -20.99 22.32 -11.93
CA LYS B 56 -21.51 21.92 -13.23
C LYS B 56 -23.03 21.92 -13.25
N GLN B 57 -23.58 20.97 -14.03
CA GLN B 57 -24.98 20.76 -14.35
C GLN B 57 -25.43 19.47 -13.68
N ASP B 58 -26.34 18.74 -14.31
CA ASP B 58 -26.91 17.45 -13.83
C ASP B 58 -27.82 17.68 -12.64
N TRP B 59 -28.63 18.73 -12.73
CA TRP B 59 -29.47 19.21 -11.65
C TRP B 59 -30.89 18.68 -11.72
N SER B 60 -31.15 17.69 -12.57
CA SER B 60 -32.26 16.81 -12.27
C SER B 60 -31.90 15.95 -11.06
N ASP B 61 -32.91 15.43 -10.39
CA ASP B 61 -32.85 14.53 -9.25
C ASP B 61 -32.47 15.22 -7.93
N HIS B 62 -32.06 16.49 -7.94
CA HIS B 62 -31.68 17.13 -6.69
C HIS B 62 -32.92 17.57 -5.91
N ALA B 63 -32.81 17.54 -4.58
CA ALA B 63 -33.91 17.90 -3.70
C ALA B 63 -33.37 18.30 -2.34
N ILE B 64 -34.29 18.57 -1.41
CA ILE B 64 -33.96 19.05 -0.06
C ILE B 64 -34.37 17.99 0.95
N TRP B 65 -33.72 17.99 2.11
CA TRP B 65 -33.97 16.92 3.06
C TRP B 65 -34.54 17.36 4.39
N TRP B 66 -34.06 18.47 4.99
CA TRP B 66 -34.61 18.91 6.28
C TRP B 66 -34.46 17.84 7.35
N GLU B 67 -33.23 17.68 7.87
CA GLU B 67 -32.96 16.65 8.87
C GLU B 67 -33.94 16.66 10.04
N GLN B 68 -34.37 17.85 10.49
CA GLN B 68 -35.03 17.97 11.78
C GLN B 68 -36.29 17.11 11.90
N LYS B 69 -37.12 17.10 10.86
CA LYS B 69 -38.42 16.42 10.96
C LYS B 69 -38.54 15.23 10.00
N ARG B 70 -37.40 14.70 9.52
CA ARG B 70 -37.35 13.39 8.86
C ARG B 70 -38.27 13.32 7.64
N GLN B 71 -38.14 14.28 6.75
CA GLN B 71 -38.96 14.36 5.56
C GLN B 71 -38.07 14.54 4.34
N TRP B 72 -38.68 14.49 3.16
CA TRP B 72 -38.06 14.96 1.93
C TRP B 72 -38.92 16.07 1.35
N LEU B 73 -38.28 17.14 0.89
CA LEU B 73 -39.00 18.32 0.42
C LEU B 73 -39.26 18.24 -1.08
N LEU B 74 -40.06 17.25 -1.46
CA LEU B 74 -40.46 17.05 -2.84
C LEU B 74 -41.66 17.90 -3.25
N GLN B 75 -42.23 18.67 -2.32
CA GLN B 75 -43.46 19.43 -2.55
C GLN B 75 -43.12 20.68 -3.37
N THR B 76 -43.24 20.55 -4.69
CA THR B 76 -42.72 21.59 -5.58
C THR B 76 -43.46 22.92 -5.42
N HIS B 77 -44.74 22.90 -5.05
CA HIS B 77 -45.55 24.11 -5.08
C HIS B 77 -45.94 24.66 -3.71
N TRP B 78 -45.65 23.94 -2.62
CA TRP B 78 -45.96 24.45 -1.30
C TRP B 78 -45.09 25.67 -0.98
N THR B 79 -45.43 26.36 0.11
CA THR B 79 -44.63 27.46 0.62
C THR B 79 -43.88 27.04 1.87
N LEU B 80 -42.89 27.86 2.26
CA LEU B 80 -42.07 27.53 3.43
C LEU B 80 -42.89 27.56 4.71
N ASP B 81 -43.82 28.50 4.83
CA ASP B 81 -44.64 28.59 6.03
C ASP B 81 -45.62 27.42 6.16
N LYS B 82 -45.78 26.61 5.12
CA LYS B 82 -46.57 25.40 5.23
C LYS B 82 -45.87 24.30 6.03
N TYR B 83 -44.57 24.45 6.27
CA TYR B 83 -43.83 23.50 7.07
C TYR B 83 -43.21 24.10 8.31
N GLY B 84 -43.16 25.42 8.43
CA GLY B 84 -42.47 26.05 9.54
C GLY B 84 -40.98 26.09 9.38
N ILE B 85 -40.48 26.44 8.19
CA ILE B 85 -39.04 26.52 7.96
C ILE B 85 -38.50 27.73 8.69
N LEU B 86 -37.56 27.51 9.60
CA LEU B 86 -36.81 28.57 10.24
C LEU B 86 -35.33 28.22 10.17
N ALA B 87 -34.48 29.17 10.60
CA ALA B 87 -33.05 28.97 10.48
C ALA B 87 -32.54 27.78 11.28
N ASP B 88 -33.33 27.27 12.22
CA ASP B 88 -32.90 26.12 13.02
C ASP B 88 -33.08 24.79 12.29
N ALA B 89 -33.93 24.76 11.27
CA ALA B 89 -34.16 23.53 10.50
C ALA B 89 -33.03 23.40 9.47
N ARG B 90 -32.08 22.52 9.74
CA ARG B 90 -30.93 22.37 8.85
C ARG B 90 -31.35 21.66 7.58
N LEU B 91 -31.29 22.36 6.46
CA LEU B 91 -31.65 21.80 5.17
C LEU B 91 -30.43 21.18 4.50
N PHE B 92 -30.68 20.16 3.67
CA PHE B 92 -29.63 19.46 2.94
C PHE B 92 -30.04 19.36 1.48
N PHE B 93 -29.30 20.03 0.61
CA PHE B 93 -29.52 19.98 -0.83
C PHE B 93 -28.53 18.98 -1.43
N GLY B 94 -29.06 17.86 -1.89
CA GLY B 94 -28.25 16.84 -2.53
C GLY B 94 -29.07 16.05 -3.52
N PRO B 95 -28.50 14.97 -4.04
CA PRO B 95 -29.27 14.07 -4.89
C PRO B 95 -30.04 13.06 -4.06
N GLN B 96 -31.23 12.68 -4.55
CA GLN B 96 -31.98 11.63 -3.88
C GLN B 96 -31.49 10.24 -4.26
N HIS B 97 -30.66 10.13 -5.30
CA HIS B 97 -29.98 8.88 -5.64
C HIS B 97 -28.54 8.98 -5.14
N ARG B 98 -28.28 8.33 -4.00
CA ARG B 98 -26.95 8.25 -3.43
C ARG B 98 -26.46 6.82 -3.53
N PRO B 99 -25.39 6.55 -4.28
CA PRO B 99 -24.97 5.16 -4.51
C PRO B 99 -24.67 4.40 -3.22
N VAL B 100 -25.10 3.15 -3.19
CA VAL B 100 -24.92 2.26 -2.03
C VAL B 100 -24.40 0.92 -2.51
N ILE B 101 -23.71 0.21 -1.63
CA ILE B 101 -23.23 -1.14 -1.94
C ILE B 101 -24.33 -2.12 -1.58
N LEU B 102 -24.82 -2.85 -2.59
CA LEU B 102 -25.90 -3.82 -2.43
C LEU B 102 -25.27 -5.20 -2.37
N ARG B 103 -25.36 -5.84 -1.20
CA ARG B 103 -24.81 -7.18 -1.04
C ARG B 103 -25.87 -8.20 -1.45
N LEU B 104 -25.57 -8.95 -2.51
CA LEU B 104 -26.47 -9.95 -3.04
C LEU B 104 -26.51 -11.17 -2.12
N PRO B 105 -27.60 -11.95 -2.18
CA PRO B 105 -27.59 -13.26 -1.54
C PRO B 105 -26.85 -14.32 -2.33
N ASN B 106 -26.10 -13.93 -3.36
CA ASN B 106 -25.46 -14.91 -4.22
C ASN B 106 -24.20 -15.40 -3.53
N ARG B 107 -23.16 -14.56 -3.56
CA ARG B 107 -22.05 -14.58 -2.63
C ARG B 107 -21.40 -13.20 -2.60
N ARG B 108 -21.86 -12.26 -3.43
CA ARG B 108 -21.10 -11.09 -3.84
C ARG B 108 -21.95 -9.85 -3.72
N ALA B 109 -21.43 -8.74 -4.24
CA ALA B 109 -22.12 -7.46 -4.17
C ALA B 109 -21.78 -6.66 -5.42
N LEU B 110 -22.62 -5.67 -5.70
CA LEU B 110 -22.35 -4.72 -6.78
C LEU B 110 -22.84 -3.35 -6.33
N ARG B 111 -22.14 -2.32 -6.77
CA ARG B 111 -22.36 -0.96 -6.32
C ARG B 111 -23.33 -0.26 -7.28
N LEU B 112 -24.57 -0.07 -6.84
CA LEU B 112 -25.57 0.65 -7.61
C LEU B 112 -26.09 1.83 -6.80
N ARG B 113 -26.78 2.74 -7.47
CA ARG B 113 -27.42 3.87 -6.81
C ARG B 113 -28.92 3.61 -6.72
N ALA B 114 -29.52 4.04 -5.62
CA ALA B 114 -30.93 3.81 -5.37
C ALA B 114 -31.57 5.10 -4.85
N SER B 115 -32.89 5.07 -4.70
CA SER B 115 -33.65 6.26 -4.34
C SER B 115 -33.82 6.33 -2.83
N PHE B 116 -33.34 7.43 -2.23
CA PHE B 116 -33.55 7.70 -0.81
C PHE B 116 -34.80 8.52 -0.54
N SER B 117 -35.41 9.12 -1.56
CA SER B 117 -36.67 9.83 -1.39
C SER B 117 -37.88 8.95 -1.63
N GLN B 118 -37.69 7.81 -2.29
CA GLN B 118 -38.75 6.87 -2.60
C GLN B 118 -39.02 5.99 -1.38
N PRO B 119 -40.29 5.64 -1.12
CA PRO B 119 -40.56 4.61 -0.12
C PRO B 119 -39.91 3.30 -0.54
N LEU B 120 -39.54 2.50 0.46
CA LEU B 120 -38.62 1.39 0.22
C LEU B 120 -39.12 0.44 -0.85
N PHE B 121 -40.41 0.09 -0.83
CA PHE B 121 -40.90 -0.95 -1.73
C PHE B 121 -40.79 -0.51 -3.20
N GLN B 122 -40.91 0.79 -3.46
CA GLN B 122 -40.72 1.29 -4.82
C GLN B 122 -39.25 1.55 -5.13
N ALA B 123 -38.47 1.94 -4.12
CA ALA B 123 -37.02 1.98 -4.29
C ALA B 123 -36.47 0.58 -4.50
N VAL B 124 -36.98 -0.40 -3.76
CA VAL B 124 -36.64 -1.80 -4.02
C VAL B 124 -37.05 -2.20 -5.43
N ALA B 125 -38.22 -1.74 -5.86
CA ALA B 125 -38.70 -2.05 -7.21
C ALA B 125 -37.72 -1.53 -8.26
N ALA B 126 -37.19 -0.32 -8.06
CA ALA B 126 -36.19 0.21 -8.98
C ALA B 126 -34.90 -0.60 -8.93
N ILE B 127 -34.58 -1.17 -7.77
CA ILE B 127 -33.40 -2.02 -7.66
C ILE B 127 -33.64 -3.34 -8.39
N CYS B 128 -34.78 -3.97 -8.14
CA CYS B 128 -35.10 -5.24 -8.79
C CYS B 128 -35.29 -5.05 -10.29
N ARG B 129 -35.96 -3.97 -10.70
CA ARG B 129 -36.18 -3.72 -12.12
C ARG B 129 -34.87 -3.52 -12.86
N LEU B 130 -33.89 -2.90 -12.22
CA LEU B 130 -32.55 -2.82 -12.79
C LEU B 130 -31.92 -4.19 -12.94
N LEU B 131 -32.10 -5.04 -11.92
CA LEU B 131 -31.44 -6.34 -11.86
C LEU B 131 -32.29 -7.48 -12.43
N SER B 132 -33.36 -7.16 -13.16
CA SER B 132 -34.18 -8.16 -13.86
C SER B 132 -34.78 -9.19 -12.91
N ILE B 133 -34.99 -8.82 -11.66
CA ILE B 133 -35.67 -9.68 -10.69
C ILE B 133 -37.12 -9.24 -10.68
N ARG B 134 -37.97 -9.94 -11.43
CA ARG B 134 -39.36 -9.56 -11.51
C ARG B 134 -40.07 -9.89 -10.20
N HIS B 135 -41.27 -9.31 -10.05
CA HIS B 135 -42.05 -9.39 -8.83
C HIS B 135 -41.23 -8.98 -7.62
N PRO B 136 -40.89 -7.69 -7.48
CA PRO B 136 -40.13 -7.24 -6.32
C PRO B 136 -40.94 -7.23 -5.03
N GLU B 137 -42.24 -7.56 -5.09
CA GLU B 137 -43.06 -7.60 -3.89
C GLU B 137 -42.57 -8.65 -2.89
N GLU B 138 -41.88 -9.68 -3.38
CA GLU B 138 -41.34 -10.72 -2.51
C GLU B 138 -40.01 -10.33 -1.87
N LEU B 139 -39.41 -9.22 -2.28
CA LEU B 139 -38.08 -8.84 -1.83
C LEU B 139 -38.13 -7.51 -1.07
N SER B 140 -37.10 -7.30 -0.26
CA SER B 140 -36.94 -6.06 0.48
C SER B 140 -35.46 -5.90 0.83
N LEU B 141 -35.12 -4.75 1.39
CA LEU B 141 -33.75 -4.44 1.76
C LEU B 141 -33.52 -4.71 3.25
N LEU B 142 -32.29 -5.10 3.57
CA LEU B 142 -31.92 -5.51 4.92
C LEU B 142 -30.60 -4.82 5.29
N ARG B 143 -30.55 -4.27 6.50
CA ARG B 143 -29.45 -3.42 6.90
C ARG B 143 -28.32 -4.24 7.53
N ALA B 144 -27.21 -3.56 7.85
CA ALA B 144 -26.03 -4.20 8.42
C ALA B 144 -26.22 -4.48 9.91
N PRO B 145 -25.57 -5.53 10.44
CA PRO B 145 -25.67 -5.87 11.87
C PRO B 145 -24.68 -5.10 12.73
N PRO B 175 -24.46 -0.77 -12.37
CA PRO B 175 -23.91 0.05 -11.29
C PRO B 175 -24.34 1.51 -11.34
N ALA B 176 -23.91 2.24 -12.37
CA ALA B 176 -24.16 3.66 -12.50
C ALA B 176 -24.93 3.89 -13.79
N LEU B 177 -26.26 3.86 -13.71
CA LEU B 177 -27.13 4.03 -14.86
C LEU B 177 -28.53 4.34 -14.34
N PHE B 178 -29.50 4.40 -15.25
CA PHE B 178 -30.90 4.66 -14.92
C PHE B 178 -31.82 4.39 -16.11
N ARG B 179 -32.87 3.59 -15.92
CA ARG B 179 -33.78 3.33 -17.04
C ARG B 179 -35.07 4.14 -17.06
N GLY B 180 -36.02 3.84 -16.15
CA GLY B 180 -37.37 4.41 -16.18
C GLY B 180 -38.52 3.46 -15.87
N MET B 181 -39.48 3.35 -16.82
CA MET B 181 -40.72 2.59 -16.78
C MET B 181 -40.52 1.16 -17.32
N PRO B 182 -41.61 0.31 -17.53
CA PRO B 182 -41.40 -1.09 -17.92
C PRO B 182 -40.23 -1.32 -18.87
N ALA B 183 -39.35 -2.23 -18.49
CA ALA B 183 -38.06 -2.41 -19.14
C ALA B 183 -38.22 -3.15 -20.47
N HIS B 184 -37.19 -3.03 -21.30
CA HIS B 184 -37.09 -3.72 -22.58
C HIS B 184 -35.98 -4.77 -22.51
N PHE B 185 -35.93 -5.62 -23.52
CA PHE B 185 -35.08 -6.80 -23.50
C PHE B 185 -34.29 -6.91 -24.79
N SER B 186 -32.97 -6.81 -24.69
CA SER B 186 -32.05 -7.22 -25.74
C SER B 186 -30.90 -7.90 -25.01
N ASP B 187 -31.07 -9.21 -24.73
CA ASP B 187 -30.20 -9.92 -23.80
C ASP B 187 -30.10 -9.15 -22.48
N SER B 188 -31.21 -8.53 -22.06
CA SER B 188 -31.20 -7.59 -20.95
C SER B 188 -30.32 -6.39 -21.24
N ALA B 189 -30.84 -5.39 -21.97
CA ALA B 189 -29.98 -4.35 -22.51
C ALA B 189 -29.25 -3.61 -21.40
N GLN B 190 -28.00 -4.02 -21.19
CA GLN B 190 -27.06 -3.41 -20.25
C GLN B 190 -25.69 -3.55 -20.91
N THR B 191 -25.26 -2.50 -21.60
CA THR B 191 -24.02 -2.58 -22.36
C THR B 191 -22.82 -2.36 -21.45
N GLU B 192 -21.67 -2.88 -21.90
CA GLU B 192 -20.34 -2.73 -21.29
C GLU B 192 -20.21 -3.49 -19.99
N ALA B 193 -21.33 -3.95 -19.42
CA ALA B 193 -21.35 -4.63 -18.14
C ALA B 193 -22.01 -5.98 -18.31
N CYS B 194 -21.39 -7.01 -17.74
CA CYS B 194 -21.90 -8.37 -17.83
C CYS B 194 -22.55 -8.76 -16.51
N TYR B 195 -23.70 -9.43 -16.60
CA TYR B 195 -24.43 -9.92 -15.45
C TYR B 195 -24.19 -11.41 -15.22
N HIS B 196 -22.99 -11.88 -15.52
CA HIS B 196 -22.67 -13.29 -15.39
C HIS B 196 -22.26 -13.70 -13.99
N MET B 197 -22.21 -12.76 -13.04
CA MET B 197 -22.02 -13.09 -11.64
C MET B 197 -23.32 -12.99 -10.83
N LEU B 198 -24.46 -12.80 -11.51
CA LEU B 198 -25.75 -12.91 -10.84
C LEU B 198 -26.79 -13.68 -11.64
N SER B 199 -26.56 -13.94 -12.93
CA SER B 199 -27.46 -14.78 -13.71
C SER B 199 -27.04 -16.25 -13.72
N ARG B 200 -25.76 -16.53 -13.46
CA ARG B 200 -25.22 -17.87 -13.43
C ARG B 200 -24.58 -18.13 -12.08
N PRO B 201 -24.77 -19.33 -11.51
CA PRO B 201 -24.23 -19.59 -10.17
C PRO B 201 -22.72 -19.67 -10.17
N GLN B 202 -22.14 -19.32 -9.05
CA GLN B 202 -20.70 -19.32 -8.82
C GLN B 202 -20.24 -20.66 -8.26
N PRO B 203 -18.95 -20.98 -8.38
CA PRO B 203 -18.44 -22.27 -7.92
C PRO B 203 -18.66 -22.45 -6.43
N PRO B 204 -18.68 -23.69 -5.95
CA PRO B 204 -19.06 -23.96 -4.55
C PRO B 204 -18.05 -23.39 -3.58
N PRO B 205 -18.46 -23.15 -2.34
CA PRO B 205 -17.58 -22.45 -1.39
C PRO B 205 -16.37 -23.28 -0.98
N ASP B 206 -15.35 -22.55 -0.55
CA ASP B 206 -14.21 -23.17 0.12
C ASP B 206 -14.65 -23.65 1.49
N PRO B 207 -14.38 -24.91 1.85
CA PRO B 207 -14.80 -25.40 3.18
C PRO B 207 -14.16 -24.66 4.35
N LEU B 208 -13.21 -23.75 4.10
CA LEU B 208 -12.63 -22.97 5.18
C LEU B 208 -13.59 -21.88 5.64
N LEU B 209 -14.11 -21.07 4.72
CA LEU B 209 -15.05 -20.03 5.09
C LEU B 209 -16.47 -20.56 5.26
N LEU B 210 -16.76 -21.73 4.67
CA LEU B 210 -18.03 -22.41 4.95
C LEU B 210 -18.15 -22.79 6.42
N GLN B 211 -17.02 -22.90 7.12
CA GLN B 211 -16.96 -23.35 8.50
C GLN B 211 -16.89 -22.22 9.51
N ARG B 212 -16.28 -21.08 9.15
CA ARG B 212 -16.03 -19.99 10.10
C ARG B 212 -17.21 -19.08 10.30
N LEU B 213 -18.11 -18.97 9.33
CA LEU B 213 -19.24 -18.06 9.45
C LEU B 213 -20.14 -18.49 10.61
N PRO B 214 -20.76 -17.52 11.29
CA PRO B 214 -21.65 -17.86 12.41
C PRO B 214 -22.99 -18.41 11.94
N ARG B 215 -22.98 -19.68 11.49
CA ARG B 215 -24.20 -20.33 11.04
C ARG B 215 -25.01 -21.05 12.12
N PRO B 216 -24.43 -21.90 12.98
CA PRO B 216 -25.26 -22.74 13.83
C PRO B 216 -25.56 -22.09 15.18
N SER B 217 -26.64 -22.56 15.79
CA SER B 217 -26.91 -22.36 17.22
C SER B 217 -28.26 -22.94 17.60
N SER B 218 -28.67 -22.70 18.85
CA SER B 218 -30.05 -22.86 19.26
C SER B 218 -30.97 -22.03 18.36
N LEU B 219 -32.28 -22.31 18.40
CA LEU B 219 -33.21 -21.60 17.54
C LEU B 219 -33.25 -20.12 17.84
N SER B 220 -32.96 -19.72 19.09
CA SER B 220 -33.01 -18.30 19.44
C SER B 220 -31.93 -17.49 18.75
N ASP B 221 -30.90 -18.13 18.20
CA ASP B 221 -29.91 -17.44 17.38
C ASP B 221 -30.23 -17.48 15.89
N LYS B 222 -31.20 -18.28 15.46
CA LYS B 222 -31.63 -18.26 14.07
C LYS B 222 -32.51 -17.07 13.75
N THR B 223 -33.18 -16.52 14.75
CA THR B 223 -34.11 -15.40 14.57
C THR B 223 -33.43 -14.05 14.65
N GLN B 224 -32.10 -14.02 14.68
CA GLN B 224 -31.36 -12.76 14.74
C GLN B 224 -31.52 -11.95 13.46
N LEU B 225 -31.52 -12.64 12.30
CA LEU B 225 -31.46 -11.95 11.02
C LEU B 225 -32.69 -11.12 10.75
N HIS B 226 -33.83 -11.52 11.32
CA HIS B 226 -35.11 -10.92 10.99
C HIS B 226 -35.41 -9.66 11.79
N SER B 227 -34.47 -9.16 12.59
CA SER B 227 -34.70 -7.94 13.35
C SER B 227 -34.25 -6.68 12.60
N ARG B 228 -33.65 -6.83 11.42
CA ARG B 228 -33.08 -5.69 10.71
C ARG B 228 -33.73 -5.47 9.34
N TRP B 229 -34.97 -5.92 9.14
CA TRP B 229 -35.71 -5.52 7.95
C TRP B 229 -35.98 -4.03 8.02
N LEU B 230 -35.74 -3.33 6.91
CA LEU B 230 -36.15 -1.95 6.82
C LEU B 230 -37.66 -1.89 6.54
N ASP B 231 -38.36 -1.04 7.28
CA ASP B 231 -39.80 -0.90 7.10
C ASP B 231 -40.08 -0.16 5.80
N SER B 232 -40.86 -0.79 4.91
CA SER B 232 -41.10 -0.28 3.57
C SER B 232 -42.15 0.83 3.54
N SER B 233 -42.60 1.31 4.71
CA SER B 233 -43.51 2.45 4.74
C SER B 233 -42.79 3.78 4.64
N ARG B 234 -41.50 3.81 4.98
CA ARG B 234 -40.69 5.02 4.94
C ARG B 234 -39.51 4.82 4.01
N CYS B 235 -38.93 5.94 3.58
CA CYS B 235 -37.82 5.92 2.65
C CYS B 235 -36.54 5.48 3.37
N LEU B 236 -35.46 5.34 2.59
CA LEU B 236 -34.17 4.92 3.15
C LEU B 236 -33.53 6.00 4.01
N MET B 237 -33.86 7.26 3.79
CA MET B 237 -33.20 8.33 4.53
C MET B 237 -33.86 8.55 5.90
N GLN B 238 -35.14 8.21 6.03
CA GLN B 238 -35.81 8.32 7.33
C GLN B 238 -35.38 7.22 8.29
N GLN B 239 -34.70 6.19 7.81
CA GLN B 239 -34.30 5.05 8.63
C GLN B 239 -32.80 5.04 8.95
N GLY B 240 -32.11 6.14 8.69
CA GLY B 240 -30.71 6.23 9.06
C GLY B 240 -29.73 5.54 8.14
N ILE B 241 -30.14 5.23 6.90
CA ILE B 241 -29.23 4.72 5.89
C ILE B 241 -28.73 5.91 5.07
N LYS B 242 -27.42 6.10 5.05
CA LYS B 242 -26.80 7.23 4.37
C LYS B 242 -26.11 6.74 3.10
N ALA B 243 -25.51 7.69 2.39
CA ALA B 243 -24.81 7.37 1.15
C ALA B 243 -23.66 6.42 1.41
N GLY B 244 -23.59 5.35 0.61
CA GLY B 244 -22.51 4.39 0.70
C GLY B 244 -22.71 3.27 1.70
N ASP B 245 -23.78 3.31 2.49
CA ASP B 245 -24.00 2.26 3.47
C ASP B 245 -24.23 0.91 2.80
N ALA B 246 -23.91 -0.16 3.52
CA ALA B 246 -24.10 -1.51 3.01
C ALA B 246 -25.50 -1.99 3.33
N LEU B 247 -26.13 -2.64 2.35
CA LEU B 247 -27.46 -3.20 2.52
C LEU B 247 -27.51 -4.57 1.84
N TRP B 248 -28.21 -5.51 2.47
CA TRP B 248 -28.36 -6.87 1.95
C TRP B 248 -29.75 -7.04 1.37
N LEU B 249 -29.83 -7.63 0.18
CA LEU B 249 -31.09 -7.86 -0.51
C LEU B 249 -31.37 -9.36 -0.50
N ARG B 250 -32.22 -9.80 0.42
CA ARG B 250 -32.64 -11.18 0.49
C ARG B 250 -34.14 -11.27 0.29
N PHE B 251 -34.60 -12.45 -0.11
CA PHE B 251 -36.03 -12.68 -0.25
C PHE B 251 -36.68 -12.66 1.13
N LYS B 252 -37.80 -11.93 1.24
CA LYS B 252 -38.43 -11.65 2.51
C LYS B 252 -39.63 -12.54 2.79
N TYR B 253 -40.47 -12.77 1.79
CA TYR B 253 -41.67 -13.59 1.92
C TYR B 253 -41.46 -14.88 1.14
N TYR B 254 -41.56 -16.02 1.83
CA TYR B 254 -41.32 -17.31 1.21
C TYR B 254 -42.52 -17.74 0.39
N SER B 255 -42.94 -16.89 -0.56
CA SER B 255 -44.11 -17.15 -1.40
C SER B 255 -43.80 -16.65 -2.80
N PHE B 256 -43.32 -17.56 -3.64
CA PHE B 256 -42.92 -17.22 -5.00
C PHE B 256 -44.07 -17.49 -5.96
N PHE B 257 -44.30 -16.57 -6.89
CA PHE B 257 -45.50 -16.59 -7.72
C PHE B 257 -45.26 -17.15 -9.11
N ASP B 258 -44.40 -16.50 -9.90
CA ASP B 258 -44.19 -16.92 -11.29
C ASP B 258 -43.04 -17.92 -11.33
N LEU B 259 -43.36 -19.18 -11.11
CA LEU B 259 -42.40 -20.27 -11.15
C LEU B 259 -42.19 -20.68 -12.60
N ASP B 260 -41.17 -20.10 -13.23
CA ASP B 260 -40.84 -20.46 -14.61
C ASP B 260 -39.36 -20.21 -14.86
N PRO B 261 -38.63 -21.25 -15.27
CA PRO B 261 -37.17 -21.13 -15.42
C PRO B 261 -36.71 -20.44 -16.68
N LYS B 262 -37.62 -19.91 -17.50
CA LYS B 262 -37.26 -19.32 -18.79
C LYS B 262 -37.38 -17.82 -18.85
N THR B 263 -38.33 -17.23 -18.10
CA THR B 263 -38.58 -15.79 -18.25
C THR B 263 -37.57 -14.94 -17.49
N ASP B 264 -37.14 -15.39 -16.32
CA ASP B 264 -36.31 -14.61 -15.41
C ASP B 264 -35.13 -15.44 -14.93
N PRO B 265 -34.05 -15.50 -15.71
CA PRO B 265 -32.87 -16.26 -15.25
C PRO B 265 -32.20 -15.66 -14.03
N VAL B 266 -32.30 -14.35 -13.82
CA VAL B 266 -31.66 -13.72 -12.67
C VAL B 266 -32.47 -13.97 -11.40
N ARG B 267 -33.80 -13.80 -11.46
CA ARG B 267 -34.66 -14.15 -10.34
C ARG B 267 -34.52 -15.63 -9.98
N LEU B 268 -34.26 -16.47 -10.99
CA LEU B 268 -34.06 -17.89 -10.75
C LEU B 268 -32.72 -18.14 -10.06
N THR B 269 -31.63 -17.62 -10.64
CA THR B 269 -30.29 -17.91 -10.14
C THR B 269 -30.12 -17.46 -8.70
N GLN B 270 -30.61 -16.26 -8.38
CA GLN B 270 -30.42 -15.71 -7.04
C GLN B 270 -31.14 -16.56 -6.00
N LEU B 271 -32.31 -17.09 -6.33
CA LEU B 271 -33.07 -17.85 -5.35
C LEU B 271 -32.41 -19.19 -5.05
N TYR B 272 -31.91 -19.88 -6.08
CA TYR B 272 -31.14 -21.10 -5.83
C TYR B 272 -29.96 -20.83 -4.92
N GLU B 273 -29.28 -19.70 -5.11
CA GLU B 273 -28.15 -19.35 -4.26
C GLU B 273 -28.59 -18.71 -2.96
N GLN B 274 -29.77 -18.07 -2.93
CA GLN B 274 -30.23 -17.46 -1.69
C GLN B 274 -30.59 -18.52 -0.65
N ALA B 275 -31.12 -19.65 -1.10
CA ALA B 275 -31.46 -20.72 -0.17
C ALA B 275 -30.24 -21.57 0.17
N ARG B 276 -29.37 -21.81 -0.81
CA ARG B 276 -28.20 -22.65 -0.58
C ARG B 276 -27.36 -22.11 0.58
N TRP B 277 -27.10 -20.80 0.58
CA TRP B 277 -26.29 -20.21 1.63
C TRP B 277 -27.00 -20.17 2.98
N ASP B 278 -28.29 -20.50 3.03
CA ASP B 278 -28.96 -20.71 4.30
C ASP B 278 -29.34 -22.18 4.50
N LEU B 279 -29.18 -23.02 3.49
CA LEU B 279 -29.35 -24.46 3.65
C LEU B 279 -28.03 -25.14 4.01
N LEU B 280 -26.98 -24.88 3.24
CA LEU B 280 -25.67 -25.44 3.53
C LEU B 280 -25.02 -24.78 4.75
N LEU B 281 -25.63 -23.73 5.29
CA LEU B 281 -25.18 -23.11 6.54
C LEU B 281 -26.12 -23.39 7.70
N GLU B 282 -26.93 -24.45 7.60
CA GLU B 282 -27.79 -24.88 8.72
C GLU B 282 -28.70 -23.77 9.22
N GLU B 283 -29.03 -22.80 8.38
CA GLU B 283 -30.09 -21.88 8.75
C GLU B 283 -31.46 -22.56 8.69
N ILE B 284 -31.58 -23.72 8.06
CA ILE B 284 -32.88 -24.37 7.93
C ILE B 284 -32.89 -25.86 8.28
N ASP B 285 -31.78 -26.59 8.33
CA ASP B 285 -31.78 -27.95 8.88
C ASP B 285 -32.58 -29.02 8.09
N CYS B 286 -31.91 -29.69 7.15
CA CYS B 286 -32.48 -30.82 6.41
C CYS B 286 -32.17 -32.17 7.09
N THR B 287 -32.50 -33.28 6.40
CA THR B 287 -32.40 -34.65 6.92
C THR B 287 -31.20 -35.40 6.32
N GLU B 288 -30.94 -36.60 6.88
CA GLU B 288 -29.78 -37.42 6.53
C GLU B 288 -29.92 -38.17 5.22
N GLU B 289 -31.13 -38.28 4.65
CA GLU B 289 -31.30 -38.86 3.33
C GLU B 289 -31.64 -37.85 2.24
N GLU B 290 -32.06 -36.63 2.63
CA GLU B 290 -32.36 -35.59 1.65
C GLU B 290 -31.12 -34.79 1.25
N MET B 291 -30.25 -34.44 2.20
CA MET B 291 -29.10 -33.60 1.89
C MET B 291 -28.20 -34.18 0.81
N MET B 292 -28.22 -35.50 0.62
CA MET B 292 -27.38 -36.12 -0.40
C MET B 292 -27.82 -35.72 -1.80
N VAL B 293 -29.13 -35.78 -2.07
CA VAL B 293 -29.61 -35.29 -3.35
C VAL B 293 -29.52 -33.76 -3.39
N PHE B 294 -29.72 -33.10 -2.25
CA PHE B 294 -29.47 -31.66 -2.17
C PHE B 294 -28.06 -31.33 -2.64
N ALA B 295 -27.06 -32.03 -2.10
CA ALA B 295 -25.68 -31.81 -2.52
C ALA B 295 -25.43 -32.32 -3.93
N ALA B 296 -26.18 -33.34 -4.36
CA ALA B 296 -26.00 -33.88 -5.71
C ALA B 296 -26.36 -32.86 -6.78
N LEU B 297 -27.34 -32.00 -6.50
CA LEU B 297 -27.74 -30.99 -7.48
C LEU B 297 -26.68 -29.90 -7.62
N GLN B 298 -26.15 -29.42 -6.50
CA GLN B 298 -25.13 -28.38 -6.54
C GLN B 298 -23.93 -28.80 -7.39
N TYR B 299 -23.62 -30.09 -7.40
CA TYR B 299 -22.58 -30.59 -8.30
C TYR B 299 -23.00 -30.41 -9.76
N HIS B 300 -24.23 -30.79 -10.09
CA HIS B 300 -24.70 -30.68 -11.46
C HIS B 300 -24.84 -29.23 -11.91
N ILE B 301 -25.22 -28.35 -10.99
CA ILE B 301 -25.40 -26.93 -11.35
C ILE B 301 -24.05 -26.29 -11.63
N ASN B 302 -23.07 -26.53 -10.76
CA ASN B 302 -21.74 -25.96 -10.98
C ASN B 302 -20.98 -26.67 -12.08
N LYS B 303 -21.35 -27.91 -12.40
CA LYS B 303 -20.72 -28.61 -13.51
C LYS B 303 -21.05 -27.97 -14.85
N LEU B 304 -22.15 -27.23 -14.94
CA LEU B 304 -22.57 -26.63 -16.20
C LEU B 304 -22.31 -25.13 -16.29
N SER B 305 -22.13 -24.45 -15.16
CA SER B 305 -21.76 -23.04 -15.20
C SER B 305 -20.35 -22.83 -15.73
N GLN B 306 -19.50 -23.85 -15.67
CA GLN B 306 -18.15 -23.79 -16.22
C GLN B 306 -18.06 -24.44 -17.60
N SER B 307 -19.18 -24.57 -18.30
CA SER B 307 -19.19 -25.19 -19.61
C SER B 307 -19.92 -24.31 -20.62
N UNK B 321 -24.46 -18.68 -34.71
CA UNK B 321 -23.12 -18.36 -35.20
C UNK B 321 -23.17 -17.23 -36.22
N UNK B 322 -22.99 -15.99 -35.75
CA UNK B 322 -23.05 -14.80 -36.60
C UNK B 322 -21.68 -14.16 -36.84
N UNK B 323 -20.61 -14.96 -36.84
CA UNK B 323 -19.26 -14.48 -37.10
C UNK B 323 -19.04 -14.22 -38.60
N UNK B 324 -19.31 -13.00 -39.04
CA UNK B 324 -19.42 -12.68 -40.47
C UNK B 324 -18.68 -11.41 -40.82
N UNK B 325 -17.64 -11.12 -40.01
CA UNK B 325 -17.24 -9.80 -39.57
C UNK B 325 -17.72 -8.69 -40.51
N UNK B 326 -17.09 -8.55 -41.69
CA UNK B 326 -17.42 -7.46 -42.60
C UNK B 326 -16.67 -7.52 -43.94
N UNK B 327 -16.98 -6.58 -44.84
CA UNK B 327 -16.18 -6.35 -46.04
C UNK B 327 -16.26 -4.88 -46.40
N UNK B 328 -15.22 -4.38 -47.07
CA UNK B 328 -15.16 -2.98 -47.48
C UNK B 328 -14.17 -2.76 -48.64
N PRO B 350 -34.14 5.85 -54.49
CA PRO B 350 -33.65 4.66 -53.80
C PRO B 350 -33.94 4.70 -52.30
N GLU B 351 -35.20 4.46 -51.93
CA GLU B 351 -35.64 4.60 -50.55
C GLU B 351 -36.06 3.26 -49.97
N LEU B 352 -36.10 3.20 -48.64
CA LEU B 352 -36.62 2.06 -47.90
C LEU B 352 -37.69 2.54 -46.95
N LYS B 353 -38.92 2.07 -47.13
CA LYS B 353 -40.05 2.48 -46.32
C LYS B 353 -40.85 1.26 -45.89
N ASP B 354 -40.98 1.07 -44.58
CA ASP B 354 -41.66 -0.11 -44.04
C ASP B 354 -42.24 0.23 -42.68
N HIS B 355 -43.18 -0.61 -42.24
CA HIS B 355 -43.75 -0.53 -40.89
C HIS B 355 -42.91 -1.39 -39.95
N LEU B 356 -42.14 -0.74 -39.09
CA LEU B 356 -41.30 -1.42 -38.11
C LEU B 356 -41.77 -1.10 -36.69
N ARG B 357 -41.24 -1.84 -35.73
CA ARG B 357 -41.43 -1.57 -34.32
C ARG B 357 -40.12 -1.00 -33.77
N ILE B 358 -40.18 0.22 -33.25
CA ILE B 358 -38.98 1.00 -32.94
C ILE B 358 -38.88 1.20 -31.43
N PHE B 359 -37.64 1.32 -30.97
CA PHE B 359 -37.34 1.44 -29.54
C PHE B 359 -36.16 2.38 -29.33
N ARG B 360 -36.35 3.42 -28.54
CA ARG B 360 -35.26 4.24 -28.03
C ARG B 360 -35.12 3.99 -26.53
N ILE B 361 -33.91 4.15 -26.01
CA ILE B 361 -33.74 3.80 -24.60
C ILE B 361 -34.36 4.91 -23.72
N PRO B 362 -33.71 6.08 -23.43
CA PRO B 362 -34.51 7.25 -23.08
C PRO B 362 -34.57 8.24 -24.23
N ARG B 363 -35.01 9.47 -24.01
CA ARG B 363 -34.79 10.41 -25.10
C ARG B 363 -33.30 10.54 -25.39
N ARG B 364 -32.56 11.30 -24.59
CA ARG B 364 -31.18 11.05 -24.21
C ARG B 364 -31.09 10.68 -22.72
N PRO B 365 -31.66 11.50 -21.79
CA PRO B 365 -31.51 11.17 -20.37
C PRO B 365 -32.76 10.57 -19.75
N ARG B 366 -32.58 9.73 -18.73
CA ARG B 366 -33.71 9.10 -18.05
C ARG B 366 -34.30 10.06 -17.02
N LYS B 367 -34.94 11.13 -17.53
CA LYS B 367 -35.63 12.09 -16.69
C LYS B 367 -37.15 11.89 -16.69
N LEU B 368 -37.65 10.94 -17.47
CA LEU B 368 -39.04 10.51 -17.47
C LEU B 368 -39.12 9.24 -18.31
N THR B 369 -40.33 8.79 -18.60
CA THR B 369 -40.57 7.43 -19.05
C THR B 369 -40.23 7.23 -20.51
N LEU B 370 -40.21 5.96 -20.89
CA LEU B 370 -40.17 5.43 -22.25
C LEU B 370 -41.49 4.67 -22.46
N LYS B 371 -41.59 3.90 -23.55
CA LYS B 371 -42.76 3.07 -23.74
C LYS B 371 -42.40 1.81 -24.53
N GLY B 372 -43.36 0.90 -24.57
CA GLY B 372 -43.20 -0.40 -25.20
C GLY B 372 -43.02 -0.30 -26.71
N TYR B 373 -43.02 -1.48 -27.33
CA TYR B 373 -42.74 -1.56 -28.77
C TYR B 373 -43.82 -0.85 -29.57
N ARG B 374 -43.47 0.31 -30.12
CA ARG B 374 -44.40 1.12 -30.89
C ARG B 374 -44.15 0.91 -32.38
N GLN B 375 -45.21 0.64 -33.12
CA GLN B 375 -45.13 0.49 -34.56
C GLN B 375 -45.09 1.87 -35.22
N HIS B 376 -44.01 2.17 -35.93
CA HIS B 376 -43.80 3.47 -36.53
C HIS B 376 -43.49 3.31 -38.01
N TRP B 377 -43.89 4.30 -38.80
CA TRP B 377 -43.67 4.32 -40.23
C TRP B 377 -42.27 4.86 -40.53
N VAL B 378 -41.36 3.98 -40.95
CA VAL B 378 -39.96 4.32 -41.12
C VAL B 378 -39.68 4.63 -42.58
N VAL B 379 -38.76 5.57 -42.81
CA VAL B 379 -38.27 5.91 -44.15
C VAL B 379 -36.76 6.10 -44.08
N PHE B 380 -36.03 5.33 -44.89
CA PHE B 380 -34.57 5.33 -44.95
C PHE B 380 -34.17 5.63 -46.39
N LYS B 381 -33.51 6.79 -46.60
CA LYS B 381 -33.27 7.27 -47.95
C LYS B 381 -31.81 7.29 -48.37
N GLU B 382 -30.99 8.19 -47.83
CA GLU B 382 -29.61 8.33 -48.33
C GLU B 382 -28.56 7.87 -47.33
N THR B 383 -28.49 8.50 -46.15
CA THR B 383 -27.71 8.02 -45.02
C THR B 383 -28.48 8.22 -43.73
N THR B 384 -29.57 9.00 -43.77
CA THR B 384 -30.37 9.37 -42.62
C THR B 384 -31.60 8.48 -42.54
N LEU B 385 -32.03 8.22 -41.31
CA LEU B 385 -33.18 7.36 -41.02
C LEU B 385 -34.25 8.21 -40.37
N SER B 386 -35.43 8.23 -40.97
CA SER B 386 -36.56 9.00 -40.46
C SER B 386 -37.75 8.07 -40.25
N TYR B 387 -38.56 8.38 -39.26
CA TYR B 387 -39.79 7.63 -39.05
C TYR B 387 -40.86 8.54 -38.50
N TYR B 388 -42.11 8.12 -38.70
CA TYR B 388 -43.29 8.89 -38.29
C TYR B 388 -44.26 7.94 -37.61
N LYS B 389 -45.48 8.39 -37.31
CA LYS B 389 -46.45 7.50 -36.70
C LYS B 389 -47.40 6.88 -37.71
N SER B 390 -47.55 7.47 -38.89
CA SER B 390 -48.34 6.91 -39.97
C SER B 390 -48.06 7.73 -41.23
N GLN B 391 -48.45 7.20 -42.38
CA GLN B 391 -48.17 7.87 -43.64
C GLN B 391 -48.91 9.20 -43.75
N ASP B 392 -50.12 9.29 -43.20
CA ASP B 392 -50.83 10.57 -43.24
C ASP B 392 -50.19 11.61 -42.32
N GLU B 393 -49.24 11.22 -41.49
CA GLU B 393 -48.45 12.15 -40.70
C GLU B 393 -47.03 12.31 -41.25
N ALA B 394 -46.80 11.94 -42.50
CA ALA B 394 -45.49 11.97 -43.11
C ALA B 394 -45.50 12.82 -44.37
N PRO B 395 -44.38 13.50 -44.69
CA PRO B 395 -43.14 13.54 -43.91
C PRO B 395 -43.11 14.68 -42.89
N GLY B 396 -44.28 15.07 -42.39
CA GLY B 396 -44.41 16.30 -41.63
C GLY B 396 -44.10 16.20 -40.14
N ASP B 397 -43.89 15.00 -39.61
CA ASP B 397 -43.65 14.82 -38.18
C ASP B 397 -42.45 13.89 -37.97
N PRO B 398 -41.23 14.39 -38.18
CA PRO B 398 -40.06 13.54 -37.91
C PRO B 398 -39.91 13.31 -36.42
N ILE B 399 -40.32 12.13 -35.97
CA ILE B 399 -40.21 11.81 -34.55
C ILE B 399 -38.75 11.75 -34.13
N GLN B 400 -37.90 11.24 -35.02
CA GLN B 400 -36.46 11.43 -34.95
C GLN B 400 -35.90 11.31 -36.37
N GLN B 401 -34.73 11.91 -36.58
CA GLN B 401 -34.01 11.75 -37.83
C GLN B 401 -32.51 11.84 -37.52
N LEU B 402 -31.78 10.81 -37.91
CA LEU B 402 -30.38 10.70 -37.55
C LEU B 402 -29.57 10.25 -38.76
N ASN B 403 -28.39 10.85 -38.92
CA ASN B 403 -27.48 10.51 -40.01
C ASN B 403 -26.53 9.43 -39.48
N LEU B 404 -26.77 8.18 -39.88
CA LEU B 404 -26.02 7.03 -39.39
C LEU B 404 -24.55 7.01 -39.85
N LYS B 405 -24.05 8.08 -40.47
CA LYS B 405 -22.69 8.15 -40.97
C LYS B 405 -21.75 8.20 -39.77
N GLY B 406 -21.47 7.03 -39.21
CA GLY B 406 -20.57 6.92 -38.08
C GLY B 406 -21.16 6.23 -36.86
N CYS B 407 -22.04 5.25 -37.06
CA CYS B 407 -22.71 4.56 -35.97
C CYS B 407 -22.25 3.11 -35.87
N GLU B 408 -22.14 2.62 -34.63
CA GLU B 408 -21.89 1.20 -34.38
C GLU B 408 -23.22 0.46 -34.44
N VAL B 409 -23.37 -0.43 -35.42
CA VAL B 409 -24.61 -1.17 -35.63
C VAL B 409 -24.34 -2.64 -35.34
N VAL B 410 -25.00 -3.17 -34.32
CA VAL B 410 -24.85 -4.57 -33.93
C VAL B 410 -26.20 -5.25 -33.99
N PRO B 411 -26.27 -6.50 -34.46
CA PRO B 411 -27.57 -7.17 -34.62
C PRO B 411 -27.97 -8.04 -33.44
N ASP B 412 -29.18 -8.60 -33.51
CA ASP B 412 -29.66 -9.58 -32.54
C ASP B 412 -30.67 -10.47 -33.26
N VAL B 413 -30.27 -11.69 -33.62
CA VAL B 413 -31.01 -12.52 -34.54
C VAL B 413 -31.29 -13.87 -33.91
N ASN B 414 -32.54 -14.33 -34.00
CA ASN B 414 -32.94 -15.68 -33.61
C ASN B 414 -33.89 -16.18 -34.70
N VAL B 415 -33.34 -16.93 -35.66
CA VAL B 415 -34.09 -17.26 -36.87
C VAL B 415 -35.31 -18.12 -36.54
N SER B 416 -35.20 -19.00 -35.55
CA SER B 416 -36.31 -19.84 -35.16
C SER B 416 -37.24 -19.17 -34.15
N GLY B 417 -36.90 -17.96 -33.69
CA GLY B 417 -37.73 -17.26 -32.73
C GLY B 417 -38.32 -15.99 -33.30
N GLN B 418 -38.11 -15.75 -34.60
CA GLN B 418 -38.60 -14.57 -35.29
C GLN B 418 -38.04 -13.28 -34.68
N LYS B 419 -36.87 -13.36 -34.08
CA LYS B 419 -36.23 -12.20 -33.48
C LYS B 419 -35.25 -11.61 -34.50
N PHE B 420 -35.60 -10.45 -35.06
CA PHE B 420 -34.75 -9.73 -36.01
C PHE B 420 -34.59 -8.32 -35.48
N CYS B 421 -33.63 -8.14 -34.58
CA CYS B 421 -33.43 -6.88 -33.87
C CYS B 421 -32.12 -6.22 -34.30
N ILE B 422 -32.18 -4.91 -34.49
CA ILE B 422 -31.02 -4.12 -34.91
C ILE B 422 -30.78 -3.05 -33.86
N LYS B 423 -29.55 -2.99 -33.35
CA LYS B 423 -29.13 -1.95 -32.41
C LYS B 423 -28.38 -0.87 -33.18
N LEU B 424 -28.78 0.39 -32.98
CA LEU B 424 -28.16 1.53 -33.63
C LEU B 424 -27.63 2.47 -32.55
N LEU B 425 -26.32 2.70 -32.54
CA LEU B 425 -25.69 3.64 -31.61
C LEU B 425 -25.35 4.90 -32.39
N VAL B 426 -26.24 5.90 -32.32
CA VAL B 426 -26.15 7.09 -33.16
C VAL B 426 -25.57 8.21 -32.32
N PRO B 427 -24.38 8.73 -32.65
CA PRO B 427 -23.85 9.89 -31.93
C PRO B 427 -24.71 11.12 -32.18
N SER B 428 -25.05 11.81 -31.11
CA SER B 428 -25.85 13.03 -31.11
C SER B 428 -25.14 14.10 -30.32
N PRO B 429 -25.53 15.36 -30.49
CA PRO B 429 -24.99 16.41 -29.60
C PRO B 429 -25.29 16.16 -28.14
N GLU B 430 -26.44 15.58 -27.83
CA GLU B 430 -26.80 15.21 -26.46
C GLU B 430 -26.34 13.81 -26.11
N GLY B 431 -25.05 13.54 -26.31
CA GLY B 431 -24.50 12.24 -26.00
C GLY B 431 -24.60 11.24 -27.14
N MET B 432 -25.60 10.36 -27.07
CA MET B 432 -25.78 9.30 -28.06
C MET B 432 -27.15 8.66 -27.91
N SER B 433 -27.87 8.50 -29.03
CA SER B 433 -29.21 7.92 -29.02
C SER B 433 -29.15 6.48 -29.52
N GLU B 434 -29.65 5.55 -28.71
CA GLU B 434 -29.75 4.15 -29.09
C GLU B 434 -31.14 3.88 -29.63
N ILE B 435 -31.22 3.17 -30.76
CA ILE B 435 -32.50 2.79 -31.35
C ILE B 435 -32.47 1.29 -31.64
N TYR B 436 -33.52 0.60 -31.21
CA TYR B 436 -33.66 -0.84 -31.41
C TYR B 436 -34.72 -1.08 -32.48
N LEU B 437 -34.26 -1.36 -33.71
CA LEU B 437 -35.17 -1.75 -34.77
C LEU B 437 -35.44 -3.24 -34.70
N ARG B 438 -36.69 -3.63 -34.95
CA ARG B 438 -37.10 -5.03 -34.94
C ARG B 438 -37.96 -5.28 -36.17
N CYS B 439 -37.55 -6.23 -37.01
CA CYS B 439 -38.15 -6.44 -38.31
C CYS B 439 -39.17 -7.58 -38.28
N GLN B 440 -39.86 -7.76 -39.40
CA GLN B 440 -40.91 -8.77 -39.53
C GLN B 440 -40.39 -10.02 -40.25
N ASP B 441 -39.97 -9.87 -41.50
CA ASP B 441 -39.58 -10.99 -42.33
C ASP B 441 -38.10 -11.30 -42.19
N GLU B 442 -37.73 -12.52 -42.56
CA GLU B 442 -36.31 -12.83 -42.71
C GLU B 442 -35.70 -12.03 -43.85
N GLN B 443 -36.53 -11.63 -44.83
CA GLN B 443 -36.06 -10.80 -45.94
C GLN B 443 -36.05 -9.32 -45.60
N GLN B 444 -37.01 -8.86 -44.80
CA GLN B 444 -37.02 -7.46 -44.41
C GLN B 444 -35.78 -7.11 -43.60
N TYR B 445 -35.34 -8.02 -42.73
CA TYR B 445 -34.14 -7.78 -41.94
C TYR B 445 -32.91 -7.62 -42.82
N ALA B 446 -32.80 -8.44 -43.87
CA ALA B 446 -31.59 -8.44 -44.68
C ALA B 446 -31.38 -7.12 -45.40
N ARG B 447 -32.46 -6.44 -45.78
CA ARG B 447 -32.33 -5.15 -46.44
C ARG B 447 -31.91 -4.06 -45.46
N TRP B 448 -32.62 -3.98 -44.33
CA TRP B 448 -32.35 -2.91 -43.37
C TRP B 448 -30.99 -3.07 -42.70
N MET B 449 -30.65 -4.31 -42.32
CA MET B 449 -29.34 -4.54 -41.71
C MET B 449 -28.21 -4.20 -42.66
N ALA B 450 -28.43 -4.34 -43.97
CA ALA B 450 -27.42 -3.91 -44.94
C ALA B 450 -27.42 -2.39 -45.10
N GLY B 451 -28.60 -1.76 -45.07
CA GLY B 451 -28.65 -0.32 -45.21
C GLY B 451 -28.06 0.41 -44.02
N CYS B 452 -28.36 -0.05 -42.82
CA CYS B 452 -27.76 0.55 -41.62
C CYS B 452 -26.29 0.22 -41.49
N ARG B 453 -25.84 -0.89 -42.07
CA ARG B 453 -24.43 -1.23 -42.08
C ARG B 453 -23.65 -0.45 -43.13
N LEU B 454 -24.31 0.03 -44.17
CA LEU B 454 -23.64 0.86 -45.17
C LEU B 454 -23.61 2.33 -44.76
N ALA B 455 -24.69 2.83 -44.17
CA ALA B 455 -24.65 4.17 -43.60
C ALA B 455 -23.60 4.28 -42.51
N SER B 456 -23.34 3.19 -41.79
CA SER B 456 -22.26 3.16 -40.80
C SER B 456 -20.90 3.34 -41.43
N LYS B 457 -20.76 3.09 -42.73
CA LYS B 457 -19.52 3.33 -43.46
C LYS B 457 -19.60 4.55 -44.36
N GLY B 458 -20.72 5.27 -44.36
CA GLY B 458 -20.90 6.45 -45.18
C GLY B 458 -21.57 6.19 -46.52
N ARG B 459 -21.18 5.11 -47.19
CA ARG B 459 -21.74 4.79 -48.49
C ARG B 459 -23.21 4.44 -48.38
N THR B 460 -23.93 4.64 -49.47
CA THR B 460 -25.39 4.49 -49.50
C THR B 460 -25.74 3.11 -50.02
N MET B 461 -27.04 2.88 -50.24
CA MET B 461 -27.54 1.67 -50.88
C MET B 461 -27.69 1.81 -52.39
N ALA B 462 -26.94 2.73 -53.00
CA ALA B 462 -27.00 2.96 -54.44
C ALA B 462 -25.89 2.25 -55.21
N ASP B 463 -25.03 1.50 -54.53
CA ASP B 463 -23.93 0.80 -55.18
C ASP B 463 -24.21 -0.70 -55.23
N SER B 464 -23.38 -1.39 -56.01
CA SER B 464 -23.52 -2.84 -56.15
C SER B 464 -23.32 -3.55 -54.81
N SER B 465 -22.59 -2.92 -53.89
CA SER B 465 -22.26 -3.59 -52.63
C SER B 465 -23.48 -3.79 -51.75
N TYR B 466 -24.51 -2.94 -51.87
CA TYR B 466 -25.74 -3.14 -51.13
C TYR B 466 -26.45 -4.41 -51.58
N THR B 467 -26.61 -4.57 -52.90
CA THR B 467 -27.12 -5.85 -53.41
C THR B 467 -26.14 -6.97 -53.10
N SER B 468 -24.84 -6.67 -53.13
CA SER B 468 -23.80 -7.63 -52.78
C SER B 468 -23.59 -7.77 -51.29
N GLU B 469 -24.48 -7.19 -50.47
CA GLU B 469 -24.50 -7.47 -49.04
C GLU B 469 -25.79 -8.13 -48.59
N VAL B 470 -26.91 -7.84 -49.25
CA VAL B 470 -28.15 -8.55 -48.97
C VAL B 470 -28.01 -10.01 -49.35
N GLN B 471 -27.26 -10.30 -50.43
CA GLN B 471 -27.01 -11.68 -50.80
C GLN B 471 -26.35 -12.45 -49.66
N ALA B 472 -25.34 -11.84 -49.03
CA ALA B 472 -24.61 -12.53 -47.97
C ALA B 472 -25.51 -12.84 -46.78
N ILE B 473 -26.43 -11.95 -46.46
CA ILE B 473 -27.32 -12.17 -45.32
C ILE B 473 -28.31 -13.27 -45.62
N LEU B 474 -29.06 -13.13 -46.71
CA LEU B 474 -30.08 -14.12 -47.04
C LEU B 474 -29.48 -15.50 -47.29
N ALA B 475 -28.28 -15.54 -47.88
CA ALA B 475 -27.62 -16.83 -48.08
C ALA B 475 -27.30 -17.50 -46.76
N PHE B 476 -26.95 -16.71 -45.73
CA PHE B 476 -26.68 -17.28 -44.42
C PHE B 476 -27.97 -17.64 -43.67
N LEU B 477 -29.06 -16.90 -43.92
CA LEU B 477 -30.32 -17.13 -43.24
C LEU B 477 -31.17 -18.19 -43.92
N SER B 478 -30.56 -19.10 -44.68
CA SER B 478 -31.30 -20.12 -45.41
C SER B 478 -31.08 -21.53 -44.84
N LEU B 479 -30.62 -21.64 -43.59
CA LEU B 479 -30.37 -22.95 -43.00
C LEU B 479 -30.16 -22.82 -41.49
N GLN B 480 -29.79 -23.95 -40.87
CA GLN B 480 -29.14 -24.07 -39.57
C GLN B 480 -30.02 -23.95 -38.32
N ARG B 481 -31.24 -23.45 -38.42
CA ARG B 481 -32.06 -23.27 -37.23
C ARG B 481 -33.11 -24.37 -37.19
N THR B 482 -32.88 -25.35 -36.32
CA THR B 482 -33.76 -26.51 -36.20
C THR B 482 -33.74 -27.03 -34.76
N PRO B 503 -14.33 -31.96 -5.51
CA PRO B 503 -15.80 -31.95 -5.42
C PRO B 503 -16.30 -32.75 -4.23
N TYR B 504 -16.01 -32.28 -3.02
CA TYR B 504 -16.46 -32.93 -1.79
C TYR B 504 -17.39 -32.06 -0.96
N GLY B 505 -16.96 -30.84 -0.64
CA GLY B 505 -17.67 -30.01 0.31
C GLY B 505 -18.89 -29.29 -0.21
N LEU B 506 -19.80 -30.02 -0.86
CA LEU B 506 -21.10 -29.49 -1.22
C LEU B 506 -22.11 -29.61 -0.09
N VAL B 507 -21.70 -30.15 1.05
CA VAL B 507 -22.60 -30.44 2.16
C VAL B 507 -22.31 -29.49 3.31
N ALA B 508 -23.33 -29.27 4.14
CA ALA B 508 -23.22 -28.40 5.30
C ALA B 508 -22.12 -28.91 6.24
N PRO B 509 -21.62 -28.05 7.14
CA PRO B 509 -20.56 -28.51 8.05
C PRO B 509 -20.98 -29.67 8.93
N ARG B 510 -22.26 -29.74 9.30
CA ARG B 510 -22.75 -30.82 10.17
C ARG B 510 -22.62 -32.18 9.51
N PHE B 511 -22.55 -32.25 8.19
CA PHE B 511 -22.40 -33.52 7.49
C PHE B 511 -20.94 -33.86 7.19
N GLN B 512 -20.03 -32.89 7.32
CA GLN B 512 -18.60 -33.13 7.17
C GLN B 512 -17.91 -33.35 8.50
N ARG B 513 -18.60 -33.15 9.64
CA ARG B 513 -18.03 -33.49 10.93
C ARG B 513 -17.83 -35.00 11.05
N LYS B 514 -18.88 -35.76 10.76
CA LYS B 514 -18.75 -37.18 10.46
C LYS B 514 -18.63 -37.30 8.94
N PHE B 515 -18.71 -38.53 8.42
CA PHE B 515 -18.84 -38.75 6.97
C PHE B 515 -17.64 -38.16 6.22
N LYS B 516 -16.51 -38.83 6.36
CA LYS B 516 -15.24 -38.36 5.79
C LYS B 516 -15.36 -38.01 4.31
N ALA B 517 -14.39 -37.22 3.81
CA ALA B 517 -14.44 -36.66 2.47
C ALA B 517 -14.32 -37.70 1.36
N LYS B 518 -14.27 -38.99 1.68
CA LYS B 518 -14.23 -40.04 0.67
C LYS B 518 -15.55 -40.79 0.51
N GLN B 519 -16.32 -40.92 1.58
CA GLN B 519 -17.57 -41.68 1.54
C GLN B 519 -18.73 -40.90 0.96
N LEU B 520 -18.55 -39.62 0.64
CA LEU B 520 -19.61 -38.85 -0.01
C LEU B 520 -19.52 -38.87 -1.52
N THR B 521 -18.34 -39.20 -2.08
CA THR B 521 -18.22 -39.32 -3.53
C THR B 521 -19.11 -40.40 -4.11
N PRO B 522 -19.18 -41.62 -3.56
CA PRO B 522 -20.19 -42.56 -4.07
C PRO B 522 -21.61 -42.12 -3.80
N ARG B 523 -21.89 -41.54 -2.62
CA ARG B 523 -23.26 -41.22 -2.27
C ARG B 523 -23.78 -40.04 -3.08
N ILE B 524 -22.93 -39.06 -3.38
CA ILE B 524 -23.36 -37.95 -4.22
C ILE B 524 -23.55 -38.39 -5.66
N LEU B 525 -22.53 -39.05 -6.23
CA LEU B 525 -22.60 -39.46 -7.63
C LEU B 525 -23.65 -40.54 -7.87
N GLU B 526 -23.91 -41.40 -6.88
CA GLU B 526 -24.99 -42.37 -7.04
C GLU B 526 -26.35 -41.67 -7.04
N ALA B 527 -26.56 -40.78 -6.07
CA ALA B 527 -27.80 -40.01 -6.02
C ALA B 527 -27.86 -38.92 -7.08
N HIS B 528 -26.79 -38.70 -7.83
CA HIS B 528 -26.78 -37.74 -8.93
C HIS B 528 -27.25 -38.35 -10.25
N GLN B 529 -27.24 -39.68 -10.37
CA GLN B 529 -27.59 -40.32 -11.63
C GLN B 529 -28.97 -39.93 -12.11
N ASN B 530 -29.91 -39.69 -11.19
CA ASN B 530 -31.25 -39.28 -11.58
C ASN B 530 -31.34 -37.82 -11.98
N VAL B 531 -30.36 -37.01 -11.57
CA VAL B 531 -30.38 -35.56 -11.79
C VAL B 531 -29.63 -35.16 -13.07
N ALA B 532 -28.98 -36.10 -13.74
CA ALA B 532 -28.27 -35.77 -14.96
C ALA B 532 -29.25 -35.33 -16.05
N GLN B 533 -28.79 -34.43 -16.92
CA GLN B 533 -29.57 -33.91 -18.05
C GLN B 533 -30.81 -33.15 -17.58
N LEU B 534 -30.66 -32.37 -16.52
CA LEU B 534 -31.78 -31.64 -15.96
C LEU B 534 -31.71 -30.13 -16.23
N SER B 535 -30.87 -29.68 -17.20
CA SER B 535 -31.01 -28.32 -17.69
C SER B 535 -30.72 -27.24 -16.65
N LEU B 536 -29.55 -26.61 -16.72
CA LEU B 536 -29.13 -25.52 -15.83
C LEU B 536 -30.29 -24.76 -15.19
N ALA B 537 -31.45 -24.67 -15.86
CA ALA B 537 -32.65 -24.02 -15.34
C ALA B 537 -33.55 -24.91 -14.47
N GLU B 538 -33.72 -26.21 -14.79
CA GLU B 538 -34.61 -27.05 -13.99
C GLU B 538 -33.96 -27.67 -12.77
N ALA B 539 -32.66 -27.98 -12.84
CA ALA B 539 -31.96 -28.48 -11.66
C ALA B 539 -32.02 -27.48 -10.51
N GLN B 540 -31.93 -26.19 -10.83
CA GLN B 540 -32.18 -25.17 -9.82
C GLN B 540 -33.63 -25.18 -9.37
N LEU B 541 -34.55 -25.41 -10.31
CA LEU B 541 -35.97 -25.51 -9.96
C LEU B 541 -36.22 -26.66 -8.99
N ARG B 542 -35.66 -27.83 -9.29
CA ARG B 542 -35.86 -28.99 -8.41
C ARG B 542 -35.16 -28.80 -7.07
N PHE B 543 -34.11 -28.00 -7.02
CA PHE B 543 -33.48 -27.65 -5.75
C PHE B 543 -34.46 -26.88 -4.87
N ILE B 544 -35.16 -25.89 -5.44
CA ILE B 544 -36.12 -25.13 -4.67
C ILE B 544 -37.36 -25.97 -4.37
N GLN B 545 -37.67 -26.95 -5.21
CA GLN B 545 -38.79 -27.85 -4.94
C GLN B 545 -38.53 -28.71 -3.71
N ALA B 546 -37.26 -28.95 -3.37
CA ALA B 546 -36.91 -29.74 -2.21
C ALA B 546 -36.64 -28.90 -0.97
N TRP B 547 -36.12 -27.67 -1.14
CA TRP B 547 -36.00 -26.77 0.00
C TRP B 547 -37.37 -26.34 0.51
N GLN B 548 -38.38 -26.30 -0.36
CA GLN B 548 -39.73 -25.98 0.06
C GLN B 548 -40.47 -27.19 0.63
N SER B 549 -39.96 -28.40 0.42
CA SER B 549 -40.65 -29.61 0.86
C SER B 549 -40.33 -30.00 2.29
N LEU B 550 -39.09 -29.80 2.74
CA LEU B 550 -38.73 -30.17 4.11
C LEU B 550 -39.58 -29.37 5.10
N PRO B 551 -39.87 -29.94 6.29
CA PRO B 551 -40.96 -29.38 7.11
C PRO B 551 -40.62 -28.07 7.84
N ASP B 552 -39.91 -27.14 7.18
CA ASP B 552 -39.90 -25.75 7.63
C ASP B 552 -40.35 -24.80 6.53
N PHE B 553 -39.55 -24.58 5.48
CA PHE B 553 -39.89 -23.82 4.28
C PHE B 553 -40.49 -22.43 4.53
N GLY B 554 -40.50 -21.96 5.80
CA GLY B 554 -40.66 -20.56 6.12
C GLY B 554 -40.11 -20.25 7.49
N ILE B 555 -38.97 -19.57 7.49
CA ILE B 555 -38.26 -19.23 8.70
C ILE B 555 -38.41 -17.74 8.98
N SER B 556 -39.53 -17.37 9.62
CA SER B 556 -39.74 -16.00 10.05
C SER B 556 -39.62 -15.87 11.55
N TYR B 557 -38.80 -16.73 12.16
CA TYR B 557 -38.69 -16.79 13.62
C TYR B 557 -38.52 -15.41 14.23
N VAL B 558 -39.44 -15.08 15.14
CA VAL B 558 -39.43 -13.85 15.89
C VAL B 558 -39.17 -14.24 17.33
N MET B 559 -38.09 -13.71 17.92
CA MET B 559 -37.88 -13.92 19.34
C MET B 559 -38.97 -13.14 20.06
N VAL B 560 -40.13 -13.75 20.29
CA VAL B 560 -41.35 -13.01 20.61
C VAL B 560 -41.61 -13.10 22.12
N ARG B 561 -42.58 -12.31 22.60
CA ARG B 561 -43.12 -12.35 23.95
C ARG B 561 -44.64 -12.51 23.86
N PHE B 562 -45.31 -12.50 25.02
CA PHE B 562 -46.76 -12.62 25.05
C PHE B 562 -47.30 -11.95 26.31
N LYS B 563 -48.58 -12.19 26.61
CA LYS B 563 -49.23 -11.53 27.74
C LYS B 563 -48.63 -11.89 29.09
N GLY B 564 -48.84 -13.12 29.55
CA GLY B 564 -48.32 -13.42 30.87
C GLY B 564 -46.97 -14.12 30.88
N SER B 565 -46.49 -14.45 29.69
CA SER B 565 -45.99 -15.77 29.37
C SER B 565 -45.05 -16.54 30.28
N ARG B 566 -43.74 -16.36 30.06
CA ARG B 566 -42.75 -17.05 30.86
C ARG B 566 -41.42 -16.32 30.81
N LYS B 567 -41.36 -15.17 30.10
CA LYS B 567 -40.20 -14.42 29.60
C LYS B 567 -39.73 -14.54 28.14
N ASP B 568 -39.99 -15.62 27.38
CA ASP B 568 -39.83 -15.38 25.94
C ASP B 568 -40.89 -15.96 25.02
N GLU B 569 -40.88 -17.28 24.76
CA GLU B 569 -41.74 -17.97 23.79
C GLU B 569 -41.67 -17.50 22.32
N ILE B 570 -40.77 -18.07 21.53
CA ILE B 570 -40.74 -17.89 20.07
C ILE B 570 -42.13 -17.95 19.42
N LEU B 571 -42.26 -17.29 18.26
CA LEU B 571 -43.48 -17.36 17.45
C LEU B 571 -43.06 -17.23 15.99
N GLY B 572 -43.00 -18.37 15.30
CA GLY B 572 -42.71 -18.37 13.88
C GLY B 572 -43.93 -17.99 13.06
N ILE B 573 -43.69 -17.35 11.92
CA ILE B 573 -44.74 -16.88 11.03
C ILE B 573 -44.52 -17.53 9.67
N ALA B 574 -45.43 -18.41 9.27
CA ALA B 574 -45.36 -19.00 7.94
C ALA B 574 -46.30 -18.26 7.00
N ASN B 575 -46.09 -18.47 5.70
CA ASN B 575 -46.96 -17.87 4.69
C ASN B 575 -48.42 -18.20 4.96
N ASN B 576 -48.70 -19.45 5.30
CA ASN B 576 -50.07 -19.83 5.65
C ASN B 576 -50.48 -19.20 6.98
N ARG B 577 -49.61 -19.26 7.98
CA ARG B 577 -49.98 -18.74 9.29
C ARG B 577 -48.76 -18.58 10.18
N LEU B 578 -48.90 -17.69 11.16
CA LEU B 578 -47.91 -17.58 12.22
C LEU B 578 -48.13 -18.69 13.23
N ILE B 579 -47.02 -19.28 13.69
CA ILE B 579 -47.04 -20.43 14.58
C ILE B 579 -46.36 -20.03 15.89
N ARG B 580 -47.15 -19.92 16.95
CA ARG B 580 -46.61 -19.71 18.29
C ARG B 580 -45.78 -20.92 18.69
N ILE B 581 -44.72 -20.69 19.46
CA ILE B 581 -43.77 -21.74 19.77
C ILE B 581 -43.39 -21.66 21.24
N ASP B 582 -43.16 -22.83 21.83
CA ASP B 582 -42.94 -22.95 23.26
C ASP B 582 -41.57 -22.40 23.65
N LEU B 583 -41.46 -22.01 24.92
CA LEU B 583 -40.17 -21.63 25.49
C LEU B 583 -39.19 -22.79 25.44
N ALA B 584 -39.69 -24.02 25.62
CA ALA B 584 -38.88 -25.22 25.55
C ALA B 584 -38.92 -25.79 24.12
N VAL B 585 -38.51 -27.03 23.95
CA VAL B 585 -38.62 -27.74 22.67
C VAL B 585 -39.98 -28.41 22.58
N GLY B 586 -40.49 -28.48 21.36
CA GLY B 586 -41.79 -29.06 21.09
C GLY B 586 -42.52 -28.22 20.06
N ASP B 587 -43.50 -28.85 19.40
CA ASP B 587 -44.36 -28.10 18.47
C ASP B 587 -45.73 -28.80 18.41
N VAL B 588 -46.62 -28.48 19.36
CA VAL B 588 -47.92 -29.14 19.40
C VAL B 588 -49.09 -28.20 19.68
N VAL B 589 -48.84 -26.89 19.87
CA VAL B 589 -49.95 -25.94 19.89
C VAL B 589 -49.56 -24.66 19.17
N LYS B 590 -49.91 -24.56 17.88
CA LYS B 590 -49.64 -23.32 17.15
C LYS B 590 -50.61 -23.03 16.01
N THR B 591 -51.79 -23.65 15.97
CA THR B 591 -52.61 -23.60 14.76
C THR B 591 -53.42 -22.30 14.74
N TRP B 592 -52.79 -21.24 14.21
CA TRP B 592 -53.44 -19.93 14.17
C TRP B 592 -54.27 -19.70 12.90
N ARG B 593 -54.47 -20.72 12.05
CA ARG B 593 -55.51 -20.69 11.01
C ARG B 593 -55.38 -19.65 9.88
N PHE B 594 -54.63 -20.00 8.82
CA PHE B 594 -54.55 -19.29 7.53
C PHE B 594 -55.66 -18.28 7.21
N SER B 595 -56.91 -18.63 7.53
CA SER B 595 -58.05 -17.73 7.45
C SER B 595 -57.95 -16.72 8.57
N ASN B 596 -59.03 -16.60 9.33
CA ASN B 596 -59.73 -15.45 9.87
C ASN B 596 -59.01 -14.10 9.94
N MET B 597 -58.11 -13.88 10.91
CA MET B 597 -57.36 -12.62 11.00
C MET B 597 -58.19 -11.38 10.63
N ARG B 598 -59.25 -11.06 11.39
CA ARG B 598 -60.15 -10.00 10.98
C ARG B 598 -59.50 -8.61 10.99
N GLN B 599 -58.45 -8.41 11.78
CA GLN B 599 -57.74 -7.12 11.84
C GLN B 599 -56.47 -7.31 12.67
N TRP B 600 -55.46 -6.49 12.39
CA TRP B 600 -54.26 -6.44 13.22
C TRP B 600 -53.88 -4.99 13.47
N ASN B 601 -54.12 -4.51 14.69
CA ASN B 601 -53.82 -3.14 15.06
C ASN B 601 -52.51 -3.09 15.84
N VAL B 602 -51.68 -2.10 15.49
CA VAL B 602 -50.46 -1.80 16.22
C VAL B 602 -50.62 -0.40 16.81
N ASN B 603 -50.00 -0.18 17.97
CA ASN B 603 -50.11 1.11 18.62
C ASN B 603 -48.80 1.49 19.30
N TRP B 604 -48.49 2.79 19.25
CA TRP B 604 -47.50 3.39 20.13
C TRP B 604 -47.96 3.39 21.58
N ASP B 605 -49.21 2.99 21.83
CA ASP B 605 -49.75 2.92 23.18
C ASP B 605 -48.91 2.02 24.07
N ILE B 606 -48.61 0.81 23.60
CA ILE B 606 -47.91 -0.18 24.41
C ILE B 606 -46.83 -0.89 23.62
N ARG B 607 -46.62 -0.44 22.38
CA ARG B 607 -45.77 -1.15 21.41
C ARG B 607 -46.29 -2.56 21.18
N GLN B 608 -47.60 -2.68 20.94
CA GLN B 608 -48.26 -3.99 20.90
C GLN B 608 -48.96 -4.20 19.55
N VAL B 609 -48.63 -5.31 18.89
CA VAL B 609 -49.42 -5.76 17.75
C VAL B 609 -50.62 -6.53 18.26
N ALA B 610 -51.79 -6.29 17.67
CA ALA B 610 -53.04 -6.89 18.12
C ALA B 610 -53.83 -7.38 16.91
N ILE B 611 -53.84 -8.70 16.71
CA ILE B 611 -54.45 -9.36 15.55
C ILE B 611 -55.81 -9.92 15.96
N GLU B 612 -56.79 -9.84 15.08
CA GLU B 612 -58.14 -10.12 15.57
C GLU B 612 -58.52 -11.59 15.68
N PHE B 613 -57.67 -12.55 15.29
CA PHE B 613 -58.06 -13.83 14.66
C PHE B 613 -59.52 -14.20 14.89
N ASP B 614 -59.82 -15.49 14.91
CA ASP B 614 -61.21 -15.91 14.80
C ASP B 614 -62.05 -15.44 15.98
N GLU B 615 -62.50 -14.19 15.93
CA GLU B 615 -63.58 -13.60 16.73
C GLU B 615 -63.22 -13.30 18.19
N HIS B 616 -61.94 -13.31 18.58
CA HIS B 616 -61.60 -13.06 19.98
C HIS B 616 -60.23 -12.42 20.08
N ILE B 617 -59.82 -12.15 21.32
CA ILE B 617 -58.59 -11.42 21.62
C ILE B 617 -57.57 -12.45 22.09
N ASN B 618 -56.81 -13.00 21.13
CA ASN B 618 -55.75 -13.97 21.42
C ASN B 618 -54.45 -13.55 20.76
N VAL B 619 -54.19 -12.25 20.81
CA VAL B 619 -53.12 -11.56 20.10
C VAL B 619 -52.31 -10.83 21.16
N ALA B 620 -51.71 -9.69 20.80
CA ALA B 620 -51.05 -8.82 21.77
C ALA B 620 -49.71 -9.36 22.31
N PHE B 621 -48.66 -9.18 21.50
CA PHE B 621 -47.29 -9.55 21.85
C PHE B 621 -46.31 -8.43 21.49
N SER B 622 -45.22 -8.31 22.24
CA SER B 622 -44.17 -7.34 21.92
C SER B 622 -42.94 -7.73 22.72
N CYS B 623 -41.99 -8.33 22.02
CA CYS B 623 -40.73 -8.85 22.52
C CYS B 623 -39.57 -7.91 22.21
N VAL B 624 -38.34 -8.42 22.36
CA VAL B 624 -37.16 -7.72 21.86
C VAL B 624 -37.07 -7.80 20.34
N SER B 625 -37.39 -8.97 19.77
CA SER B 625 -37.20 -9.22 18.34
C SER B 625 -37.87 -8.15 17.50
N ALA B 626 -37.58 -8.18 16.20
CA ALA B 626 -37.73 -7.08 15.26
C ALA B 626 -38.87 -6.14 15.61
N SER B 627 -38.57 -4.84 15.58
CA SER B 627 -39.48 -3.78 16.02
C SER B 627 -40.91 -4.13 15.64
N CYS B 628 -41.83 -4.06 16.61
CA CYS B 628 -43.18 -4.58 16.39
C CYS B 628 -43.82 -4.03 15.13
N ARG B 629 -43.26 -2.97 14.55
CA ARG B 629 -43.66 -2.50 13.24
C ARG B 629 -43.06 -3.34 12.12
N ILE B 630 -41.96 -4.06 12.37
CA ILE B 630 -41.45 -4.98 11.35
C ILE B 630 -42.30 -6.24 11.28
N VAL B 631 -42.82 -6.70 12.42
CA VAL B 631 -43.73 -7.83 12.41
C VAL B 631 -45.03 -7.48 11.71
N HIS B 632 -45.48 -6.23 11.85
CA HIS B 632 -46.72 -5.80 11.20
C HIS B 632 -46.61 -5.81 9.68
N GLU B 633 -45.39 -5.76 9.14
CA GLU B 633 -45.20 -5.83 7.70
C GLU B 633 -45.15 -7.27 7.19
N TYR B 634 -44.62 -8.19 7.99
CA TYR B 634 -44.63 -9.60 7.61
C TYR B 634 -46.06 -10.12 7.53
N ILE B 635 -46.92 -9.68 8.45
CA ILE B 635 -48.32 -10.10 8.43
C ILE B 635 -49.02 -9.53 7.20
N GLY B 636 -48.92 -8.22 6.99
CA GLY B 636 -49.52 -7.62 5.81
C GLY B 636 -48.91 -8.13 4.53
N GLY B 637 -47.63 -8.48 4.54
CA GLY B 637 -46.96 -8.99 3.37
C GLY B 637 -47.54 -10.30 2.85
N TYR B 638 -47.54 -11.33 3.69
CA TYR B 638 -48.06 -12.62 3.27
C TYR B 638 -49.54 -12.54 2.92
N ILE B 639 -50.29 -11.67 3.59
CA ILE B 639 -51.68 -11.43 3.21
C ILE B 639 -51.74 -10.78 1.83
N PHE B 640 -50.79 -9.88 1.54
CA PHE B 640 -50.69 -9.31 0.20
C PHE B 640 -50.23 -10.35 -0.82
N LEU B 641 -49.20 -11.12 -0.48
CA LEU B 641 -48.59 -12.06 -1.41
C LEU B 641 -49.40 -13.34 -1.62
N SER B 642 -50.61 -13.43 -1.05
CA SER B 642 -51.51 -14.53 -1.34
C SER B 642 -52.80 -14.07 -2.01
N THR B 643 -53.04 -12.77 -2.07
CA THR B 643 -54.25 -12.21 -2.65
C THR B 643 -53.90 -11.31 -3.82
N ARG B 644 -53.01 -11.78 -4.71
CA ARG B 644 -52.53 -10.92 -5.79
C ARG B 644 -53.32 -11.11 -7.08
N GLU B 645 -53.14 -12.26 -7.73
CA GLU B 645 -53.78 -12.53 -9.02
C GLU B 645 -53.49 -13.95 -9.51
N ARG B 646 -53.87 -14.25 -10.75
CA ARG B 646 -53.71 -15.59 -11.32
C ARG B 646 -52.86 -15.53 -12.59
N ALA B 647 -51.62 -16.01 -12.48
CA ALA B 647 -50.74 -16.28 -13.62
C ALA B 647 -50.26 -15.01 -14.34
N ARG B 648 -50.78 -13.84 -13.98
CA ARG B 648 -50.30 -12.58 -14.53
C ARG B 648 -49.59 -11.78 -13.45
N GLY B 649 -48.78 -10.82 -13.91
CA GLY B 649 -47.80 -10.15 -13.07
C GLY B 649 -48.36 -9.09 -12.14
N GLU B 650 -49.65 -8.73 -12.29
CA GLU B 650 -50.36 -7.85 -11.36
C GLU B 650 -49.68 -6.49 -11.18
N GLU B 651 -50.01 -5.52 -12.06
CA GLU B 651 -49.56 -4.15 -11.89
C GLU B 651 -49.43 -3.79 -10.42
N LEU B 652 -48.27 -3.26 -10.02
CA LEU B 652 -47.95 -3.10 -8.61
C LEU B 652 -48.87 -2.06 -7.97
N ASP B 653 -49.67 -2.49 -6.99
CA ASP B 653 -50.62 -1.63 -6.31
C ASP B 653 -49.96 -1.10 -5.04
N GLU B 654 -49.56 0.17 -5.07
CA GLU B 654 -48.88 0.76 -3.92
C GLU B 654 -49.85 1.16 -2.82
N ASP B 655 -51.04 1.64 -3.20
CA ASP B 655 -51.97 2.21 -2.22
C ASP B 655 -52.63 1.18 -1.33
N LEU B 656 -52.53 -0.12 -1.65
CA LEU B 656 -53.03 -1.17 -0.79
C LEU B 656 -51.95 -1.78 0.09
N PHE B 657 -50.72 -1.86 -0.40
CA PHE B 657 -49.60 -2.32 0.42
C PHE B 657 -49.43 -1.42 1.64
N LEU B 658 -49.62 -0.11 1.48
CA LEU B 658 -49.58 0.78 2.63
C LEU B 658 -50.72 0.49 3.59
N GLN B 659 -51.86 0.03 3.08
CA GLN B 659 -52.98 -0.30 3.95
C GLN B 659 -52.71 -1.56 4.76
N LEU B 660 -51.96 -2.52 4.20
CA LEU B 660 -51.57 -3.71 4.94
C LEU B 660 -50.33 -3.48 5.79
N THR B 661 -49.84 -2.25 5.87
CA THR B 661 -48.77 -1.89 6.79
C THR B 661 -49.07 -0.57 7.50
N GLY B 662 -50.25 -0.01 7.33
CA GLY B 662 -50.73 1.07 8.17
C GLY B 662 -50.30 2.44 7.68
N GLY B 663 -51.12 3.44 7.99
CA GLY B 663 -50.80 4.82 7.70
C GLY B 663 -51.25 5.29 6.33
N HIS B 664 -51.76 6.50 6.25
CA HIS B 664 -52.24 7.08 5.00
C HIS B 664 -51.17 7.98 4.39
N GLU B 665 -51.28 8.19 3.08
CA GLU B 665 -50.29 8.97 2.36
C GLU B 665 -50.92 9.50 1.08
N ALA B 666 -50.58 10.74 0.73
CA ALA B 666 -51.12 11.38 -0.46
C ALA B 666 -50.09 11.39 -1.59
N SER C 14 3.14 43.22 -40.47
CA SER C 14 2.26 42.86 -39.37
C SER C 14 1.24 41.83 -39.82
N SER C 15 1.73 40.74 -40.41
CA SER C 15 0.89 39.66 -40.90
C SER C 15 0.89 38.50 -39.91
N TRP C 16 -0.31 38.11 -39.49
CA TRP C 16 -0.62 37.24 -38.37
C TRP C 16 -1.70 36.31 -38.89
N GLU C 17 -2.67 35.96 -38.03
CA GLU C 17 -3.76 35.08 -38.42
C GLU C 17 -3.23 33.67 -38.63
N LEU C 18 -2.76 33.07 -37.53
CA LEU C 18 -2.13 31.76 -37.52
C LEU C 18 -3.12 30.67 -37.17
N ARG C 19 -2.65 29.43 -37.26
CA ARG C 19 -3.42 28.27 -36.85
C ARG C 19 -2.99 27.80 -35.46
N VAL C 20 -3.75 26.87 -34.91
CA VAL C 20 -3.55 26.42 -33.54
C VAL C 20 -3.06 24.98 -33.56
N PHE C 21 -2.11 24.68 -32.68
CA PHE C 21 -1.57 23.34 -32.49
C PHE C 21 -1.75 22.94 -31.03
N VAL C 22 -1.78 21.63 -30.81
CA VAL C 22 -1.78 21.06 -29.46
C VAL C 22 -0.51 20.25 -29.31
N GLY C 23 0.25 20.55 -28.27
CA GLY C 23 1.50 19.86 -27.98
C GLY C 23 1.41 19.12 -26.67
N GLU C 24 1.93 17.90 -26.64
CA GLU C 24 1.74 17.04 -25.50
C GLU C 24 2.61 17.48 -24.32
N GLU C 25 2.41 16.80 -23.20
CA GLU C 25 3.04 17.09 -21.94
C GLU C 25 3.86 15.87 -21.50
N ASP C 26 4.31 15.90 -20.23
CA ASP C 26 5.14 14.80 -19.74
C ASP C 26 4.29 13.55 -19.48
N PRO C 27 3.34 13.55 -18.52
CA PRO C 27 2.68 12.27 -18.19
C PRO C 27 1.81 11.64 -19.28
N GLU C 28 0.78 12.37 -19.70
CA GLU C 28 -0.25 11.94 -20.64
C GLU C 28 -0.28 12.92 -21.81
N ALA C 29 -1.35 12.85 -22.62
CA ALA C 29 -1.45 13.72 -23.78
C ALA C 29 -2.63 14.66 -23.60
N GLU C 30 -2.44 15.71 -22.78
CA GLU C 30 -3.37 16.85 -22.77
C GLU C 30 -2.70 18.00 -22.02
N SER C 31 -2.03 18.91 -22.73
CA SER C 31 -1.57 20.10 -22.01
C SER C 31 -1.81 21.47 -22.64
N VAL C 32 -1.13 21.74 -23.76
CA VAL C 32 -0.82 23.11 -24.17
C VAL C 32 -1.39 23.36 -25.57
N THR C 33 -1.71 24.63 -25.85
CA THR C 33 -2.15 25.05 -27.18
C THR C 33 -1.28 26.21 -27.64
N LEU C 34 -0.64 26.03 -28.79
CA LEU C 34 0.36 26.98 -29.29
C LEU C 34 -0.19 27.77 -30.47
N ARG C 35 0.56 28.79 -30.87
CA ARG C 35 0.22 29.69 -31.96
C ARG C 35 1.28 29.52 -33.05
N VAL C 36 0.90 28.85 -34.15
CA VAL C 36 1.86 28.48 -35.18
C VAL C 36 1.35 28.91 -36.55
N THR C 37 2.30 29.21 -37.44
CA THR C 37 2.04 29.66 -38.80
C THR C 37 2.07 28.47 -39.76
N GLY C 38 1.75 28.76 -41.03
CA GLY C 38 2.03 27.82 -42.08
C GLY C 38 3.51 27.60 -42.31
N GLU C 39 4.34 28.56 -41.89
CA GLU C 39 5.80 28.43 -41.94
C GLU C 39 6.34 29.16 -40.72
N SER C 40 6.90 28.41 -39.76
CA SER C 40 7.28 29.03 -38.50
C SER C 40 8.58 28.50 -37.89
N HIS C 41 9.38 27.71 -38.61
CA HIS C 41 10.72 27.35 -38.11
C HIS C 41 10.71 26.54 -36.81
N ILE C 42 10.63 25.21 -36.95
CA ILE C 42 10.60 24.22 -35.86
C ILE C 42 11.39 24.67 -34.64
N GLY C 43 12.58 25.24 -34.88
CA GLY C 43 13.39 25.73 -33.78
C GLY C 43 12.67 26.71 -32.87
N GLY C 44 11.82 27.57 -33.44
CA GLY C 44 11.02 28.44 -32.60
C GLY C 44 9.98 27.70 -31.80
N VAL C 45 9.40 26.66 -32.40
CA VAL C 45 8.29 25.92 -31.77
C VAL C 45 8.74 25.33 -30.43
N LEU C 46 10.02 24.99 -30.28
CA LEU C 46 10.50 24.48 -29.02
C LEU C 46 10.41 25.53 -27.91
N LEU C 47 10.93 26.72 -28.17
CA LEU C 47 10.89 27.79 -27.18
C LEU C 47 9.47 28.28 -26.94
N LYS C 48 8.62 28.26 -27.97
CA LYS C 48 7.24 28.67 -27.79
C LYS C 48 6.51 27.73 -26.84
N ILE C 49 6.96 26.48 -26.75
CA ILE C 49 6.34 25.53 -25.85
C ILE C 49 6.87 25.67 -24.43
N VAL C 50 8.16 25.99 -24.27
CA VAL C 50 8.69 26.16 -22.91
C VAL C 50 8.20 27.47 -22.30
N GLU C 51 7.91 28.48 -23.13
CA GLU C 51 7.32 29.71 -22.61
C GLU C 51 5.91 29.46 -22.06
N GLN C 52 5.14 28.63 -22.75
CA GLN C 52 3.78 28.32 -22.35
C GLN C 52 3.71 27.18 -21.33
N ILE C 53 4.84 26.62 -20.93
CA ILE C 53 4.90 25.68 -19.83
C ILE C 53 5.23 26.46 -18.57
N ASN C 54 4.33 26.40 -17.58
CA ASN C 54 4.51 27.17 -16.36
C ASN C 54 5.69 26.67 -15.52
N ARG C 55 6.09 25.41 -15.67
CA ARG C 55 7.17 24.83 -14.88
C ARG C 55 8.50 24.90 -15.65
N LYS C 56 9.58 24.71 -14.90
CA LYS C 56 10.93 24.76 -15.45
C LYS C 56 11.55 23.37 -15.40
N GLN C 57 12.08 22.92 -16.53
CA GLN C 57 12.70 21.60 -16.65
C GLN C 57 14.17 21.77 -17.07
N ASP C 58 14.79 20.64 -17.40
CA ASP C 58 16.01 20.59 -18.20
C ASP C 58 15.61 19.95 -19.52
N TRP C 59 15.47 20.76 -20.57
CA TRP C 59 14.90 20.24 -21.82
C TRP C 59 15.97 19.49 -22.60
N SER C 60 16.93 20.22 -23.16
CA SER C 60 18.27 19.76 -23.52
C SER C 60 18.34 18.67 -24.58
N ASP C 61 17.27 17.89 -24.77
CA ASP C 61 17.33 16.91 -25.85
C ASP C 61 16.01 16.77 -26.61
N HIS C 62 14.88 16.78 -25.90
CA HIS C 62 13.70 16.17 -26.48
C HIS C 62 12.97 17.13 -27.42
N ALA C 63 12.22 16.53 -28.34
CA ALA C 63 11.52 17.25 -29.40
C ALA C 63 10.16 16.59 -29.59
N ILE C 64 9.49 16.90 -30.70
CA ILE C 64 8.08 16.56 -30.92
C ILE C 64 7.97 15.44 -31.93
N TRP C 65 7.01 14.53 -31.70
CA TRP C 65 6.78 13.35 -32.54
C TRP C 65 5.28 13.26 -32.85
N TRP C 66 4.85 13.85 -33.96
CA TRP C 66 3.45 13.74 -34.34
C TRP C 66 3.20 12.38 -34.97
N GLU C 67 2.33 11.60 -34.36
CA GLU C 67 2.18 10.18 -34.71
C GLU C 67 1.73 9.99 -36.15
N GLN C 68 0.96 10.95 -36.70
CA GLN C 68 0.33 10.76 -38.01
C GLN C 68 1.35 10.42 -39.09
N LYS C 69 2.51 11.07 -39.07
CA LYS C 69 3.56 10.83 -40.05
C LYS C 69 4.78 10.14 -39.45
N ARG C 70 4.68 9.69 -38.19
CA ARG C 70 5.66 8.78 -37.59
C ARG C 70 7.03 9.41 -37.38
N GLN C 71 7.24 10.63 -37.85
CA GLN C 71 8.55 11.27 -37.75
C GLN C 71 8.74 11.91 -36.37
N TRP C 72 9.99 11.86 -35.88
CA TRP C 72 10.38 12.52 -34.65
C TRP C 72 10.87 13.93 -34.90
N LEU C 73 11.13 14.24 -36.17
CA LEU C 73 11.25 15.55 -36.81
C LEU C 73 12.49 16.38 -36.55
N LEU C 74 13.08 16.36 -35.36
CA LEU C 74 14.43 16.87 -35.08
C LEU C 74 15.03 17.80 -36.15
N GLN C 75 14.26 18.74 -36.71
CA GLN C 75 14.82 19.58 -37.77
C GLN C 75 15.48 20.83 -37.21
N THR C 76 14.68 21.67 -36.54
CA THR C 76 15.06 22.98 -36.01
C THR C 76 15.27 23.98 -37.14
N HIS C 77 15.37 23.49 -38.37
CA HIS C 77 15.69 24.31 -39.53
C HIS C 77 14.58 24.35 -40.56
N TRP C 78 13.88 23.24 -40.76
CA TRP C 78 12.78 23.18 -41.70
C TRP C 78 11.56 23.89 -41.13
N THR C 79 10.75 24.44 -42.02
CA THR C 79 9.50 25.07 -41.63
C THR C 79 8.37 24.04 -41.65
N LEU C 80 7.20 24.46 -41.16
CA LEU C 80 6.04 23.58 -41.17
C LEU C 80 5.61 23.22 -42.58
N ASP C 81 5.98 24.03 -43.58
CA ASP C 81 5.69 23.68 -44.96
C ASP C 81 6.28 22.33 -45.34
N LYS C 82 7.38 21.94 -44.71
CA LYS C 82 7.88 20.57 -44.79
C LYS C 82 7.33 19.75 -43.62
N TYR C 83 7.31 18.44 -43.81
CA TYR C 83 6.87 17.43 -42.84
C TYR C 83 5.37 17.51 -42.53
N GLY C 84 4.65 18.48 -43.09
CA GLY C 84 3.23 18.60 -42.84
C GLY C 84 2.82 19.75 -41.93
N ILE C 85 2.20 20.77 -42.52
CA ILE C 85 1.71 21.93 -41.77
C ILE C 85 0.52 21.59 -40.89
N LEU C 86 -0.09 20.42 -41.11
CA LEU C 86 -1.37 20.02 -40.56
C LEU C 86 -1.57 20.47 -39.13
N ALA C 87 -2.56 21.34 -38.91
CA ALA C 87 -2.89 21.81 -37.57
C ALA C 87 -3.58 20.74 -36.74
N ASP C 88 -4.20 19.76 -37.38
CA ASP C 88 -4.79 18.63 -36.69
C ASP C 88 -3.81 17.47 -36.52
N ALA C 89 -2.52 17.71 -36.69
CA ALA C 89 -1.51 16.67 -36.51
C ALA C 89 -1.25 16.44 -35.03
N ARG C 90 -1.20 15.17 -34.63
CA ARG C 90 -1.09 14.76 -33.23
C ARG C 90 0.34 14.91 -32.73
N LEU C 91 0.77 16.16 -32.61
CA LEU C 91 2.12 16.45 -32.14
C LEU C 91 2.28 16.06 -30.68
N PHE C 92 3.37 15.35 -30.37
CA PHE C 92 3.65 14.84 -29.03
C PHE C 92 4.99 15.39 -28.57
N PHE C 93 4.97 16.19 -27.51
CA PHE C 93 6.20 16.62 -26.84
C PHE C 93 6.45 15.67 -25.68
N GLY C 94 7.45 14.81 -25.80
CA GLY C 94 7.81 13.88 -24.77
C GLY C 94 9.31 13.84 -24.60
N PRO C 95 9.84 12.75 -24.01
CA PRO C 95 11.29 12.61 -23.91
C PRO C 95 11.87 11.97 -25.17
N GLN C 96 13.05 12.43 -25.55
CA GLN C 96 13.76 11.79 -26.66
C GLN C 96 14.60 10.61 -26.19
N HIS C 97 15.07 10.64 -24.95
CA HIS C 97 15.82 9.55 -24.36
C HIS C 97 15.00 8.95 -23.21
N ARG C 98 14.23 7.90 -23.51
CA ARG C 98 13.62 7.09 -22.47
C ARG C 98 13.30 5.67 -22.93
N PRO C 99 14.31 4.87 -23.31
CA PRO C 99 14.10 3.43 -23.47
C PRO C 99 13.91 2.67 -22.17
N VAL C 100 14.07 1.35 -22.24
CA VAL C 100 13.48 0.44 -21.27
C VAL C 100 14.54 -0.47 -20.64
N ILE C 101 14.08 -1.44 -19.86
CA ILE C 101 14.95 -2.40 -19.18
C ILE C 101 15.72 -3.21 -20.22
N LEU C 102 17.04 -3.26 -20.07
CA LEU C 102 17.90 -4.01 -20.98
C LEU C 102 18.09 -5.43 -20.48
N ARG C 103 18.04 -6.41 -21.38
CA ARG C 103 18.03 -7.80 -20.99
C ARG C 103 19.44 -8.39 -20.88
N LEU C 104 19.48 -9.57 -20.26
CA LEU C 104 20.67 -10.37 -20.05
C LEU C 104 21.13 -11.07 -21.33
N PRO C 105 22.43 -11.19 -21.52
CA PRO C 105 22.98 -12.45 -22.06
C PRO C 105 23.31 -13.42 -20.92
N ASN C 106 22.70 -13.19 -19.76
CA ASN C 106 23.08 -13.76 -18.47
C ASN C 106 21.86 -14.19 -17.67
N ARG C 107 21.97 -14.21 -16.33
CA ARG C 107 20.85 -14.51 -15.46
C ARG C 107 20.04 -13.29 -15.01
N ARG C 108 20.66 -12.11 -14.95
CA ARG C 108 20.05 -10.91 -14.39
C ARG C 108 19.98 -9.79 -15.43
N ALA C 109 19.32 -8.70 -15.08
CA ALA C 109 19.11 -7.61 -16.04
C ALA C 109 19.22 -6.26 -15.33
N LEU C 110 19.33 -5.21 -16.15
CA LEU C 110 19.43 -3.84 -15.67
C LEU C 110 18.77 -2.92 -16.67
N ARG C 111 18.11 -1.87 -16.18
CA ARG C 111 17.45 -0.90 -17.04
C ARG C 111 18.44 0.17 -17.48
N LEU C 112 18.20 0.73 -18.66
CA LEU C 112 19.00 1.86 -19.15
C LEU C 112 18.20 2.66 -20.15
N ARG C 113 18.68 3.88 -20.42
CA ARG C 113 18.06 4.75 -21.41
C ARG C 113 19.00 4.96 -22.58
N ALA C 114 18.39 5.09 -23.76
CA ALA C 114 19.06 5.22 -25.03
C ALA C 114 18.22 6.23 -25.82
N SER C 115 18.30 6.20 -27.15
CA SER C 115 17.49 7.06 -27.98
C SER C 115 16.25 6.31 -28.50
N PHE C 116 15.07 6.87 -28.26
CA PHE C 116 13.86 6.45 -28.93
C PHE C 116 13.70 7.09 -30.31
N SER C 117 14.47 8.13 -30.62
CA SER C 117 14.39 8.83 -31.89
C SER C 117 15.44 8.38 -32.90
N GLN C 118 16.57 7.86 -32.43
CA GLN C 118 17.61 7.40 -33.35
C GLN C 118 17.25 6.02 -33.91
N PRO C 119 17.65 5.74 -35.15
CA PRO C 119 17.46 4.39 -35.70
C PRO C 119 18.20 3.37 -34.84
N LEU C 120 17.70 2.14 -34.86
CA LEU C 120 18.07 1.18 -33.82
C LEU C 120 19.58 0.96 -33.75
N PHE C 121 20.24 0.78 -34.90
CA PHE C 121 21.68 0.54 -34.84
C PHE C 121 22.41 1.70 -34.20
N GLN C 122 21.85 2.92 -34.32
CA GLN C 122 22.42 4.06 -33.64
C GLN C 122 22.14 4.00 -32.14
N ALA C 123 20.94 3.54 -31.77
CA ALA C 123 20.63 3.36 -30.36
C ALA C 123 21.44 2.20 -29.76
N VAL C 124 21.52 1.08 -30.48
CA VAL C 124 22.30 -0.06 -30.02
C VAL C 124 23.76 0.33 -29.87
N ALA C 125 24.30 1.10 -30.82
CA ALA C 125 25.68 1.53 -30.73
C ALA C 125 25.93 2.37 -29.49
N ALA C 126 24.99 3.25 -29.15
CA ALA C 126 25.14 4.06 -27.95
C ALA C 126 25.00 3.22 -26.69
N ILE C 127 24.18 2.16 -26.73
CA ILE C 127 24.03 1.30 -25.57
C ILE C 127 25.30 0.50 -25.32
N CYS C 128 25.81 -0.16 -26.37
CA CYS C 128 27.04 -0.94 -26.22
C CYS C 128 28.23 -0.05 -25.88
N ARG C 129 28.30 1.13 -26.50
CA ARG C 129 29.37 2.07 -26.17
C ARG C 129 29.25 2.57 -24.74
N LEU C 130 28.03 2.59 -24.19
CA LEU C 130 27.84 2.95 -22.79
C LEU C 130 28.46 1.92 -21.86
N LEU C 131 28.25 0.64 -22.13
CA LEU C 131 28.76 -0.43 -21.28
C LEU C 131 30.01 -1.10 -21.84
N SER C 132 30.78 -0.38 -22.68
CA SER C 132 32.12 -0.78 -23.09
C SER C 132 32.15 -2.06 -23.93
N ILE C 133 31.09 -2.33 -24.68
CA ILE C 133 31.08 -3.46 -25.61
C ILE C 133 31.45 -2.91 -26.99
N ARG C 134 32.67 -3.22 -27.44
CA ARG C 134 33.12 -2.78 -28.74
C ARG C 134 32.34 -3.47 -29.85
N HIS C 135 32.43 -2.88 -31.05
CA HIS C 135 31.80 -3.41 -32.26
C HIS C 135 30.31 -3.70 -32.03
N PRO C 136 29.47 -2.67 -31.91
CA PRO C 136 28.04 -2.91 -31.69
C PRO C 136 27.28 -3.35 -32.92
N GLU C 137 27.93 -3.43 -34.09
CA GLU C 137 27.23 -3.84 -35.30
C GLU C 137 26.79 -5.31 -35.25
N GLU C 138 27.44 -6.14 -34.45
CA GLU C 138 27.06 -7.54 -34.31
C GLU C 138 25.97 -7.76 -33.29
N LEU C 139 25.51 -6.71 -32.60
CA LEU C 139 24.45 -6.81 -31.61
C LEU C 139 23.20 -6.10 -32.10
N SER C 140 22.06 -6.53 -31.56
CA SER C 140 20.78 -5.91 -31.86
C SER C 140 19.81 -6.21 -30.73
N LEU C 141 18.63 -5.60 -30.81
CA LEU C 141 17.58 -5.76 -29.83
C LEU C 141 16.45 -6.60 -30.39
N LEU C 142 15.80 -7.37 -29.52
CA LEU C 142 14.69 -8.22 -29.93
C LEU C 142 13.49 -7.99 -29.00
N ARG C 143 12.30 -8.16 -29.58
CA ARG C 143 11.02 -7.79 -29.00
C ARG C 143 10.61 -8.77 -27.88
N ALA C 144 9.48 -8.45 -27.23
CA ALA C 144 8.90 -9.20 -26.13
C ALA C 144 8.07 -10.39 -26.64
N PRO C 145 7.93 -11.45 -25.84
CA PRO C 145 7.23 -12.66 -26.27
C PRO C 145 5.75 -12.66 -25.87
N VAL C 173 22.73 -1.37 -11.01
CA VAL C 173 21.56 -1.81 -11.75
C VAL C 173 20.65 -0.62 -12.06
N ALA C 174 21.25 0.57 -12.24
CA ALA C 174 20.45 1.78 -12.46
C ALA C 174 21.09 2.75 -13.45
N PRO C 175 20.32 3.25 -14.42
CA PRO C 175 20.84 4.26 -15.34
C PRO C 175 20.49 5.70 -14.95
N ALA C 176 21.49 6.56 -14.85
CA ALA C 176 21.22 7.99 -14.79
C ALA C 176 22.27 8.81 -15.53
N LEU C 177 23.11 8.17 -16.34
CA LEU C 177 24.33 8.80 -16.84
C LEU C 177 24.13 9.45 -18.22
N PHE C 178 25.23 9.93 -18.76
CA PHE C 178 25.34 10.43 -20.12
C PHE C 178 26.81 10.60 -20.42
N ARG C 179 27.29 9.97 -21.49
CA ARG C 179 28.69 10.06 -21.88
C ARG C 179 28.87 10.75 -23.23
N GLY C 180 28.40 10.12 -24.32
CA GLY C 180 28.59 10.66 -25.65
C GLY C 180 30.05 10.68 -26.07
N MET C 181 30.36 10.56 -27.40
CA MET C 181 31.72 10.90 -27.86
C MET C 181 32.82 9.98 -27.31
N PRO C 182 33.43 9.12 -28.17
CA PRO C 182 34.20 7.94 -27.71
C PRO C 182 34.83 8.03 -26.33
N ALA C 183 34.58 7.00 -25.54
CA ALA C 183 34.77 7.03 -24.10
C ALA C 183 36.17 6.58 -23.69
N HIS C 184 36.54 6.99 -22.47
CA HIS C 184 37.82 6.70 -21.87
C HIS C 184 37.59 5.98 -20.55
N PHE C 185 38.69 5.55 -19.92
CA PHE C 185 38.62 4.64 -18.79
C PHE C 185 39.44 5.14 -17.60
N SER C 186 38.88 4.92 -16.41
CA SER C 186 39.59 5.04 -15.13
C SER C 186 39.21 3.85 -14.28
N ASP C 187 39.33 2.66 -14.88
CA ASP C 187 38.58 1.46 -14.50
C ASP C 187 37.12 1.63 -14.90
N SER C 188 36.89 1.97 -16.17
CA SER C 188 35.52 2.12 -16.67
C SER C 188 34.79 3.25 -15.97
N ALA C 189 34.91 4.49 -16.46
CA ALA C 189 34.61 5.65 -15.63
C ALA C 189 33.18 5.67 -15.12
N GLN C 190 33.05 5.22 -13.87
CA GLN C 190 31.86 5.35 -13.04
C GLN C 190 32.36 5.42 -11.60
N THR C 191 31.58 6.07 -10.74
CA THR C 191 32.02 6.31 -9.37
C THR C 191 30.86 6.12 -8.38
N GLU C 192 30.11 5.04 -8.55
CA GLU C 192 29.00 4.74 -7.65
C GLU C 192 28.79 3.24 -7.63
N ALA C 193 27.64 2.81 -7.11
CA ALA C 193 27.28 1.39 -7.06
C ALA C 193 26.40 1.06 -8.27
N CYS C 194 27.05 1.05 -9.43
CA CYS C 194 26.37 0.79 -10.70
C CYS C 194 26.26 -0.70 -11.02
N TYR C 195 26.77 -1.57 -10.14
CA TYR C 195 26.66 -3.01 -10.31
C TYR C 195 27.25 -3.44 -11.66
N HIS C 196 28.57 -3.34 -11.73
CA HIS C 196 29.28 -3.70 -12.95
C HIS C 196 29.36 -5.21 -13.06
N MET C 197 28.20 -5.87 -12.99
CA MET C 197 28.13 -7.31 -13.17
C MET C 197 28.37 -7.70 -14.62
N LEU C 198 28.34 -6.72 -15.53
CA LEU C 198 28.73 -6.94 -16.91
C LEU C 198 30.18 -7.39 -17.04
N SER C 199 30.97 -7.23 -15.97
CA SER C 199 32.40 -7.54 -16.01
C SER C 199 32.72 -8.97 -15.57
N ARG C 200 31.95 -9.52 -14.63
CA ARG C 200 32.30 -10.84 -14.11
C ARG C 200 31.24 -11.87 -14.49
N PRO C 201 31.66 -13.11 -14.77
CA PRO C 201 30.69 -14.16 -15.11
C PRO C 201 29.81 -14.52 -13.93
N GLN C 202 28.58 -14.92 -14.24
CA GLN C 202 27.59 -15.26 -13.23
C GLN C 202 27.82 -16.67 -12.70
N PRO C 203 27.47 -16.93 -11.45
CA PRO C 203 27.59 -18.28 -10.92
C PRO C 203 26.64 -19.23 -11.65
N PRO C 204 27.00 -20.51 -11.73
CA PRO C 204 26.21 -21.44 -12.53
C PRO C 204 24.87 -21.72 -11.85
N PRO C 205 23.84 -22.03 -12.63
CA PRO C 205 22.52 -22.28 -12.05
C PRO C 205 22.42 -23.64 -11.39
N ASP C 206 21.46 -23.75 -10.48
CA ASP C 206 21.08 -25.02 -9.89
C ASP C 206 20.05 -25.71 -10.77
N PRO C 207 19.98 -27.05 -10.73
CA PRO C 207 19.10 -27.77 -11.66
C PRO C 207 17.61 -27.47 -11.48
N LEU C 208 17.25 -26.60 -10.52
CA LEU C 208 15.85 -26.28 -10.33
C LEU C 208 15.33 -25.37 -11.45
N LEU C 209 16.01 -24.26 -11.70
CA LEU C 209 15.61 -23.39 -12.79
C LEU C 209 16.12 -23.90 -14.13
N LEU C 210 17.29 -24.53 -14.14
CA LEU C 210 17.85 -25.07 -15.38
C LEU C 210 16.98 -26.17 -15.97
N GLN C 211 16.11 -26.79 -15.16
CA GLN C 211 15.23 -27.86 -15.62
C GLN C 211 13.88 -27.34 -16.10
N ARG C 212 13.31 -26.36 -15.41
CA ARG C 212 11.96 -25.90 -15.71
C ARG C 212 11.91 -24.84 -16.81
N LEU C 213 13.05 -24.24 -17.16
CA LEU C 213 13.06 -23.22 -18.20
C LEU C 213 12.59 -23.81 -19.52
N PRO C 214 11.87 -23.05 -20.35
CA PRO C 214 11.43 -23.57 -21.65
C PRO C 214 12.59 -23.70 -22.63
N ARG C 215 12.89 -24.93 -23.00
CA ARG C 215 13.99 -25.23 -23.92
C ARG C 215 13.45 -25.87 -25.19
N PRO C 216 14.16 -25.75 -26.30
CA PRO C 216 13.67 -26.33 -27.55
C PRO C 216 13.80 -27.85 -27.56
N SER C 217 13.05 -28.47 -28.46
CA SER C 217 13.15 -29.90 -28.73
C SER C 217 13.35 -30.19 -30.21
N SER C 218 12.76 -29.39 -31.10
CA SER C 218 12.90 -29.54 -32.54
C SER C 218 13.39 -28.23 -33.13
N LEU C 219 13.82 -28.31 -34.40
CA LEU C 219 14.25 -27.12 -35.11
C LEU C 219 13.14 -26.08 -35.24
N SER C 220 11.89 -26.53 -35.37
CA SER C 220 10.76 -25.62 -35.53
C SER C 220 10.48 -24.82 -34.27
N ASP C 221 10.98 -25.26 -33.12
CA ASP C 221 10.83 -24.51 -31.88
C ASP C 221 11.93 -23.46 -31.69
N LYS C 222 13.04 -23.59 -32.41
CA LYS C 222 14.11 -22.60 -32.35
C LYS C 222 13.80 -21.35 -33.14
N THR C 223 12.74 -21.37 -33.94
CA THR C 223 12.42 -20.29 -34.87
C THR C 223 11.63 -19.15 -34.22
N GLN C 224 11.21 -19.29 -32.96
CA GLN C 224 10.44 -18.24 -32.32
C GLN C 224 11.30 -17.05 -31.95
N LEU C 225 12.50 -17.32 -31.43
CA LEU C 225 13.38 -16.26 -30.96
C LEU C 225 13.71 -15.25 -32.06
N HIS C 226 13.66 -15.66 -33.32
CA HIS C 226 14.03 -14.79 -34.43
C HIS C 226 12.84 -14.06 -35.05
N SER C 227 11.61 -14.30 -34.56
CA SER C 227 10.43 -13.65 -35.08
C SER C 227 10.20 -12.27 -34.50
N ARG C 228 11.08 -11.80 -33.62
CA ARG C 228 10.89 -10.53 -32.92
C ARG C 228 11.67 -9.35 -33.48
N TRP C 229 12.96 -9.58 -33.83
CA TRP C 229 14.10 -8.73 -33.44
C TRP C 229 13.85 -7.22 -33.52
N LEU C 230 14.06 -6.63 -34.68
CA LEU C 230 13.91 -5.21 -34.95
C LEU C 230 14.35 -5.01 -36.40
N ASP C 231 13.86 -3.95 -37.03
CA ASP C 231 14.30 -3.66 -38.37
C ASP C 231 15.64 -2.94 -38.39
N SER C 232 16.10 -2.39 -37.27
CA SER C 232 17.40 -1.74 -37.08
C SER C 232 17.59 -0.47 -37.92
N SER C 233 16.64 -0.12 -38.79
CA SER C 233 16.71 1.11 -39.56
C SER C 233 15.73 2.17 -39.08
N ARG C 234 14.73 1.79 -38.30
CA ARG C 234 13.75 2.72 -37.76
C ARG C 234 13.90 2.81 -36.24
N CYS C 235 13.48 3.94 -35.69
CA CYS C 235 13.68 4.18 -34.27
C CYS C 235 12.80 3.26 -33.43
N LEU C 236 13.01 3.31 -32.12
CA LEU C 236 12.30 2.40 -31.22
C LEU C 236 10.83 2.76 -31.05
N MET C 237 10.44 3.99 -31.35
CA MET C 237 9.05 4.41 -31.18
C MET C 237 8.17 4.08 -32.37
N GLN C 238 8.77 3.88 -33.56
CA GLN C 238 7.97 3.46 -34.71
C GLN C 238 7.48 2.03 -34.59
N GLN C 239 8.06 1.23 -33.68
CA GLN C 239 7.85 -0.20 -33.65
C GLN C 239 7.00 -0.66 -32.47
N GLY C 240 6.35 0.26 -31.76
CA GLY C 240 5.50 -0.11 -30.65
C GLY C 240 6.22 -0.42 -29.37
N ILE C 241 7.43 0.09 -29.17
CA ILE C 241 8.13 -0.02 -27.90
C ILE C 241 7.80 1.22 -27.08
N LYS C 242 7.20 1.01 -25.91
CA LYS C 242 6.81 2.09 -25.03
C LYS C 242 7.81 2.23 -23.89
N ALA C 243 7.88 3.43 -23.33
CA ALA C 243 8.80 3.68 -22.23
C ALA C 243 8.43 2.80 -21.03
N GLY C 244 9.46 2.24 -20.38
CA GLY C 244 9.26 1.34 -19.26
C GLY C 244 9.10 -0.11 -19.64
N ASP C 245 9.22 -0.45 -20.92
CA ASP C 245 9.02 -1.80 -21.41
C ASP C 245 10.22 -2.66 -21.04
N ALA C 246 10.33 -3.82 -21.66
CA ALA C 246 11.54 -4.63 -21.66
C ALA C 246 11.93 -4.93 -23.10
N LEU C 247 13.21 -4.82 -23.41
CA LEU C 247 13.71 -5.30 -24.69
C LEU C 247 15.00 -6.08 -24.47
N TRP C 248 15.22 -7.03 -25.37
CA TRP C 248 16.23 -8.07 -25.21
C TRP C 248 17.50 -7.68 -25.97
N LEU C 249 18.65 -7.74 -25.31
CA LEU C 249 19.94 -7.34 -25.90
C LEU C 249 20.87 -8.55 -25.94
N ARG C 250 21.01 -9.16 -27.11
CA ARG C 250 21.89 -10.31 -27.29
C ARG C 250 22.64 -10.17 -28.61
N PHE C 251 23.69 -10.98 -28.77
CA PHE C 251 24.45 -10.98 -30.00
C PHE C 251 23.62 -11.57 -31.14
N LYS C 252 23.70 -10.94 -32.31
CA LYS C 252 22.88 -11.29 -33.46
C LYS C 252 23.64 -11.99 -34.57
N TYR C 253 24.81 -11.48 -34.94
CA TYR C 253 25.61 -12.02 -36.03
C TYR C 253 26.78 -12.80 -35.45
N TYR C 254 26.87 -14.08 -35.81
CA TYR C 254 27.93 -14.96 -35.32
C TYR C 254 29.20 -14.79 -36.17
N SER C 255 29.64 -13.54 -36.26
CA SER C 255 30.89 -13.17 -36.93
C SER C 255 31.56 -12.13 -36.03
N PHE C 256 32.39 -12.61 -35.11
CA PHE C 256 32.99 -11.78 -34.08
C PHE C 256 34.37 -11.30 -34.50
N PHE C 257 34.63 -10.03 -34.29
CA PHE C 257 35.82 -9.34 -34.78
C PHE C 257 36.75 -8.99 -33.61
N ASP C 258 38.01 -9.38 -33.72
CA ASP C 258 39.09 -8.99 -32.80
C ASP C 258 38.71 -9.27 -31.34
N LEU C 259 38.65 -10.56 -31.01
CA LEU C 259 38.41 -11.01 -29.65
C LEU C 259 39.67 -10.79 -28.83
N ASP C 260 39.69 -9.72 -28.04
CA ASP C 260 40.83 -9.37 -27.20
C ASP C 260 40.44 -9.55 -25.74
N PRO C 261 41.09 -10.44 -25.00
CA PRO C 261 40.77 -10.62 -23.58
C PRO C 261 41.24 -9.47 -22.69
N LYS C 262 41.87 -8.44 -23.24
CA LYS C 262 42.34 -7.31 -22.46
C LYS C 262 41.59 -6.01 -22.74
N THR C 263 41.14 -5.79 -23.97
CA THR C 263 40.54 -4.51 -24.32
C THR C 263 39.09 -4.41 -23.87
N ASP C 264 38.32 -5.48 -24.03
CA ASP C 264 36.88 -5.48 -23.73
C ASP C 264 36.53 -6.73 -22.95
N PRO C 265 36.80 -6.75 -21.65
CA PRO C 265 36.38 -7.91 -20.84
C PRO C 265 34.88 -8.03 -20.70
N VAL C 266 34.14 -6.92 -20.82
CA VAL C 266 32.68 -6.99 -20.74
C VAL C 266 32.11 -7.58 -22.02
N ARG C 267 32.68 -7.23 -23.17
CA ARG C 267 32.26 -7.83 -24.43
C ARG C 267 32.55 -9.34 -24.44
N LEU C 268 33.64 -9.75 -23.79
CA LEU C 268 33.95 -11.17 -23.70
C LEU C 268 32.96 -11.90 -22.81
N THR C 269 32.80 -11.42 -21.57
CA THR C 269 31.95 -12.12 -20.60
C THR C 269 30.53 -12.28 -21.12
N GLN C 270 29.97 -11.23 -21.72
CA GLN C 270 28.61 -11.30 -22.24
C GLN C 270 28.49 -12.29 -23.38
N LEU C 271 29.55 -12.44 -24.20
CA LEU C 271 29.50 -13.41 -25.28
C LEU C 271 29.66 -14.83 -24.75
N TYR C 272 30.66 -15.05 -23.88
CA TYR C 272 30.81 -16.36 -23.24
C TYR C 272 29.54 -16.80 -22.55
N GLU C 273 28.88 -15.86 -21.85
CA GLU C 273 27.68 -16.23 -21.11
C GLU C 273 26.49 -16.48 -22.03
N GLN C 274 26.49 -15.90 -23.24
CA GLN C 274 25.43 -16.21 -24.18
C GLN C 274 25.58 -17.63 -24.74
N ALA C 275 26.82 -18.12 -24.86
CA ALA C 275 27.03 -19.43 -25.44
C ALA C 275 26.56 -20.54 -24.49
N ARG C 276 26.91 -20.43 -23.21
CA ARG C 276 26.47 -21.44 -22.24
C ARG C 276 24.95 -21.50 -22.19
N TRP C 277 24.29 -20.36 -22.22
CA TRP C 277 22.83 -20.34 -22.21
C TRP C 277 22.22 -20.75 -23.55
N ASP C 278 23.03 -20.98 -24.57
CA ASP C 278 22.59 -21.69 -25.75
C ASP C 278 23.06 -23.15 -25.75
N LEU C 279 23.93 -23.52 -24.81
CA LEU C 279 24.30 -24.91 -24.57
C LEU C 279 23.51 -25.52 -23.41
N LEU C 280 23.41 -24.80 -22.28
CA LEU C 280 22.66 -25.30 -21.14
C LEU C 280 21.17 -25.41 -21.45
N LEU C 281 20.69 -24.71 -22.48
CA LEU C 281 19.31 -24.81 -22.92
C LEU C 281 19.16 -25.70 -24.14
N GLU C 282 20.23 -26.39 -24.54
CA GLU C 282 20.20 -27.32 -25.68
C GLU C 282 19.77 -26.63 -26.98
N GLU C 283 20.12 -25.36 -27.14
CA GLU C 283 19.93 -24.68 -28.41
C GLU C 283 20.92 -25.16 -29.46
N ILE C 284 22.06 -25.69 -29.03
CA ILE C 284 23.05 -26.26 -29.94
C ILE C 284 23.54 -27.57 -29.36
N ASP C 285 23.92 -28.48 -30.25
CA ASP C 285 24.33 -29.80 -29.81
C ASP C 285 25.79 -29.81 -29.36
N CYS C 286 26.08 -30.74 -28.48
CA CYS C 286 27.41 -30.96 -27.94
C CYS C 286 27.88 -32.41 -28.15
N THR C 287 26.99 -33.40 -28.10
CA THR C 287 27.39 -34.72 -28.57
C THR C 287 28.65 -35.27 -27.88
N GLU C 288 28.50 -35.77 -26.63
CA GLU C 288 29.36 -35.71 -25.44
C GLU C 288 30.86 -35.52 -25.64
N GLU C 289 31.57 -35.45 -24.51
CA GLU C 289 33.03 -35.27 -24.44
C GLU C 289 33.49 -33.84 -24.67
N GLU C 290 32.75 -33.09 -25.48
CA GLU C 290 33.02 -31.68 -25.58
C GLU C 290 32.25 -30.94 -24.50
N MET C 291 31.09 -31.50 -24.14
CA MET C 291 30.33 -31.06 -22.98
C MET C 291 31.14 -31.14 -21.70
N MET C 292 32.02 -32.14 -21.59
CA MET C 292 32.88 -32.22 -20.41
C MET C 292 33.86 -31.05 -20.36
N VAL C 293 34.52 -30.78 -21.50
CA VAL C 293 35.43 -29.64 -21.56
C VAL C 293 34.68 -28.33 -21.37
N PHE C 294 33.47 -28.24 -21.94
CA PHE C 294 32.64 -27.07 -21.68
C PHE C 294 32.34 -26.94 -20.20
N ALA C 295 32.05 -28.04 -19.51
CA ALA C 295 31.91 -28.01 -18.07
C ALA C 295 33.25 -27.75 -17.39
N ALA C 296 34.33 -28.30 -17.94
CA ALA C 296 35.66 -28.08 -17.39
C ALA C 296 36.02 -26.59 -17.41
N LEU C 297 35.59 -25.86 -18.44
CA LEU C 297 35.88 -24.44 -18.52
C LEU C 297 34.96 -23.62 -17.63
N GLN C 298 33.65 -23.92 -17.65
CA GLN C 298 32.70 -23.20 -16.81
C GLN C 298 33.09 -23.28 -15.34
N TYR C 299 33.57 -24.44 -14.90
CA TYR C 299 34.06 -24.54 -13.53
C TYR C 299 35.31 -23.69 -13.33
N HIS C 300 36.23 -23.76 -14.29
CA HIS C 300 37.44 -22.94 -14.21
C HIS C 300 37.12 -21.47 -14.41
N ILE C 301 36.05 -21.16 -15.13
CA ILE C 301 35.61 -19.77 -15.26
C ILE C 301 35.22 -19.22 -13.90
N ASN C 302 34.46 -20.00 -13.13
CA ASN C 302 34.21 -19.69 -11.74
C ASN C 302 35.41 -20.16 -10.91
N LYS C 303 35.27 -20.11 -9.57
CA LYS C 303 36.29 -20.53 -8.61
C LYS C 303 37.48 -19.57 -8.60
N LEU C 304 37.58 -18.76 -9.64
CA LEU C 304 38.51 -17.63 -9.69
C LEU C 304 37.80 -16.34 -10.04
N SER C 305 36.54 -16.40 -10.48
CA SER C 305 35.69 -15.22 -10.51
C SER C 305 35.50 -14.64 -9.12
N GLN C 306 35.75 -15.44 -8.08
CA GLN C 306 35.74 -14.99 -6.70
C GLN C 306 37.14 -14.77 -6.15
N SER C 307 38.13 -14.63 -7.04
CA SER C 307 39.51 -14.39 -6.62
C SER C 307 39.92 -12.94 -6.90
N UNK C 324 46.54 5.55 1.53
CA UNK C 324 47.47 6.68 1.61
C UNK C 324 47.41 7.34 2.98
N UNK C 325 46.19 7.64 3.44
CA UNK C 325 45.92 8.13 4.80
C UNK C 325 46.68 9.43 5.09
N UNK C 326 46.24 10.47 4.39
CA UNK C 326 46.79 11.81 4.60
C UNK C 326 46.51 12.27 6.03
N UNK C 327 47.49 12.96 6.62
CA UNK C 327 47.39 13.48 7.97
C UNK C 327 47.78 14.95 7.98
N UNK C 328 47.15 15.72 8.86
CA UNK C 328 47.42 17.14 8.99
C UNK C 328 47.43 17.56 10.46
N PRO C 350 56.87 28.86 -5.99
CA PRO C 350 56.28 27.52 -6.00
C PRO C 350 55.65 27.18 -7.35
N GLU C 351 56.47 26.81 -8.32
CA GLU C 351 56.02 26.58 -9.69
C GLU C 351 55.99 25.09 -10.02
N LEU C 352 55.11 24.74 -10.95
CA LEU C 352 55.10 23.42 -11.59
C LEU C 352 54.94 23.64 -13.09
N LYS C 353 55.93 23.17 -13.86
CA LYS C 353 55.93 23.33 -15.31
C LYS C 353 56.24 21.98 -15.94
N ASP C 354 55.25 21.39 -16.61
CA ASP C 354 55.42 20.10 -17.25
C ASP C 354 54.41 19.94 -18.37
N HIS C 355 54.70 19.01 -19.27
CA HIS C 355 53.77 18.60 -20.32
C HIS C 355 53.07 17.32 -19.86
N LEU C 356 51.78 17.42 -19.57
CA LEU C 356 50.96 16.28 -19.20
C LEU C 356 49.96 15.96 -20.29
N ARG C 357 49.33 14.80 -20.17
CA ARG C 357 48.26 14.39 -21.06
C ARG C 357 46.94 14.50 -20.31
N ILE C 358 46.05 15.35 -20.79
CA ILE C 358 44.81 15.72 -20.10
C ILE C 358 43.62 15.17 -20.89
N PHE C 359 42.52 14.93 -20.18
CA PHE C 359 41.30 14.45 -20.82
C PHE C 359 40.11 15.28 -20.35
N ARG C 360 39.25 15.62 -21.32
CA ARG C 360 38.13 16.53 -21.16
C ARG C 360 37.15 16.06 -20.08
N ILE C 361 36.29 17.00 -19.68
CA ILE C 361 35.27 16.84 -18.65
C ILE C 361 33.89 16.80 -19.30
N PRO C 362 32.84 16.37 -18.57
CA PRO C 362 31.47 16.65 -19.01
C PRO C 362 30.88 17.91 -18.38
N ARG C 363 31.39 19.09 -18.74
CA ARG C 363 30.83 20.33 -18.19
C ARG C 363 29.34 20.43 -18.50
N ARG C 364 28.97 20.29 -19.76
CA ARG C 364 27.58 20.04 -20.13
C ARG C 364 27.56 18.69 -20.81
N PRO C 365 27.20 17.61 -20.09
CA PRO C 365 27.35 16.23 -20.60
C PRO C 365 27.12 16.05 -22.09
N ARG C 366 26.10 16.71 -22.62
CA ARG C 366 25.82 16.61 -24.05
C ARG C 366 26.75 17.46 -24.89
N LYS C 367 27.09 18.66 -24.40
CA LYS C 367 27.29 19.83 -25.24
C LYS C 367 28.22 19.65 -26.43
N LEU C 368 29.52 19.55 -26.18
CA LEU C 368 30.49 19.52 -27.26
C LEU C 368 30.98 18.10 -27.49
N THR C 369 31.97 17.96 -28.36
CA THR C 369 32.57 16.66 -28.58
C THR C 369 33.56 16.34 -27.46
N LEU C 370 34.00 15.09 -27.43
CA LEU C 370 35.08 14.66 -26.55
C LEU C 370 36.27 14.30 -27.44
N LYS C 371 37.29 15.15 -27.42
CA LYS C 371 38.52 14.84 -28.10
C LYS C 371 39.34 13.85 -27.28
N GLY C 372 40.30 13.20 -27.93
CA GLY C 372 41.12 12.21 -27.27
C GLY C 372 42.04 12.83 -26.23
N TYR C 373 42.96 12.01 -25.74
CA TYR C 373 43.98 12.49 -24.83
C TYR C 373 44.93 13.41 -25.57
N ARG C 374 44.87 14.71 -25.28
CA ARG C 374 45.76 15.69 -25.87
C ARG C 374 46.86 16.05 -24.88
N GLN C 375 48.09 16.15 -25.38
CA GLN C 375 49.22 16.58 -24.56
C GLN C 375 49.20 18.11 -24.45
N HIS C 376 49.19 18.60 -23.21
CA HIS C 376 49.03 20.02 -22.94
C HIS C 376 50.13 20.53 -22.02
N TRP C 377 50.48 21.80 -22.19
CA TRP C 377 51.44 22.48 -21.32
C TRP C 377 50.68 23.03 -20.12
N VAL C 378 50.83 22.38 -18.98
CA VAL C 378 50.09 22.73 -17.78
C VAL C 378 51.04 23.39 -16.79
N VAL C 379 50.51 24.35 -16.03
CA VAL C 379 51.26 25.03 -14.97
C VAL C 379 50.37 25.14 -13.75
N PHE C 380 50.88 24.70 -12.60
CA PHE C 380 50.12 24.64 -11.35
C PHE C 380 50.77 25.52 -10.30
N LYS C 381 50.06 26.56 -9.86
CA LYS C 381 50.60 27.52 -8.90
C LYS C 381 49.64 27.73 -7.73
N GLU C 382 49.97 27.09 -6.61
CA GLU C 382 49.50 27.33 -5.25
C GLU C 382 48.04 26.97 -4.95
N THR C 383 47.12 27.15 -5.89
CA THR C 383 45.80 26.54 -5.72
C THR C 383 45.17 26.31 -7.09
N THR C 384 45.58 27.11 -8.06
CA THR C 384 44.92 27.16 -9.35
C THR C 384 45.73 26.39 -10.39
N LEU C 385 45.03 25.73 -11.30
CA LEU C 385 45.65 24.92 -12.34
C LEU C 385 45.19 25.41 -13.70
N SER C 386 46.16 25.73 -14.55
CA SER C 386 45.89 26.18 -15.90
C SER C 386 46.71 25.36 -16.89
N TYR C 387 46.16 25.18 -18.09
CA TYR C 387 46.89 24.48 -19.13
C TYR C 387 46.56 25.11 -20.48
N TYR C 388 47.44 24.85 -21.45
CA TYR C 388 47.38 25.50 -22.75
C TYR C 388 47.59 24.41 -23.81
N LYS C 389 47.75 24.83 -25.06
CA LYS C 389 48.10 23.90 -26.13
C LYS C 389 49.60 23.77 -26.33
N SER C 390 50.37 24.78 -25.91
CA SER C 390 51.82 24.79 -25.97
C SER C 390 52.28 26.03 -25.22
N GLN C 391 53.59 26.12 -24.99
CA GLN C 391 54.13 27.24 -24.23
C GLN C 391 53.91 28.57 -24.96
N ASP C 392 53.79 28.53 -26.28
CA ASP C 392 53.62 29.77 -27.06
C ASP C 392 52.28 30.44 -26.79
N GLU C 393 51.33 29.72 -26.19
CA GLU C 393 50.07 30.31 -25.76
C GLU C 393 50.03 30.57 -24.27
N ALA C 394 51.18 30.52 -23.60
CA ALA C 394 51.31 30.68 -22.16
C ALA C 394 52.21 31.87 -21.83
N PRO C 395 51.98 32.52 -20.69
CA PRO C 395 50.94 32.22 -19.71
C PRO C 395 49.61 32.95 -19.96
N GLY C 396 49.41 33.43 -21.18
CA GLY C 396 48.35 34.40 -21.44
C GLY C 396 46.95 33.91 -21.73
N ASP C 397 46.78 32.68 -22.21
CA ASP C 397 45.47 32.18 -22.64
C ASP C 397 45.26 30.74 -22.20
N PRO C 398 44.93 30.53 -20.93
CA PRO C 398 44.55 29.18 -20.49
C PRO C 398 43.22 28.76 -21.12
N ILE C 399 43.14 27.47 -21.49
CA ILE C 399 41.90 26.96 -22.05
C ILE C 399 40.89 26.67 -20.95
N GLN C 400 41.36 26.23 -19.78
CA GLN C 400 40.53 26.10 -18.60
C GLN C 400 41.39 26.32 -17.37
N GLN C 401 40.78 26.88 -16.32
CA GLN C 401 41.51 27.09 -15.06
C GLN C 401 40.50 27.13 -13.93
N LEU C 402 40.72 26.28 -12.92
CA LEU C 402 39.78 26.10 -11.84
C LEU C 402 40.48 26.20 -10.48
N ASN C 403 39.74 26.66 -9.49
CA ASN C 403 40.24 26.82 -8.12
C ASN C 403 40.05 25.49 -7.40
N LEU C 404 41.11 24.68 -7.33
CA LEU C 404 41.02 23.31 -6.82
C LEU C 404 40.67 23.21 -5.35
N LYS C 405 40.48 24.30 -4.62
CA LYS C 405 40.13 24.17 -3.21
C LYS C 405 38.79 23.47 -3.05
N GLY C 406 38.76 22.46 -2.17
CA GLY C 406 37.56 21.68 -1.90
C GLY C 406 37.35 20.50 -2.81
N CYS C 407 38.11 20.39 -3.89
CA CYS C 407 37.87 19.35 -4.88
C CYS C 407 38.37 18.00 -4.40
N GLU C 408 37.82 16.94 -4.97
CA GLU C 408 38.31 15.59 -4.72
C GLU C 408 39.50 15.28 -5.61
N VAL C 409 40.53 14.67 -5.04
CA VAL C 409 41.67 14.18 -5.79
C VAL C 409 41.72 12.67 -5.59
N VAL C 410 41.46 11.92 -6.65
CA VAL C 410 41.37 10.47 -6.61
C VAL C 410 42.51 9.90 -7.45
N PRO C 411 43.32 9.00 -6.92
CA PRO C 411 44.45 8.47 -7.68
C PRO C 411 44.10 7.19 -8.42
N ASP C 412 45.00 6.79 -9.33
CA ASP C 412 44.92 5.49 -9.98
C ASP C 412 46.30 5.16 -10.50
N VAL C 413 46.98 4.23 -9.84
CA VAL C 413 48.39 3.94 -10.11
C VAL C 413 48.55 2.45 -10.40
N ASN C 414 49.19 2.13 -11.53
CA ASN C 414 49.56 0.76 -11.88
C ASN C 414 50.99 0.83 -12.40
N VAL C 415 51.96 0.64 -11.50
CA VAL C 415 53.37 0.79 -11.85
C VAL C 415 53.77 -0.17 -12.96
N SER C 416 53.17 -1.37 -12.98
CA SER C 416 53.48 -2.34 -14.03
C SER C 416 52.78 -2.02 -15.34
N GLY C 417 51.92 -1.02 -15.38
CA GLY C 417 51.24 -0.63 -16.60
C GLY C 417 51.53 0.82 -16.98
N GLN C 418 52.33 1.50 -16.16
CA GLN C 418 52.71 2.90 -16.39
C GLN C 418 51.50 3.83 -16.42
N LYS C 419 50.43 3.45 -15.71
CA LYS C 419 49.22 4.27 -15.65
C LYS C 419 49.32 5.17 -14.42
N PHE C 420 49.48 6.47 -14.65
CA PHE C 420 49.59 7.47 -13.57
C PHE C 420 48.52 8.52 -13.82
N CYS C 421 47.31 8.26 -13.33
CA CYS C 421 46.16 9.12 -13.55
C CYS C 421 45.66 9.66 -12.21
N ILE C 422 45.32 10.95 -12.21
CA ILE C 422 44.73 11.60 -11.04
C ILE C 422 43.36 12.12 -11.44
N LYS C 423 42.34 11.76 -10.67
CA LYS C 423 40.99 12.23 -10.90
C LYS C 423 40.74 13.48 -10.07
N LEU C 424 40.33 14.56 -10.72
CA LEU C 424 40.05 15.83 -10.06
C LEU C 424 38.59 16.20 -10.30
N LEU C 425 37.80 16.19 -9.24
CA LEU C 425 36.40 16.60 -9.28
C LEU C 425 36.32 18.00 -8.69
N VAL C 426 36.47 19.01 -9.53
CA VAL C 426 36.57 20.40 -9.09
C VAL C 426 35.18 21.02 -9.14
N PRO C 427 34.56 21.33 -8.00
CA PRO C 427 33.24 21.97 -8.03
C PRO C 427 33.28 23.39 -8.58
N SER C 428 32.73 23.58 -9.77
CA SER C 428 32.45 24.91 -10.26
C SER C 428 31.15 25.40 -9.64
N PRO C 429 30.89 26.72 -9.68
CA PRO C 429 29.56 27.18 -9.25
C PRO C 429 28.44 26.57 -10.06
N GLU C 430 28.69 26.27 -11.34
CA GLU C 430 27.70 25.74 -12.26
C GLU C 430 27.84 24.23 -12.45
N GLY C 431 28.30 23.51 -11.44
CA GLY C 431 28.46 22.07 -11.55
C GLY C 431 29.84 21.59 -11.17
N MET C 432 30.29 20.52 -11.83
CA MET C 432 31.59 19.92 -11.53
C MET C 432 32.21 19.37 -12.80
N SER C 433 33.46 19.73 -13.04
CA SER C 433 34.22 19.25 -14.20
C SER C 433 35.23 18.19 -13.76
N GLU C 434 35.26 17.08 -14.48
CA GLU C 434 36.23 16.02 -14.23
C GLU C 434 37.52 16.29 -15.00
N ILE C 435 38.66 16.18 -14.34
CA ILE C 435 39.95 16.33 -15.00
C ILE C 435 40.76 15.07 -14.74
N TYR C 436 41.16 14.39 -15.81
CA TYR C 436 41.98 13.19 -15.73
C TYR C 436 43.36 13.52 -16.32
N LEU C 437 44.32 13.79 -15.44
CA LEU C 437 45.70 13.98 -15.83
C LEU C 437 46.41 12.64 -15.91
N ARG C 438 47.34 12.52 -16.86
CA ARG C 438 48.10 11.29 -17.04
C ARG C 438 49.57 11.65 -17.22
N CYS C 439 50.40 11.16 -16.30
CA CYS C 439 51.83 11.44 -16.30
C CYS C 439 52.60 10.25 -16.88
N GLN C 440 53.91 10.43 -17.02
CA GLN C 440 54.78 9.37 -17.52
C GLN C 440 55.71 8.80 -16.45
N ASP C 441 56.46 9.65 -15.77
CA ASP C 441 57.41 9.17 -14.76
C ASP C 441 56.69 8.74 -13.50
N GLU C 442 57.31 7.80 -12.78
CA GLU C 442 56.82 7.45 -11.45
C GLU C 442 56.99 8.61 -10.48
N GLN C 443 57.99 9.46 -10.70
CA GLN C 443 58.24 10.61 -9.83
C GLN C 443 57.50 11.86 -10.27
N GLN C 444 57.27 12.03 -11.58
CA GLN C 444 56.47 13.17 -12.03
C GLN C 444 55.06 13.13 -11.46
N TYR C 445 54.52 11.92 -11.27
CA TYR C 445 53.20 11.78 -10.65
C TYR C 445 53.21 12.27 -9.21
N ALA C 446 54.31 12.04 -8.50
CA ALA C 446 54.34 12.34 -7.07
C ALA C 446 54.22 13.83 -6.80
N ARG C 447 54.81 14.67 -7.65
CA ARG C 447 54.74 16.11 -7.44
C ARG C 447 53.32 16.62 -7.61
N TRP C 448 52.66 16.25 -8.71
CA TRP C 448 51.34 16.77 -8.99
C TRP C 448 50.30 16.22 -8.03
N MET C 449 50.37 14.93 -7.71
CA MET C 449 49.43 14.36 -6.76
C MET C 449 49.59 14.97 -5.38
N ALA C 450 50.81 15.34 -4.99
CA ALA C 450 51.00 16.01 -3.72
C ALA C 450 50.49 17.45 -3.77
N GLY C 451 50.67 18.13 -4.91
CA GLY C 451 50.17 19.48 -5.04
C GLY C 451 48.66 19.53 -5.16
N CYS C 452 48.08 18.58 -5.89
CA CYS C 452 46.62 18.59 -6.08
C CYS C 452 45.89 18.14 -4.82
N ARG C 453 46.45 17.20 -4.06
CA ARG C 453 45.80 16.74 -2.84
C ARG C 453 45.84 17.79 -1.73
N LEU C 454 46.77 18.75 -1.81
CA LEU C 454 46.86 19.84 -0.85
C LEU C 454 46.18 21.11 -1.33
N ALA C 455 46.13 21.35 -2.64
CA ALA C 455 45.43 22.53 -3.15
C ALA C 455 43.96 22.51 -2.79
N SER C 456 43.37 21.33 -2.66
CA SER C 456 42.00 21.21 -2.19
C SER C 456 41.86 21.51 -0.70
N LYS C 457 42.96 21.55 0.04
CA LYS C 457 42.95 21.83 1.46
C LYS C 457 43.42 23.25 1.79
N GLY C 458 43.58 24.10 0.78
CA GLY C 458 44.09 25.44 0.96
C GLY C 458 45.60 25.55 0.91
N ARG C 459 46.30 24.50 1.31
CA ARG C 459 47.77 24.52 1.31
C ARG C 459 48.30 24.61 -0.11
N THR C 460 49.46 25.21 -0.25
CA THR C 460 50.14 25.36 -1.52
C THR C 460 51.29 24.36 -1.62
N MET C 461 52.09 24.48 -2.67
CA MET C 461 53.32 23.71 -2.81
C MET C 461 54.49 24.34 -2.06
N ALA C 462 54.25 25.38 -1.26
CA ALA C 462 55.29 26.03 -0.47
C ALA C 462 55.28 25.57 0.98
N ASP C 463 54.50 24.55 1.30
CA ASP C 463 54.37 24.07 2.67
C ASP C 463 55.37 22.96 2.93
N SER C 464 55.69 22.76 4.22
CA SER C 464 56.53 21.64 4.61
C SER C 464 55.90 20.31 4.26
N SER C 465 54.56 20.25 4.25
CA SER C 465 53.88 18.98 4.02
C SER C 465 53.93 18.56 2.56
N TYR C 466 54.03 19.52 1.63
CA TYR C 466 54.12 19.17 0.22
C TYR C 466 55.39 18.40 -0.08
N THR C 467 56.54 18.92 0.36
CA THR C 467 57.79 18.17 0.24
C THR C 467 57.76 16.91 1.10
N SER C 468 57.10 16.96 2.25
CA SER C 468 56.99 15.82 3.15
C SER C 468 55.94 14.81 2.70
N GLU C 469 55.19 15.09 1.64
CA GLU C 469 54.27 14.10 1.06
C GLU C 469 54.84 13.46 -0.20
N VAL C 470 55.63 14.21 -0.97
CA VAL C 470 56.39 13.60 -2.07
C VAL C 470 57.31 12.51 -1.54
N GLN C 471 57.78 12.67 -0.30
CA GLN C 471 58.53 11.59 0.36
C GLN C 471 57.74 10.29 0.34
N ALA C 472 56.47 10.34 0.75
CA ALA C 472 55.67 9.13 0.91
C ALA C 472 55.39 8.47 -0.42
N ILE C 473 55.15 9.26 -1.48
CA ILE C 473 54.73 8.69 -2.76
C ILE C 473 55.87 7.89 -3.38
N LEU C 474 57.05 8.52 -3.50
CA LEU C 474 58.21 7.80 -4.05
C LEU C 474 58.56 6.59 -3.21
N ALA C 475 58.33 6.65 -1.90
CA ALA C 475 58.68 5.54 -1.02
C ALA C 475 57.87 4.30 -1.35
N PHE C 476 56.57 4.46 -1.59
CA PHE C 476 55.74 3.31 -1.93
C PHE C 476 55.88 2.92 -3.40
N LEU C 477 56.22 3.88 -4.27
CA LEU C 477 56.42 3.61 -5.69
C LEU C 477 57.83 3.11 -5.99
N SER C 478 58.49 2.48 -5.01
CA SER C 478 59.85 1.96 -5.17
C SER C 478 59.90 0.47 -5.45
N LEU C 479 58.76 -0.22 -5.48
CA LEU C 479 58.71 -1.65 -5.76
C LEU C 479 59.26 -1.95 -7.15
N GLU C 499 39.33 -26.97 -1.48
CA GLU C 499 39.28 -26.71 -2.91
C GLU C 499 37.96 -26.03 -3.29
N GLY C 500 37.74 -24.84 -2.73
CA GLY C 500 36.54 -24.09 -3.02
C GLY C 500 35.27 -24.74 -2.49
N LEU C 501 34.32 -25.00 -3.38
CA LEU C 501 33.06 -25.62 -2.98
C LEU C 501 32.62 -26.62 -4.04
N ASN C 502 31.65 -27.45 -3.65
CA ASN C 502 31.19 -28.65 -4.35
C ASN C 502 30.89 -28.43 -5.84
N PRO C 503 30.92 -29.49 -6.65
CA PRO C 503 30.61 -29.34 -8.07
C PRO C 503 29.12 -29.13 -8.30
N TYR C 504 28.78 -28.82 -9.54
CA TYR C 504 27.40 -28.67 -9.96
C TYR C 504 27.14 -29.57 -11.16
N GLY C 505 25.99 -29.40 -11.81
CA GLY C 505 25.74 -30.13 -13.04
C GLY C 505 26.61 -29.61 -14.15
N LEU C 506 26.36 -28.35 -14.57
CA LEU C 506 27.15 -27.62 -15.56
C LEU C 506 26.97 -28.20 -16.96
N VAL C 507 26.42 -29.40 -17.02
CA VAL C 507 26.15 -30.11 -18.26
C VAL C 507 24.71 -30.57 -18.15
N ALA C 508 23.88 -30.14 -19.07
CA ALA C 508 22.46 -30.16 -18.77
C ALA C 508 21.67 -29.81 -20.02
N PRO C 509 20.33 -29.95 -20.00
CA PRO C 509 19.48 -30.57 -18.97
C PRO C 509 19.30 -32.07 -19.14
N ARG C 510 19.21 -32.53 -20.39
CA ARG C 510 19.09 -33.94 -20.70
C ARG C 510 20.44 -34.64 -20.66
N PHE C 511 21.52 -33.90 -20.38
CA PHE C 511 22.84 -34.46 -20.17
C PHE C 511 23.05 -34.94 -18.74
N GLN C 512 22.42 -34.28 -17.77
CA GLN C 512 22.35 -34.76 -16.40
C GLN C 512 21.12 -35.62 -16.16
N ARG C 513 20.16 -35.59 -17.08
CA ARG C 513 19.10 -36.58 -17.08
C ARG C 513 19.60 -37.92 -17.58
N LYS C 514 20.71 -37.92 -18.34
CA LYS C 514 21.31 -39.15 -18.86
C LYS C 514 22.40 -39.71 -17.95
N PHE C 515 23.04 -38.87 -17.14
CA PHE C 515 24.03 -39.29 -16.18
C PHE C 515 23.50 -39.07 -14.76
N LYS C 516 24.20 -39.66 -13.79
CA LYS C 516 23.79 -39.55 -12.40
C LYS C 516 24.12 -38.21 -11.75
N ALA C 517 24.94 -37.39 -12.40
CA ALA C 517 25.55 -36.17 -11.87
C ALA C 517 26.58 -36.47 -10.77
N LYS C 518 26.86 -37.74 -10.50
CA LYS C 518 27.87 -38.14 -9.53
C LYS C 518 29.11 -38.73 -10.18
N GLN C 519 28.93 -39.54 -11.23
CA GLN C 519 30.05 -40.18 -11.93
C GLN C 519 30.69 -39.29 -12.98
N LEU C 520 30.04 -38.19 -13.37
CA LEU C 520 30.64 -37.23 -14.28
C LEU C 520 31.46 -36.16 -13.56
N THR C 521 31.30 -36.03 -12.25
CA THR C 521 32.15 -35.11 -11.49
C THR C 521 33.62 -35.43 -11.66
N PRO C 522 34.06 -36.69 -11.62
CA PRO C 522 35.44 -36.98 -12.01
C PRO C 522 35.71 -36.69 -13.47
N ARG C 523 34.71 -36.89 -14.35
CA ARG C 523 34.92 -36.64 -15.77
C ARG C 523 35.10 -35.16 -16.07
N ILE C 524 34.40 -34.28 -15.33
CA ILE C 524 34.58 -32.85 -15.51
C ILE C 524 35.99 -32.43 -15.09
N LEU C 525 36.42 -32.91 -13.92
CA LEU C 525 37.74 -32.56 -13.41
C LEU C 525 38.85 -33.20 -14.22
N GLU C 526 38.57 -34.32 -14.90
CA GLU C 526 39.56 -34.95 -15.75
C GLU C 526 39.98 -34.02 -16.89
N ALA C 527 39.01 -33.50 -17.63
CA ALA C 527 39.28 -32.57 -18.72
C ALA C 527 39.65 -31.17 -18.23
N HIS C 528 39.62 -30.94 -16.92
CA HIS C 528 39.98 -29.65 -16.35
C HIS C 528 41.49 -29.45 -16.26
N GLN C 529 42.27 -30.53 -16.27
CA GLN C 529 43.72 -30.42 -16.12
C GLN C 529 44.36 -29.69 -17.29
N ASN C 530 43.82 -29.84 -18.49
CA ASN C 530 44.42 -29.24 -19.67
C ASN C 530 44.22 -27.73 -19.72
N VAL C 531 43.20 -27.21 -19.04
CA VAL C 531 42.93 -25.77 -19.01
C VAL C 531 43.31 -25.18 -17.65
N ALA C 532 44.11 -25.88 -16.86
CA ALA C 532 44.32 -25.51 -15.46
C ALA C 532 45.03 -24.18 -15.31
N GLN C 533 45.93 -23.84 -16.24
CA GLN C 533 46.73 -22.62 -16.15
C GLN C 533 46.18 -21.49 -17.03
N LEU C 534 44.90 -21.53 -17.38
CA LEU C 534 44.27 -20.49 -18.18
C LEU C 534 43.55 -19.50 -17.27
N SER C 535 43.70 -18.23 -17.58
CA SER C 535 42.98 -17.19 -16.85
C SER C 535 41.54 -17.09 -17.37
N LEU C 536 40.70 -16.41 -16.60
CA LEU C 536 39.28 -16.35 -16.95
C LEU C 536 39.06 -15.61 -18.27
N ALA C 537 39.95 -14.68 -18.61
CA ALA C 537 39.82 -13.99 -19.89
C ALA C 537 40.30 -14.87 -21.05
N GLU C 538 41.27 -15.74 -20.80
CA GLU C 538 41.67 -16.72 -21.80
C GLU C 538 40.70 -17.89 -21.85
N ALA C 539 40.15 -18.28 -20.70
CA ALA C 539 39.20 -19.39 -20.67
C ALA C 539 37.86 -18.99 -21.27
N GLN C 540 37.40 -17.76 -20.99
CA GLN C 540 36.23 -17.24 -21.70
C GLN C 540 36.46 -17.26 -23.20
N LEU C 541 37.64 -16.85 -23.64
CA LEU C 541 37.99 -16.91 -25.05
C LEU C 541 37.98 -18.36 -25.55
N ARG C 542 38.50 -19.28 -24.74
CA ARG C 542 38.55 -20.68 -25.14
C ARG C 542 37.17 -21.31 -25.16
N PHE C 543 36.24 -20.85 -24.31
CA PHE C 543 34.89 -21.39 -24.33
C PHE C 543 34.13 -20.96 -25.58
N ILE C 544 34.31 -19.70 -26.00
CA ILE C 544 33.72 -19.25 -27.25
C ILE C 544 34.38 -19.97 -28.43
N GLN C 545 35.66 -20.29 -28.31
CA GLN C 545 36.27 -21.23 -29.23
C GLN C 545 35.72 -22.62 -28.99
N ALA C 546 35.67 -23.42 -30.06
CA ALA C 546 35.15 -24.79 -30.05
C ALA C 546 33.63 -24.78 -29.86
N TRP C 547 33.09 -23.64 -29.42
CA TRP C 547 31.68 -23.35 -29.66
C TRP C 547 31.49 -22.91 -31.09
N GLN C 548 32.53 -22.30 -31.67
CA GLN C 548 32.57 -22.04 -33.11
C GLN C 548 32.85 -23.31 -33.90
N SER C 549 33.47 -24.32 -33.28
CA SER C 549 33.73 -25.57 -33.97
C SER C 549 32.53 -26.51 -33.96
N LEU C 550 31.50 -26.22 -33.17
CA LEU C 550 30.35 -27.11 -33.10
C LEU C 550 29.67 -27.20 -34.46
N PRO C 551 29.12 -28.38 -34.82
CA PRO C 551 28.68 -28.60 -36.20
C PRO C 551 27.55 -27.68 -36.67
N ASP C 552 26.67 -27.26 -35.76
CA ASP C 552 25.55 -26.39 -36.10
C ASP C 552 25.72 -25.01 -35.49
N PHE C 553 26.93 -24.47 -35.55
CA PHE C 553 27.25 -23.17 -34.98
C PHE C 553 26.95 -22.04 -35.97
N GLY C 554 26.48 -20.93 -35.43
CA GLY C 554 26.28 -19.72 -36.21
C GLY C 554 25.04 -19.68 -37.07
N ILE C 555 24.22 -20.71 -37.06
CA ILE C 555 23.05 -20.78 -37.92
C ILE C 555 21.83 -20.28 -37.17
N SER C 556 21.03 -19.45 -37.83
CA SER C 556 19.80 -18.91 -37.27
C SER C 556 18.63 -19.45 -38.11
N TYR C 557 17.99 -20.50 -37.60
CA TYR C 557 16.86 -21.11 -38.28
C TYR C 557 15.68 -20.15 -38.25
N VAL C 558 15.11 -19.82 -39.42
CA VAL C 558 14.00 -18.88 -39.37
C VAL C 558 12.67 -19.54 -39.73
N MET C 559 12.32 -19.55 -41.02
CA MET C 559 11.31 -20.39 -41.66
C MET C 559 11.01 -19.76 -43.01
N VAL C 560 10.48 -20.52 -43.97
CA VAL C 560 10.00 -19.94 -45.23
C VAL C 560 9.14 -20.96 -45.98
N ARG C 561 8.38 -20.48 -46.95
CA ARG C 561 7.89 -21.32 -48.03
C ARG C 561 8.97 -21.42 -49.11
N PHE C 562 8.69 -22.14 -50.18
CA PHE C 562 9.51 -22.16 -51.38
C PHE C 562 8.61 -21.78 -52.56
N LYS C 563 9.14 -21.90 -53.78
CA LYS C 563 8.36 -21.64 -54.98
C LYS C 563 7.44 -22.83 -55.24
N GLY C 564 6.14 -22.61 -55.08
CA GLY C 564 5.12 -23.61 -55.38
C GLY C 564 4.82 -24.64 -54.29
N SER C 565 5.83 -25.02 -53.52
CA SER C 565 5.75 -26.21 -52.68
C SER C 565 4.91 -25.94 -51.44
N ARG C 566 4.92 -26.89 -50.50
CA ARG C 566 4.32 -26.70 -49.20
C ARG C 566 5.04 -25.58 -48.45
N LYS C 567 4.34 -25.00 -47.48
CA LYS C 567 4.89 -23.89 -46.71
C LYS C 567 5.94 -24.38 -45.71
N ASP C 568 6.92 -25.15 -46.19
CA ASP C 568 7.92 -25.80 -45.33
C ASP C 568 9.31 -25.47 -45.85
N GLU C 569 10.10 -24.78 -45.02
CA GLU C 569 11.49 -24.39 -45.21
C GLU C 569 11.87 -23.55 -44.01
N ILE C 570 13.12 -23.66 -43.57
CA ILE C 570 13.54 -23.00 -42.34
C ILE C 570 14.70 -22.02 -42.53
N LEU C 571 15.30 -21.96 -43.72
CA LEU C 571 16.19 -20.86 -44.11
C LEU C 571 17.27 -20.60 -43.05
N GLY C 572 18.21 -21.53 -42.96
CA GLY C 572 19.39 -21.30 -42.15
C GLY C 572 20.19 -20.09 -42.63
N ILE C 573 20.39 -19.12 -41.74
CA ILE C 573 21.15 -17.92 -42.09
C ILE C 573 22.45 -17.90 -41.31
N ALA C 574 23.52 -18.41 -41.91
CA ALA C 574 24.86 -18.34 -41.34
C ALA C 574 25.68 -17.30 -42.07
N ASN C 575 26.76 -16.85 -41.40
CA ASN C 575 27.65 -15.86 -42.01
C ASN C 575 28.20 -16.35 -43.34
N ASN C 576 28.60 -17.62 -43.41
CA ASN C 576 29.27 -18.13 -44.60
C ASN C 576 28.30 -18.57 -45.69
N ARG C 577 27.13 -19.10 -45.32
CA ARG C 577 26.24 -19.72 -46.28
C ARG C 577 24.79 -19.47 -45.89
N LEU C 578 23.89 -19.70 -46.86
CA LEU C 578 22.45 -19.59 -46.65
C LEU C 578 21.81 -20.86 -47.19
N ILE C 579 21.81 -21.92 -46.38
CA ILE C 579 21.31 -23.22 -46.78
C ILE C 579 20.15 -23.61 -45.87
N ARG C 580 19.08 -24.11 -46.47
CA ARG C 580 17.83 -24.46 -45.79
C ARG C 580 17.66 -25.98 -45.78
N ILE C 581 16.47 -26.43 -45.37
CA ILE C 581 16.17 -27.86 -45.34
C ILE C 581 14.66 -28.08 -45.19
N ASP C 582 14.21 -29.28 -45.58
CA ASP C 582 12.82 -29.72 -45.64
C ASP C 582 12.26 -30.19 -44.27
N LEU C 583 12.96 -29.93 -43.16
CA LEU C 583 12.35 -30.09 -41.84
C LEU C 583 11.98 -31.52 -41.45
N ALA C 584 12.95 -32.25 -40.88
CA ALA C 584 12.86 -33.56 -40.20
C ALA C 584 12.93 -34.76 -41.12
N VAL C 585 13.05 -34.58 -42.43
CA VAL C 585 13.33 -35.70 -43.32
C VAL C 585 14.45 -35.35 -44.30
N GLY C 586 15.31 -34.39 -43.92
CA GLY C 586 16.38 -33.97 -44.82
C GLY C 586 17.50 -33.28 -44.08
N ASP C 587 18.61 -33.07 -44.82
CA ASP C 587 19.75 -32.34 -44.28
C ASP C 587 20.49 -31.52 -45.33
N VAL C 588 19.86 -31.12 -46.44
CA VAL C 588 20.58 -30.38 -47.48
C VAL C 588 19.62 -29.52 -48.28
N VAL C 589 20.01 -28.24 -48.46
CA VAL C 589 19.52 -27.40 -49.55
C VAL C 589 20.65 -26.92 -50.45
N LYS C 590 21.82 -26.62 -49.89
CA LYS C 590 22.96 -26.20 -50.68
C LYS C 590 22.73 -24.88 -51.43
N THR C 591 22.81 -23.76 -50.68
CA THR C 591 22.93 -22.43 -51.28
C THR C 591 23.97 -21.68 -50.46
N TRP C 592 25.25 -21.89 -50.80
CA TRP C 592 26.32 -21.19 -50.10
C TRP C 592 26.24 -19.73 -50.48
N ARG C 593 26.52 -19.45 -51.75
CA ARG C 593 26.07 -18.26 -52.47
C ARG C 593 26.10 -16.96 -51.68
N PHE C 594 26.89 -16.87 -50.61
CA PHE C 594 27.12 -15.59 -49.98
C PHE C 594 28.27 -14.85 -50.64
N SER C 595 29.27 -15.61 -51.10
CA SER C 595 30.27 -15.06 -52.01
C SER C 595 29.72 -14.88 -53.41
N ASN C 596 28.66 -15.60 -53.77
CA ASN C 596 28.13 -15.56 -55.12
C ASN C 596 26.89 -14.68 -55.27
N MET C 597 26.20 -14.33 -54.18
CA MET C 597 24.97 -13.57 -54.32
C MET C 597 25.24 -12.19 -54.91
N ARG C 598 24.37 -11.78 -55.82
CA ARG C 598 24.52 -10.49 -56.50
C ARG C 598 23.68 -9.41 -55.83
N GLN C 599 22.37 -9.64 -55.69
CA GLN C 599 21.50 -8.65 -55.06
C GLN C 599 20.49 -9.35 -54.17
N TRP C 600 19.94 -8.59 -53.22
CA TRP C 600 18.89 -9.06 -52.32
C TRP C 600 17.82 -7.99 -52.26
N ASN C 601 16.59 -8.36 -52.59
CA ASN C 601 15.49 -7.42 -52.63
C ASN C 601 14.27 -7.99 -51.90
N VAL C 602 13.59 -7.14 -51.17
CA VAL C 602 12.23 -7.38 -50.73
C VAL C 602 11.32 -6.87 -51.83
N ASN C 603 10.17 -7.52 -52.02
CA ASN C 603 9.25 -7.13 -53.09
C ASN C 603 7.96 -6.50 -52.58
N TRP C 604 7.84 -6.28 -51.26
CA TRP C 604 6.92 -5.33 -50.64
C TRP C 604 5.45 -5.55 -51.00
N ASP C 605 5.16 -6.47 -51.87
CA ASP C 605 3.80 -6.69 -52.35
C ASP C 605 3.40 -8.15 -52.29
N ILE C 606 4.33 -9.07 -52.57
CA ILE C 606 4.12 -10.50 -52.43
C ILE C 606 4.66 -11.03 -51.11
N ARG C 607 5.16 -10.14 -50.23
CA ARG C 607 5.90 -10.48 -49.02
C ARG C 607 6.81 -11.67 -49.26
N GLN C 608 7.53 -11.65 -50.37
CA GLN C 608 8.34 -12.77 -50.84
C GLN C 608 9.72 -12.22 -51.20
N VAL C 609 10.57 -12.07 -50.19
CA VAL C 609 11.90 -11.51 -50.44
C VAL C 609 12.72 -12.50 -51.23
N ALA C 610 13.28 -12.06 -52.35
CA ALA C 610 13.96 -12.93 -53.31
C ALA C 610 15.34 -12.36 -53.60
N ILE C 611 16.36 -13.18 -53.40
CA ILE C 611 17.75 -12.80 -53.66
C ILE C 611 18.18 -13.43 -54.99
N GLU C 612 18.72 -12.60 -55.87
CA GLU C 612 19.26 -13.06 -57.16
C GLU C 612 20.67 -13.58 -56.89
N PHE C 613 20.73 -14.76 -56.26
CA PHE C 613 21.94 -15.15 -55.55
C PHE C 613 22.98 -15.80 -56.46
N ASP C 614 22.72 -17.02 -56.93
CA ASP C 614 23.78 -17.79 -57.57
C ASP C 614 23.88 -17.41 -59.05
N GLU C 615 24.91 -17.96 -59.71
CA GLU C 615 25.19 -17.59 -61.09
C GLU C 615 23.96 -17.80 -61.95
N HIS C 616 23.33 -16.70 -62.32
CA HIS C 616 22.17 -16.60 -63.21
C HIS C 616 20.90 -17.25 -62.66
N ILE C 617 20.97 -17.88 -61.47
CA ILE C 617 19.80 -18.56 -60.93
C ILE C 617 19.19 -17.72 -59.83
N ASN C 618 17.92 -17.99 -59.52
CA ASN C 618 17.14 -17.22 -58.57
C ASN C 618 16.57 -18.11 -57.48
N VAL C 619 16.47 -17.55 -56.28
CA VAL C 619 15.79 -18.18 -55.15
C VAL C 619 14.72 -17.21 -54.64
N ALA C 620 13.62 -17.78 -54.16
CA ALA C 620 12.50 -16.96 -53.72
C ALA C 620 11.73 -17.70 -52.65
N PHE C 621 11.32 -16.97 -51.62
CA PHE C 621 10.57 -17.55 -50.51
C PHE C 621 9.72 -16.47 -49.86
N SER C 622 8.76 -16.91 -49.05
CA SER C 622 7.89 -16.00 -48.31
C SER C 622 7.86 -16.40 -46.84
N CYS C 623 7.46 -15.45 -46.01
CA CYS C 623 7.48 -15.60 -44.55
C CYS C 623 6.11 -15.34 -43.97
N VAL C 624 5.67 -16.21 -43.06
CA VAL C 624 4.49 -15.97 -42.24
C VAL C 624 4.83 -15.86 -40.76
N SER C 625 5.67 -16.76 -40.25
CA SER C 625 6.20 -16.65 -38.89
C SER C 625 7.65 -16.25 -38.88
N ALA C 626 8.26 -16.10 -40.05
CA ALA C 626 9.67 -15.73 -40.16
C ALA C 626 9.81 -14.21 -40.12
N SER C 627 10.98 -13.74 -40.54
CA SER C 627 11.30 -12.32 -40.61
C SER C 627 11.07 -11.84 -42.03
N CYS C 628 9.82 -11.50 -42.35
CA CYS C 628 9.52 -11.00 -43.69
C CYS C 628 10.30 -9.73 -44.02
N ARG C 629 10.91 -9.08 -43.02
CA ARG C 629 11.69 -7.87 -43.26
C ARG C 629 13.07 -7.93 -42.62
N ILE C 630 13.25 -8.69 -41.53
CA ILE C 630 14.57 -8.75 -40.90
C ILE C 630 15.48 -9.78 -41.58
N VAL C 631 14.93 -10.72 -42.35
CA VAL C 631 15.77 -11.59 -43.16
C VAL C 631 16.56 -10.77 -44.17
N HIS C 632 15.93 -9.72 -44.71
CA HIS C 632 16.62 -8.80 -45.60
C HIS C 632 17.76 -8.08 -44.89
N GLU C 633 17.73 -8.07 -43.55
CA GLU C 633 18.81 -7.50 -42.75
C GLU C 633 19.89 -8.52 -42.41
N TYR C 634 19.49 -9.78 -42.17
CA TYR C 634 20.49 -10.80 -41.86
C TYR C 634 21.42 -11.06 -43.03
N ILE C 635 20.87 -11.13 -44.25
CA ILE C 635 21.70 -11.35 -45.43
C ILE C 635 22.60 -10.14 -45.66
N GLY C 636 22.02 -8.95 -45.69
CA GLY C 636 22.83 -7.75 -45.80
C GLY C 636 23.74 -7.53 -44.61
N GLY C 637 23.29 -7.91 -43.42
CA GLY C 637 24.09 -7.77 -42.22
C GLY C 637 25.40 -8.54 -42.27
N TYR C 638 25.31 -9.86 -42.50
CA TYR C 638 26.52 -10.67 -42.56
C TYR C 638 27.45 -10.19 -43.67
N ILE C 639 26.90 -9.66 -44.75
CA ILE C 639 27.75 -9.11 -45.81
C ILE C 639 28.46 -7.86 -45.31
N PHE C 640 27.78 -7.04 -44.51
CA PHE C 640 28.45 -5.93 -43.84
C PHE C 640 29.51 -6.43 -42.87
N LEU C 641 29.16 -7.43 -42.06
CA LEU C 641 30.06 -7.89 -41.01
C LEU C 641 31.21 -8.75 -41.52
N SER C 642 31.27 -9.05 -42.81
CA SER C 642 32.37 -9.85 -43.35
C SER C 642 33.41 -9.02 -44.09
N THR C 643 33.14 -7.75 -44.36
CA THR C 643 33.99 -6.93 -45.23
C THR C 643 34.37 -5.61 -44.55
N ARG C 644 34.88 -5.69 -43.31
CA ARG C 644 35.29 -4.50 -42.59
C ARG C 644 36.79 -4.26 -42.78
N GLU C 645 37.22 -3.09 -42.33
CA GLU C 645 38.65 -2.76 -42.33
C GLU C 645 39.41 -3.77 -41.47
N ARG C 646 40.60 -4.14 -41.93
CA ARG C 646 41.34 -5.25 -41.33
C ARG C 646 42.06 -4.77 -40.08
N ALA C 647 41.46 -5.04 -38.92
CA ALA C 647 42.04 -4.72 -37.61
C ALA C 647 42.33 -3.22 -37.46
N ARG C 648 41.56 -2.40 -38.17
CA ARG C 648 41.68 -0.96 -38.08
C ARG C 648 40.62 -0.34 -37.18
N GLY C 649 39.92 -1.16 -36.39
CA GLY C 649 38.75 -0.70 -35.69
C GLY C 649 37.50 -0.86 -36.51
N GLU C 650 36.47 -0.08 -36.16
CA GLU C 650 35.15 -0.19 -36.77
C GLU C 650 34.64 1.19 -37.20
N GLU C 651 35.45 1.91 -37.97
CA GLU C 651 35.00 3.22 -38.47
C GLU C 651 33.98 2.93 -39.57
N LEU C 652 32.75 2.72 -39.14
CA LEU C 652 31.69 2.21 -39.98
C LEU C 652 31.16 3.30 -40.90
N ASP C 653 30.26 2.91 -41.78
CA ASP C 653 29.60 3.82 -42.71
C ASP C 653 28.11 3.86 -42.39
N GLU C 654 27.61 5.06 -42.08
CA GLU C 654 26.20 5.22 -41.74
C GLU C 654 25.31 4.90 -42.93
N ASP C 655 25.62 5.47 -44.09
CA ASP C 655 24.78 5.32 -45.27
C ASP C 655 24.90 3.94 -45.92
N LEU C 656 25.81 3.09 -45.45
CA LEU C 656 26.01 1.78 -46.06
C LEU C 656 25.26 0.66 -45.34
N PHE C 657 25.15 0.73 -44.00
CA PHE C 657 24.37 -0.26 -43.27
C PHE C 657 22.94 -0.30 -43.77
N LEU C 658 22.29 0.86 -43.87
CA LEU C 658 20.96 0.89 -44.46
C LEU C 658 20.99 0.50 -45.94
N GLN C 659 22.12 0.76 -46.61
CA GLN C 659 22.23 0.42 -48.02
C GLN C 659 22.22 -1.09 -48.24
N LEU C 660 22.80 -1.86 -47.30
CA LEU C 660 22.69 -3.30 -47.33
C LEU C 660 21.41 -3.79 -46.65
N THR C 661 20.53 -2.88 -46.26
CA THR C 661 19.19 -3.22 -45.81
C THR C 661 18.13 -2.46 -46.62
N GLY C 662 18.55 -1.77 -47.68
CA GLY C 662 17.61 -1.20 -48.64
C GLY C 662 17.11 0.18 -48.30
N GLY C 663 17.05 1.05 -49.31
CA GLY C 663 16.46 2.38 -49.15
C GLY C 663 17.39 3.40 -48.53
N HIS C 664 17.39 4.62 -49.07
CA HIS C 664 18.23 5.72 -48.62
C HIS C 664 17.39 6.74 -47.85
N GLU C 665 18.10 7.63 -47.14
CA GLU C 665 17.46 8.63 -46.31
C GLU C 665 18.43 9.80 -46.16
N ALA C 666 17.94 10.87 -45.52
CA ALA C 666 18.73 12.07 -45.30
C ALA C 666 19.40 12.04 -43.93
#